data_7E20
#
_entry.id   7E20
#
_cell.length_a   1.00
_cell.length_b   1.00
_cell.length_c   1.00
_cell.angle_alpha   90.00
_cell.angle_beta   90.00
_cell.angle_gamma   90.00
#
_symmetry.space_group_name_H-M   'P 1'
#
loop_
_entity.id
_entity.type
_entity.pdbx_description
1 polymer 'Sodium/potassium-transporting ATPase subunit alpha-1'
2 polymer 'Sodium/potassium-transporting ATPase subunit beta-1'
3 polymer 'Sodium/potassium-transporting ATPase subunit gamma'
4 branched 2-acetamido-2-deoxy-beta-D-glucopyranose-(1-4)-2-acetamido-2-deoxy-beta-D-glucopyranose
5 non-polymer 'POTASSIUM ION'
6 non-polymer 'MAGNESIUM ION'
7 non-polymer 'CHOLESTEROL HEMISUCCINATE'
8 non-polymer 1,2-DIACYL-SN-GLYCERO-3-PHOSPHOCHOLINE
9 non-polymer 2-acetamido-2-deoxy-beta-D-glucopyranose
10 water water
#
loop_
_entity_poly.entity_id
_entity_poly.type
_entity_poly.pdbx_seq_one_letter_code
_entity_poly.pdbx_strand_id
1 'polypeptide(L)'
;MGKGVGRDKYEPAAVSEQGDKKGKKGKKDRDMDELKKEVSMDDHKLSLDELHRKYGTDLSRGLTSARAAEILARDGPNAL
TPPPTTPEWIKFCRQLFGGFSMLLWIGAILCFLAYSIQAATEEEPQNDNLYLGVVLSAVVIITGCFSYYQEAKSSKIMES
FKNMVPQQALVIRNGEKMSINAEEVVVGDLVEVKGGDRIPADLRIISANGCKVDNSSLTGESEPQTRSPDFTNENPLETR
NIAFFSTNCVEGTARGIVVYTGDRTVMGRIATLASGLEGGQTPIAAEIEHFIHIITGVAVFLGVSFFILSLILEYTWLEA
VIFLIGIIVANVPEGLLATVTVCLTLTAKRMARKNCLVKNLEAVETLGSTSTICSDKTGTLTQNRMTVAHMWFDNQIHEA
DTTENQSGVSFDKTSATWLALSRIAGLCNRAVFQANQENLPILKRAVAGDASESALLKCIELCCGSVKEMRERYAKIVEI
PFNSTNKYQLSIHKNPNTSEPQHLLVMKGAPERILDRCSSILLHGKEQPLDEELKDAFQNAYLELGGLGERVLGFCHLFL
PDEQFPEGFQFDTDDVNFPIDNLCFVGLISMIDPPRAAVPDAVGKCRSAGIKVIMVTGDHPITAKAIAKGVGIISEGNET
VEDIAARLNIPVSQVNPRDAKACVVHGSDLKDMTSEQLDDILKYHTEIVFARTSPQQKLIIVEGCQRQGAIVAVTGDGVN
DSPALKKADIGVAMGIAGSDVSKQAADMILLDDNFASIVTGVEEGRLIFDNLKKSIAYTLTSNIPEITPFLIFIIANIPL
PLGTVTILCIDLGTDMVPAISLAYEQAESDIMKRQPRNPKTDKLVNERLISMAYGQIGMIQALGGFFTYFVILAENGFLP
IHLLGLRVDWDDRWINDVEDSYGQQWTYEQRKIVEFTCHTAFFVSIVVVQWADLVICKTRRNSVFQQGMKNKILIFGLFE
ETALAAFLSYCPGMGVALRMYPLKPTWWFCAFPYSLLIFVYDEVRKLIIRRRPGGWVEKETYY
;
A
2 'polypeptide(L)'
;MARGKAKEEGSWKKFIWNSEKKEFLGRTGGSWFKILLFYVIFYGCLAGIFIGTIQVMLLTISEFKPTYQDRVAPPGLTQI
PQIQKTEISFRPNDPKSYEAYVLNIVRFLEKYKDSAQRDDMIFEDCGDVPSEPKERGDFNHERGERKVCRFKLEWLGNCS
GLNDETYGYKEGKPCIIIKLNRVLGFKPKPPKNESLETYPVMKYNPNVLPVQCTGKRDEDKDKVGNVEYFGLGNSPGFPL
QYYPYYGKLLQPKYLQPLLAVQFTNLTMDTEIRIECKAYGENIGYSEKDRFQGRFDVKIEVKS
;
B
3 'polypeptide(L)' MTGLSMDGGGSPKGDVDPFYYDYETVRNGGLIFAGLAFIVGLLILLSRRFRCGGNKKRRQINEDEP C
#
loop_
_chem_comp.id
_chem_comp.type
_chem_comp.name
_chem_comp.formula
K non-polymer 'POTASSIUM ION' 'K 1'
MG non-polymer 'MAGNESIUM ION' 'Mg 2'
NAG D-saccharide, beta linking 2-acetamido-2-deoxy-beta-D-glucopyranose 'C8 H15 N O6'
PC1 non-polymer 1,2-DIACYL-SN-GLYCERO-3-PHOSPHOCHOLINE 'C44 H88 N O8 P'
Y01 non-polymer 'CHOLESTEROL HEMISUCCINATE' 'C31 H50 O4'
#
# COMPACT_ATOMS: atom_id res chain seq x y z
N ARG A 30 8.25 -18.77 -26.44
CA ARG A 30 8.05 -19.60 -27.63
C ARG A 30 7.58 -18.76 -28.82
N ASP A 31 6.28 -18.52 -28.94
CA ASP A 31 5.80 -17.79 -30.11
C ASP A 31 6.03 -16.29 -29.96
N MET A 32 5.85 -15.72 -28.76
CA MET A 32 6.23 -14.32 -28.61
C MET A 32 7.73 -14.17 -28.43
N ASP A 33 8.43 -15.28 -28.20
CA ASP A 33 9.88 -15.29 -28.33
C ASP A 33 10.29 -15.27 -29.79
N GLU A 34 9.45 -15.80 -30.66
CA GLU A 34 9.65 -15.65 -32.10
C GLU A 34 9.30 -14.25 -32.56
N LEU A 35 8.32 -13.62 -31.91
CA LEU A 35 7.89 -12.26 -32.26
C LEU A 35 8.97 -11.19 -32.04
N LYS A 36 10.02 -11.49 -31.28
CA LYS A 36 11.12 -10.54 -31.06
C LYS A 36 12.25 -10.76 -32.06
N LYS A 37 11.91 -10.77 -33.34
CA LYS A 37 12.91 -10.89 -34.39
C LYS A 37 12.61 -9.88 -35.49
N GLU A 38 13.59 -9.70 -36.37
CA GLU A 38 13.46 -8.75 -37.47
C GLU A 38 12.49 -9.31 -38.51
N VAL A 39 11.92 -8.43 -39.32
CA VAL A 39 10.91 -8.82 -40.30
C VAL A 39 11.63 -9.19 -41.60
N SER A 40 11.25 -10.32 -42.19
CA SER A 40 11.90 -10.83 -43.39
C SER A 40 10.96 -10.64 -44.57
N MET A 41 11.44 -10.02 -45.63
CA MET A 41 10.59 -9.79 -46.78
C MET A 41 10.99 -10.57 -48.01
N ASP A 42 12.18 -10.24 -48.54
CA ASP A 42 12.67 -10.51 -49.90
C ASP A 42 11.65 -10.26 -51.00
N ASP A 43 10.73 -9.31 -50.80
CA ASP A 43 9.80 -8.90 -51.85
C ASP A 43 10.36 -7.68 -52.57
N HIS A 44 10.98 -6.79 -51.81
CA HIS A 44 11.54 -5.56 -52.33
C HIS A 44 12.75 -5.83 -53.21
N LYS A 45 13.37 -7.00 -53.07
CA LYS A 45 14.47 -7.40 -53.93
C LYS A 45 13.99 -7.97 -55.27
N LEU A 46 12.69 -8.07 -55.49
CA LEU A 46 12.16 -8.70 -56.68
C LEU A 46 11.86 -7.66 -57.76
N SER A 47 11.49 -8.14 -58.93
CA SER A 47 11.08 -7.29 -60.04
C SER A 47 9.67 -7.64 -60.46
N LEU A 48 9.21 -6.98 -61.52
CA LEU A 48 7.81 -7.04 -61.94
C LEU A 48 7.39 -8.39 -62.50
N ASP A 49 8.33 -9.31 -62.73
CA ASP A 49 8.03 -10.63 -63.27
C ASP A 49 7.80 -11.67 -62.20
N GLU A 50 8.60 -11.65 -61.13
CA GLU A 50 8.42 -12.62 -60.05
C GLU A 50 7.14 -12.37 -59.27
N LEU A 51 6.73 -11.11 -59.15
CA LEU A 51 5.46 -10.79 -58.53
C LEU A 51 4.28 -11.21 -59.40
N HIS A 52 4.49 -11.35 -60.71
CA HIS A 52 3.41 -11.76 -61.59
C HIS A 52 3.03 -13.23 -61.42
N ARG A 53 3.92 -14.03 -60.84
CA ARG A 53 3.66 -15.45 -60.67
C ARG A 53 3.69 -15.90 -59.22
N LYS A 54 4.30 -15.14 -58.30
CA LYS A 54 4.22 -15.49 -56.89
C LYS A 54 2.85 -15.17 -56.31
N TYR A 55 2.24 -14.07 -56.73
CA TYR A 55 0.90 -13.73 -56.31
C TYR A 55 -0.13 -13.86 -57.41
N GLY A 56 0.29 -14.14 -58.65
CA GLY A 56 -0.61 -14.32 -59.76
C GLY A 56 -1.25 -13.05 -60.30
N THR A 57 -1.03 -11.91 -59.65
CA THR A 57 -1.68 -10.67 -60.03
C THR A 57 -1.03 -10.13 -61.29
N ASP A 58 -1.81 -9.99 -62.35
CA ASP A 58 -1.36 -9.22 -63.50
C ASP A 58 -1.38 -7.75 -63.12
N LEU A 59 -0.19 -7.12 -63.18
CA LEU A 59 0.11 -5.89 -62.47
C LEU A 59 -0.64 -4.67 -62.99
N SER A 60 -1.43 -4.80 -64.06
CA SER A 60 -2.21 -3.69 -64.57
C SER A 60 -3.67 -3.77 -64.17
N ARG A 61 -4.21 -4.97 -64.00
CA ARG A 61 -5.63 -5.14 -63.73
C ARG A 61 -5.95 -5.71 -62.36
N GLY A 62 -5.01 -6.35 -61.69
CA GLY A 62 -5.21 -6.73 -60.29
C GLY A 62 -5.73 -8.16 -60.15
N LEU A 63 -6.96 -8.29 -59.68
CA LEU A 63 -7.52 -9.59 -59.33
C LEU A 63 -9.00 -9.64 -59.69
N THR A 64 -9.48 -10.83 -60.05
CA THR A 64 -10.90 -11.05 -60.18
C THR A 64 -11.46 -11.49 -58.84
N SER A 65 -12.76 -11.29 -58.64
CA SER A 65 -13.38 -11.63 -57.36
C SER A 65 -13.56 -13.13 -57.15
N ALA A 66 -13.42 -13.94 -58.21
CA ALA A 66 -13.45 -15.39 -58.04
C ALA A 66 -12.22 -15.88 -57.30
N ARG A 67 -11.09 -15.21 -57.49
CA ARG A 67 -9.86 -15.60 -56.80
C ARG A 67 -9.75 -14.93 -55.43
N ALA A 68 -10.22 -13.68 -55.32
CA ALA A 68 -10.04 -12.88 -54.11
C ALA A 68 -10.91 -13.40 -52.96
N ALA A 69 -12.18 -13.68 -53.25
CA ALA A 69 -13.09 -14.21 -52.23
C ALA A 69 -12.74 -15.62 -51.81
N GLU A 70 -12.00 -16.35 -52.63
CA GLU A 70 -11.50 -17.68 -52.29
C GLU A 70 -10.24 -17.62 -51.42
N ILE A 71 -9.30 -16.74 -51.77
CA ILE A 71 -8.12 -16.54 -50.94
C ILE A 71 -8.47 -15.93 -49.59
N LEU A 72 -9.54 -15.13 -49.53
CA LEU A 72 -10.00 -14.59 -48.25
C LEU A 72 -10.44 -15.70 -47.30
N ALA A 73 -11.18 -16.67 -47.81
CA ALA A 73 -11.55 -17.84 -47.00
C ALA A 73 -10.37 -18.76 -46.75
N ARG A 74 -9.36 -18.73 -47.63
CA ARG A 74 -8.22 -19.62 -47.47
C ARG A 74 -7.28 -19.14 -46.38
N ASP A 75 -7.11 -17.82 -46.24
CA ASP A 75 -6.04 -17.25 -45.42
C ASP A 75 -6.53 -16.60 -44.13
N GLY A 76 -7.46 -15.66 -44.22
CA GLY A 76 -7.93 -14.96 -43.06
C GLY A 76 -8.21 -13.49 -43.35
N PRO A 77 -9.14 -12.91 -42.60
CA PRO A 77 -9.46 -11.48 -42.80
C PRO A 77 -8.31 -10.56 -42.39
N ASN A 78 -8.42 -9.33 -42.86
CA ASN A 78 -7.39 -8.30 -42.62
C ASN A 78 -7.76 -7.52 -41.36
N ALA A 79 -7.58 -8.17 -40.22
CA ALA A 79 -7.97 -7.58 -38.96
C ALA A 79 -7.12 -8.12 -37.82
N LEU A 80 -7.14 -7.39 -36.72
CA LEU A 80 -6.54 -7.80 -35.47
C LEU A 80 -7.64 -8.29 -34.54
N THR A 81 -7.23 -8.96 -33.46
CA THR A 81 -8.21 -9.55 -32.54
C THR A 81 -7.66 -9.41 -31.12
N PRO A 82 -8.47 -8.91 -30.19
CA PRO A 82 -8.00 -8.72 -28.80
C PRO A 82 -7.67 -10.03 -28.13
N PRO A 83 -6.80 -10.01 -27.11
CA PRO A 83 -6.44 -11.24 -26.42
C PRO A 83 -7.54 -11.70 -25.49
N PRO A 84 -7.47 -12.92 -24.96
CA PRO A 84 -8.44 -13.33 -23.93
C PRO A 84 -8.23 -12.58 -22.63
N THR A 85 -9.30 -11.94 -22.15
CA THR A 85 -9.27 -11.14 -20.93
C THR A 85 -10.07 -11.84 -19.84
N THR A 86 -9.46 -11.96 -18.66
CA THR A 86 -10.15 -12.53 -17.51
C THR A 86 -11.14 -11.51 -16.95
N PRO A 87 -12.34 -11.95 -16.57
CA PRO A 87 -13.36 -11.01 -16.10
C PRO A 87 -13.05 -10.44 -14.73
N GLU A 88 -13.90 -9.50 -14.31
CA GLU A 88 -13.62 -8.76 -13.08
C GLU A 88 -13.87 -9.58 -11.83
N TRP A 89 -14.84 -10.50 -11.86
CA TRP A 89 -15.13 -11.22 -10.63
C TRP A 89 -14.12 -12.32 -10.35
N ILE A 90 -13.47 -12.90 -11.37
CA ILE A 90 -12.38 -13.82 -11.10
C ILE A 90 -11.21 -13.07 -10.48
N LYS A 91 -10.91 -11.87 -10.99
CA LYS A 91 -9.82 -11.09 -10.43
C LYS A 91 -10.17 -10.50 -9.09
N PHE A 92 -11.44 -10.41 -8.72
CA PHE A 92 -11.78 -10.00 -7.37
C PHE A 92 -11.77 -11.19 -6.42
N CYS A 93 -12.35 -12.32 -6.81
CA CYS A 93 -12.37 -13.49 -5.94
C CYS A 93 -11.04 -14.22 -5.87
N ARG A 94 -10.03 -13.81 -6.64
CA ARG A 94 -8.67 -14.25 -6.36
C ARG A 94 -8.04 -13.49 -5.21
N GLN A 95 -8.59 -12.32 -4.85
CA GLN A 95 -8.04 -11.52 -3.75
C GLN A 95 -8.51 -12.00 -2.40
N LEU A 96 -9.42 -12.96 -2.35
CA LEU A 96 -10.00 -13.45 -1.11
C LEU A 96 -9.21 -14.60 -0.52
N PHE A 97 -8.02 -14.89 -1.04
CA PHE A 97 -7.16 -15.95 -0.51
C PHE A 97 -5.73 -15.46 -0.34
N GLY A 98 -5.54 -14.17 -0.08
CA GLY A 98 -4.23 -13.56 -0.08
C GLY A 98 -3.42 -13.61 1.21
N GLY A 99 -3.08 -14.81 1.66
CA GLY A 99 -2.11 -14.97 2.73
C GLY A 99 -2.62 -14.81 4.15
N PHE A 100 -2.99 -13.58 4.52
CA PHE A 100 -3.61 -13.37 5.81
C PHE A 100 -5.09 -13.74 5.78
N SER A 101 -5.69 -13.77 4.60
CA SER A 101 -7.11 -14.11 4.50
C SER A 101 -7.36 -15.59 4.78
N MET A 102 -6.34 -16.44 4.59
CA MET A 102 -6.51 -17.87 4.82
C MET A 102 -6.64 -18.17 6.32
N LEU A 103 -5.77 -17.58 7.14
CA LEU A 103 -5.86 -17.73 8.58
C LEU A 103 -7.16 -17.15 9.13
N LEU A 104 -7.67 -16.08 8.53
CA LEU A 104 -8.93 -15.51 8.98
C LEU A 104 -10.13 -16.31 8.51
N TRP A 105 -10.05 -16.98 7.35
CA TRP A 105 -11.13 -17.90 6.98
C TRP A 105 -11.14 -19.11 7.90
N ILE A 106 -9.95 -19.55 8.33
CA ILE A 106 -9.87 -20.64 9.31
C ILE A 106 -10.48 -20.21 10.63
N GLY A 107 -10.19 -18.98 11.06
CA GLY A 107 -10.78 -18.47 12.30
C GLY A 107 -12.29 -18.35 12.22
N ALA A 108 -12.80 -17.87 11.08
CA ALA A 108 -14.24 -17.74 10.91
C ALA A 108 -14.94 -19.10 10.82
N ILE A 109 -14.25 -20.11 10.32
CA ILE A 109 -14.84 -21.45 10.30
C ILE A 109 -14.87 -22.05 11.71
N LEU A 110 -13.79 -21.87 12.47
CA LEU A 110 -13.74 -22.39 13.82
C LEU A 110 -14.71 -21.68 14.75
N CYS A 111 -15.05 -20.41 14.47
CA CYS A 111 -16.05 -19.72 15.28
C CYS A 111 -17.44 -20.34 15.11
N PHE A 112 -17.82 -20.69 13.88
CA PHE A 112 -19.10 -21.37 13.66
C PHE A 112 -19.07 -22.78 14.19
N LEU A 113 -17.92 -23.45 14.13
CA LEU A 113 -17.80 -24.78 14.73
C LEU A 113 -17.98 -24.73 16.24
N ALA A 114 -17.42 -23.69 16.88
CA ALA A 114 -17.59 -23.53 18.32
C ALA A 114 -19.02 -23.20 18.67
N TYR A 115 -19.69 -22.38 17.87
CA TYR A 115 -21.10 -22.07 18.12
C TYR A 115 -21.99 -23.30 17.96
N SER A 116 -21.70 -24.14 16.97
CA SER A 116 -22.54 -25.31 16.74
C SER A 116 -22.27 -26.37 17.80
N ILE A 117 -21.05 -26.51 18.28
CA ILE A 117 -20.81 -27.46 19.36
C ILE A 117 -21.29 -26.90 20.69
N GLN A 118 -21.48 -25.58 20.75
CA GLN A 118 -21.92 -24.91 21.97
C GLN A 118 -23.43 -25.04 22.14
N ALA A 119 -24.16 -24.47 21.19
CA ALA A 119 -25.59 -24.23 21.37
C ALA A 119 -26.43 -25.34 20.79
N ALA A 120 -25.79 -26.43 20.37
CA ALA A 120 -26.57 -27.61 19.99
C ALA A 120 -26.23 -28.80 20.87
N THR A 121 -25.61 -28.59 22.03
CA THR A 121 -25.57 -29.62 23.07
C THR A 121 -26.32 -29.21 24.32
N GLU A 122 -25.96 -28.12 24.98
CA GLU A 122 -26.82 -27.66 26.06
C GLU A 122 -27.24 -26.19 26.02
N GLU A 123 -26.30 -25.28 25.79
CA GLU A 123 -26.59 -23.88 26.13
C GLU A 123 -27.26 -23.09 25.00
N GLU A 124 -28.58 -23.01 25.08
CA GLU A 124 -29.45 -22.21 24.22
C GLU A 124 -29.16 -20.70 24.26
N PRO A 125 -28.50 -20.10 25.32
CA PRO A 125 -27.82 -18.82 25.07
C PRO A 125 -26.54 -18.93 24.25
N GLN A 126 -25.70 -17.91 24.38
CA GLN A 126 -24.35 -17.84 23.80
C GLN A 126 -24.37 -17.76 22.28
N ASN A 127 -24.94 -16.68 21.74
CA ASN A 127 -24.73 -16.32 20.35
C ASN A 127 -23.50 -15.44 20.16
N ASP A 128 -22.52 -15.54 21.07
CA ASP A 128 -21.31 -14.72 20.98
C ASP A 128 -20.40 -15.21 19.86
N ASN A 129 -20.27 -16.53 19.70
CA ASN A 129 -19.36 -17.10 18.72
C ASN A 129 -19.93 -17.14 17.32
N LEU A 130 -21.14 -16.64 17.12
CA LEU A 130 -21.72 -16.48 15.79
C LEU A 130 -21.35 -15.12 15.19
N TYR A 131 -21.54 -14.06 15.98
CA TYR A 131 -21.21 -12.71 15.54
C TYR A 131 -19.71 -12.55 15.31
N LEU A 132 -18.88 -13.25 16.07
CA LEU A 132 -17.44 -13.20 15.87
C LEU A 132 -17.05 -13.80 14.53
N GLY A 133 -17.68 -14.91 14.15
CA GLY A 133 -17.47 -15.47 12.84
C GLY A 133 -17.96 -14.59 11.71
N VAL A 134 -19.09 -13.90 11.92
CA VAL A 134 -19.61 -12.99 10.90
C VAL A 134 -18.67 -11.80 10.73
N VAL A 135 -18.12 -11.29 11.83
CA VAL A 135 -17.18 -10.17 11.78
C VAL A 135 -15.88 -10.59 11.08
N LEU A 136 -15.37 -11.78 11.38
CA LEU A 136 -14.16 -12.24 10.70
C LEU A 136 -14.41 -12.54 9.23
N SER A 137 -15.63 -12.96 8.86
CA SER A 137 -15.93 -13.16 7.45
C SER A 137 -16.07 -11.84 6.71
N ALA A 138 -16.53 -10.80 7.39
CA ALA A 138 -16.66 -9.50 6.74
C ALA A 138 -15.31 -8.78 6.59
N VAL A 139 -14.39 -9.01 7.54
CA VAL A 139 -13.07 -8.39 7.49
C VAL A 139 -12.29 -8.86 6.27
N VAL A 140 -12.44 -10.13 5.89
CA VAL A 140 -11.77 -10.67 4.72
C VAL A 140 -12.31 -10.03 3.45
N ILE A 141 -13.63 -9.84 3.36
CA ILE A 141 -14.25 -9.25 2.19
C ILE A 141 -13.84 -7.79 2.03
N ILE A 142 -13.78 -7.06 3.14
CA ILE A 142 -13.43 -5.64 3.07
C ILE A 142 -11.96 -5.45 2.71
N THR A 143 -11.06 -6.23 3.31
CA THR A 143 -9.66 -6.09 2.95
C THR A 143 -9.37 -6.63 1.55
N GLY A 144 -10.19 -7.56 1.07
CA GLY A 144 -10.10 -7.95 -0.32
C GLY A 144 -10.53 -6.85 -1.26
N CYS A 145 -11.52 -6.04 -0.87
CA CYS A 145 -11.88 -4.86 -1.66
C CYS A 145 -10.74 -3.85 -1.70
N PHE A 146 -10.06 -3.67 -0.56
CA PHE A 146 -8.92 -2.76 -0.50
C PHE A 146 -7.77 -3.24 -1.38
N SER A 147 -7.46 -4.54 -1.32
CA SER A 147 -6.40 -5.07 -2.16
C SER A 147 -6.81 -5.21 -3.62
N TYR A 148 -8.10 -5.19 -3.90
CA TYR A 148 -8.56 -5.16 -5.28
C TYR A 148 -8.38 -3.79 -5.90
N TYR A 149 -8.60 -2.73 -5.11
CA TYR A 149 -8.36 -1.38 -5.62
C TYR A 149 -6.89 -1.14 -5.93
N GLN A 150 -6.00 -1.85 -5.25
CA GLN A 150 -4.56 -1.70 -5.46
C GLN A 150 -4.10 -2.40 -6.74
N GLU A 151 -4.93 -3.24 -7.33
CA GLU A 151 -4.52 -4.11 -8.43
C GLU A 151 -4.27 -3.32 -9.70
N ALA A 152 -3.55 -3.92 -10.63
CA ALA A 152 -2.75 -3.22 -11.65
C ALA A 152 -3.48 -2.99 -12.98
N LYS A 153 -4.82 -2.97 -13.00
CA LYS A 153 -5.64 -2.22 -13.96
C LYS A 153 -5.37 -2.61 -15.42
N SER A 154 -5.82 -3.81 -15.77
CA SER A 154 -5.76 -4.33 -17.14
C SER A 154 -6.37 -3.39 -18.18
N SER A 155 -5.55 -2.89 -19.10
CA SER A 155 -5.94 -1.85 -20.04
C SER A 155 -5.99 -2.40 -21.46
N LYS A 156 -6.26 -1.50 -22.41
CA LYS A 156 -6.71 -1.88 -23.74
C LYS A 156 -5.79 -1.25 -24.79
N ILE A 157 -4.71 -1.96 -25.11
CA ILE A 157 -3.75 -1.49 -26.10
C ILE A 157 -4.22 -1.81 -27.52
N MET A 158 -4.74 -3.02 -27.72
CA MET A 158 -5.17 -3.45 -29.05
C MET A 158 -6.35 -2.64 -29.57
N GLU A 159 -7.13 -2.07 -28.66
CA GLU A 159 -8.26 -1.25 -29.07
C GLU A 159 -7.81 0.08 -29.64
N SER A 160 -6.68 0.62 -29.16
CA SER A 160 -6.10 1.80 -29.78
C SER A 160 -5.21 1.47 -30.98
N PHE A 161 -4.77 0.22 -31.09
CA PHE A 161 -4.16 -0.24 -32.33
C PHE A 161 -5.19 -0.44 -33.41
N LYS A 162 -6.46 -0.64 -33.04
CA LYS A 162 -7.55 -0.85 -33.98
C LYS A 162 -8.16 0.44 -34.50
N ASN A 163 -7.55 1.59 -34.20
CA ASN A 163 -8.08 2.85 -34.69
C ASN A 163 -7.22 3.47 -35.78
N MET A 164 -5.97 3.03 -35.93
CA MET A 164 -5.11 3.47 -37.01
C MET A 164 -5.33 2.71 -38.31
N VAL A 165 -6.38 1.91 -38.39
CA VAL A 165 -6.75 1.21 -39.62
C VAL A 165 -7.92 1.95 -40.26
N PRO A 166 -7.90 2.20 -41.56
CA PRO A 166 -9.02 2.90 -42.20
C PRO A 166 -10.23 2.00 -42.33
N GLN A 167 -11.36 2.62 -42.65
CA GLN A 167 -12.59 1.87 -42.86
C GLN A 167 -12.78 1.49 -44.33
N GLN A 168 -12.29 2.31 -45.25
CA GLN A 168 -12.38 2.03 -46.67
C GLN A 168 -10.99 1.83 -47.25
N ALA A 169 -10.86 0.79 -48.06
CA ALA A 169 -9.68 0.63 -48.89
C ALA A 169 -9.99 1.16 -50.29
N LEU A 170 -9.00 1.09 -51.17
CA LEU A 170 -9.15 1.50 -52.57
C LEU A 170 -8.49 0.44 -53.44
N VAL A 171 -9.26 -0.55 -53.87
CA VAL A 171 -8.69 -1.66 -54.59
C VAL A 171 -8.99 -1.53 -56.06
N ILE A 172 -8.22 -2.26 -56.86
CA ILE A 172 -8.42 -2.35 -58.30
C ILE A 172 -8.72 -3.82 -58.59
N ARG A 173 -9.97 -4.09 -58.93
CA ARG A 173 -10.44 -5.43 -59.25
C ARG A 173 -11.28 -5.38 -60.52
N ASN A 174 -11.25 -6.50 -61.26
CA ASN A 174 -12.01 -6.71 -62.50
C ASN A 174 -11.69 -5.66 -63.56
N GLY A 175 -10.46 -5.13 -63.55
CA GLY A 175 -10.03 -4.15 -64.50
C GLY A 175 -10.31 -2.71 -64.08
N GLU A 176 -11.09 -2.52 -63.02
CA GLU A 176 -11.45 -1.14 -62.64
C GLU A 176 -11.17 -0.93 -61.16
N LYS A 177 -11.56 0.21 -60.61
CA LYS A 177 -11.30 0.53 -59.22
C LYS A 177 -12.60 0.61 -58.44
N MET A 178 -12.56 0.15 -57.19
CA MET A 178 -13.71 0.25 -56.30
C MET A 178 -13.22 0.33 -54.87
N SER A 179 -14.04 0.97 -54.03
CA SER A 179 -13.71 1.21 -52.63
C SER A 179 -14.48 0.22 -51.78
N ILE A 180 -13.76 -0.77 -51.24
CA ILE A 180 -14.36 -1.77 -50.40
C ILE A 180 -13.97 -1.49 -48.96
N ASN A 181 -14.51 -2.28 -48.04
CA ASN A 181 -14.09 -2.23 -46.64
C ASN A 181 -12.62 -2.65 -46.57
N ALA A 182 -11.89 -2.04 -45.63
CA ALA A 182 -10.49 -2.36 -45.46
C ALA A 182 -10.27 -3.71 -44.80
N GLU A 183 -11.30 -4.28 -44.19
CA GLU A 183 -11.20 -5.61 -43.61
C GLU A 183 -11.30 -6.72 -44.66
N GLU A 184 -11.68 -6.37 -45.89
CA GLU A 184 -11.84 -7.35 -46.97
C GLU A 184 -10.73 -7.24 -48.01
N VAL A 185 -9.51 -6.90 -47.59
CA VAL A 185 -8.36 -6.89 -48.48
C VAL A 185 -7.62 -8.21 -48.33
N VAL A 186 -7.15 -8.75 -49.46
CA VAL A 186 -6.51 -10.05 -49.48
C VAL A 186 -5.02 -9.86 -49.73
N VAL A 187 -4.27 -10.96 -49.66
CA VAL A 187 -2.84 -10.92 -49.91
C VAL A 187 -2.61 -11.08 -51.41
N GLY A 188 -2.45 -9.97 -52.12
CA GLY A 188 -2.11 -10.05 -53.52
C GLY A 188 -2.72 -9.01 -54.43
N ASP A 189 -3.74 -8.28 -53.98
CA ASP A 189 -4.42 -7.37 -54.88
C ASP A 189 -3.76 -5.99 -54.86
N LEU A 190 -4.30 -5.06 -55.63
CA LEU A 190 -3.62 -3.82 -55.98
C LEU A 190 -4.35 -2.66 -55.33
N VAL A 191 -3.61 -1.85 -54.57
CA VAL A 191 -4.15 -0.74 -53.80
C VAL A 191 -3.61 0.56 -54.37
N GLU A 192 -4.45 1.60 -54.41
CA GLU A 192 -4.04 2.93 -54.83
C GLU A 192 -4.24 3.91 -53.69
N VAL A 193 -3.16 4.59 -53.31
CA VAL A 193 -3.13 5.48 -52.16
C VAL A 193 -2.92 6.90 -52.65
N LYS A 194 -3.68 7.84 -52.06
CA LYS A 194 -3.50 9.26 -52.30
C LYS A 194 -3.14 9.95 -50.99
N GLY A 195 -2.67 11.19 -51.11
CA GLY A 195 -2.30 12.00 -49.96
C GLY A 195 -3.45 12.33 -49.04
N GLY A 196 -3.43 11.79 -47.83
CA GLY A 196 -4.51 11.99 -46.88
C GLY A 196 -5.09 10.69 -46.40
N ASP A 197 -4.84 9.61 -47.14
CA ASP A 197 -5.32 8.29 -46.77
C ASP A 197 -4.52 7.73 -45.60
N ARG A 198 -5.11 6.76 -44.92
CA ARG A 198 -4.32 5.76 -44.22
C ARG A 198 -4.10 4.56 -45.14
N ILE A 199 -3.06 3.80 -44.86
CA ILE A 199 -2.63 2.71 -45.72
C ILE A 199 -3.19 1.40 -45.17
N PRO A 200 -3.89 0.59 -45.98
CA PRO A 200 -4.66 -0.52 -45.42
C PRO A 200 -3.85 -1.76 -45.10
N ALA A 201 -2.67 -1.92 -45.69
CA ALA A 201 -1.87 -3.13 -45.49
C ALA A 201 -0.41 -2.78 -45.77
N ASP A 202 0.43 -3.79 -45.95
CA ASP A 202 1.80 -3.57 -46.38
C ASP A 202 1.89 -3.71 -47.88
N LEU A 203 2.49 -2.71 -48.53
CA LEU A 203 2.50 -2.60 -49.98
C LEU A 203 3.93 -2.63 -50.49
N ARG A 204 4.19 -3.51 -51.45
CA ARG A 204 5.36 -3.41 -52.32
C ARG A 204 4.91 -2.62 -53.53
N ILE A 205 5.47 -1.44 -53.71
CA ILE A 205 4.88 -0.47 -54.62
C ILE A 205 5.57 -0.53 -55.97
N ILE A 206 4.81 -0.24 -57.02
CA ILE A 206 5.29 -0.38 -58.38
C ILE A 206 5.17 0.88 -59.20
N SER A 207 4.31 1.83 -58.84
CA SER A 207 4.18 3.07 -59.59
C SER A 207 3.80 4.18 -58.63
N ALA A 208 4.64 5.20 -58.53
CA ALA A 208 4.35 6.37 -57.72
C ALA A 208 5.12 7.55 -58.27
N ASN A 209 4.46 8.70 -58.41
CA ASN A 209 5.15 9.93 -58.78
C ASN A 209 5.55 10.71 -57.53
N GLY A 210 6.27 10.02 -56.65
CA GLY A 210 6.81 10.64 -55.46
C GLY A 210 5.80 11.00 -54.39
N CYS A 211 5.22 10.02 -53.72
CA CYS A 211 4.42 10.31 -52.54
C CYS A 211 5.29 10.10 -51.33
N LYS A 212 5.09 10.91 -50.31
CA LYS A 212 5.88 10.84 -49.09
C LYS A 212 5.04 10.24 -47.98
N VAL A 213 5.50 9.13 -47.42
CA VAL A 213 4.82 8.54 -46.28
C VAL A 213 5.40 9.13 -44.99
N ASP A 214 4.70 8.87 -43.89
CA ASP A 214 5.11 9.29 -42.54
C ASP A 214 5.33 8.03 -41.72
N ASN A 215 6.59 7.66 -41.53
CA ASN A 215 6.98 6.42 -40.87
C ASN A 215 7.19 6.57 -39.38
N SER A 216 6.44 7.46 -38.73
CA SER A 216 6.62 7.71 -37.30
C SER A 216 6.20 6.54 -36.43
N SER A 217 5.45 5.59 -36.98
CA SER A 217 5.04 4.44 -36.19
C SER A 217 6.19 3.44 -36.00
N LEU A 218 7.17 3.46 -36.91
CA LEU A 218 8.33 2.58 -36.79
C LEU A 218 9.54 3.26 -36.19
N THR A 219 9.85 4.48 -36.63
CA THR A 219 11.06 5.16 -36.23
C THR A 219 10.84 6.30 -35.25
N GLY A 220 9.60 6.71 -35.02
CA GLY A 220 9.34 7.83 -34.14
C GLY A 220 9.70 9.17 -34.72
N GLU A 221 9.82 9.28 -36.03
CA GLU A 221 10.21 10.50 -36.70
C GLU A 221 9.09 10.99 -37.61
N SER A 222 8.77 12.27 -37.50
CA SER A 222 7.70 12.85 -38.30
C SER A 222 8.16 13.31 -39.68
N GLU A 223 9.45 13.24 -39.96
CA GLU A 223 9.98 13.70 -41.25
C GLU A 223 9.57 12.75 -42.36
N PRO A 224 8.91 13.21 -43.42
CA PRO A 224 8.35 12.30 -44.42
C PRO A 224 9.41 11.72 -45.34
N GLN A 225 9.13 10.50 -45.82
CA GLN A 225 10.05 9.77 -46.67
C GLN A 225 9.44 9.61 -48.06
N THR A 226 10.23 9.91 -49.09
CA THR A 226 9.77 9.81 -50.46
C THR A 226 9.83 8.36 -50.91
N ARG A 227 8.68 7.77 -51.20
CA ARG A 227 8.60 6.37 -51.63
C ARG A 227 8.67 6.27 -53.14
N SER A 228 9.24 5.17 -53.63
CA SER A 228 9.61 5.03 -55.03
C SER A 228 9.63 3.54 -55.38
N PRO A 229 9.35 3.17 -56.63
CA PRO A 229 9.26 1.74 -56.97
C PRO A 229 10.57 0.97 -57.09
N ASP A 230 11.70 1.51 -56.67
CA ASP A 230 12.98 0.85 -56.86
C ASP A 230 13.57 0.33 -55.55
N PHE A 231 14.31 -0.76 -55.64
CA PHE A 231 15.00 -1.32 -54.48
C PHE A 231 16.19 -0.45 -54.11
N THR A 232 16.29 -0.11 -52.81
CA THR A 232 17.37 0.76 -52.35
C THR A 232 18.21 0.19 -51.21
N ASN A 233 17.70 -0.73 -50.39
CA ASN A 233 18.47 -1.15 -49.23
C ASN A 233 18.06 -2.55 -48.82
N GLU A 234 19.04 -3.30 -48.29
CA GLU A 234 18.82 -4.71 -47.94
C GLU A 234 17.87 -4.85 -46.76
N ASN A 235 17.99 -3.96 -45.78
CA ASN A 235 17.06 -3.96 -44.66
C ASN A 235 15.71 -3.45 -45.14
N PRO A 236 14.63 -4.22 -44.98
CA PRO A 236 13.33 -3.81 -45.52
C PRO A 236 12.68 -2.65 -44.79
N LEU A 237 13.16 -2.28 -43.61
CA LEU A 237 12.61 -1.12 -42.92
C LEU A 237 13.20 0.18 -43.43
N GLU A 238 14.27 0.14 -44.22
CA GLU A 238 14.95 1.33 -44.70
C GLU A 238 14.86 1.53 -46.20
N THR A 239 14.11 0.71 -46.91
CA THR A 239 14.06 0.79 -48.37
C THR A 239 12.92 1.68 -48.83
N ARG A 240 12.97 2.06 -50.11
CA ARG A 240 12.05 3.05 -50.65
C ARG A 240 10.79 2.44 -51.26
N ASN A 241 10.71 1.12 -51.41
CA ASN A 241 9.61 0.50 -52.12
C ASN A 241 8.69 -0.33 -51.24
N ILE A 242 8.70 -0.09 -49.93
CA ILE A 242 7.80 -0.78 -49.02
C ILE A 242 7.05 0.28 -48.23
N ALA A 243 5.74 0.39 -48.46
CA ALA A 243 4.88 1.16 -47.58
C ALA A 243 4.34 0.25 -46.49
N PHE A 244 4.10 0.81 -45.31
CA PHE A 244 3.80 0.02 -44.13
C PHE A 244 2.40 0.30 -43.60
N PHE A 245 1.91 -0.65 -42.81
CA PHE A 245 0.62 -0.53 -42.14
C PHE A 245 0.69 0.54 -41.07
N SER A 246 -0.47 1.15 -40.78
CA SER A 246 -0.69 2.15 -39.74
C SER A 246 0.05 3.47 -39.99
N THR A 247 0.58 3.68 -41.19
CA THR A 247 1.21 4.92 -41.57
C THR A 247 0.33 5.62 -42.60
N ASN A 248 0.81 6.75 -43.12
CA ASN A 248 -0.01 7.52 -44.05
C ASN A 248 0.88 8.17 -45.11
N CYS A 249 0.62 7.84 -46.37
CA CYS A 249 1.16 8.58 -47.50
C CYS A 249 0.44 9.92 -47.63
N VAL A 250 1.20 11.02 -47.52
CA VAL A 250 0.60 12.34 -47.33
C VAL A 250 0.74 13.24 -48.56
N GLU A 251 1.42 12.80 -49.61
CA GLU A 251 1.44 13.50 -50.89
C GLU A 251 1.09 12.51 -51.97
N GLY A 252 1.21 12.94 -53.23
CA GLY A 252 1.20 12.25 -54.52
C GLY A 252 0.14 11.15 -54.62
N THR A 253 0.55 10.05 -55.25
CA THR A 253 -0.27 8.85 -55.34
C THR A 253 0.65 7.66 -55.57
N ALA A 254 0.14 6.47 -55.27
CA ALA A 254 0.94 5.26 -55.42
C ALA A 254 0.04 4.07 -55.68
N ARG A 255 0.58 3.07 -56.38
CA ARG A 255 -0.05 1.78 -56.57
C ARG A 255 0.86 0.70 -56.04
N GLY A 256 0.34 -0.12 -55.13
CA GLY A 256 1.14 -1.16 -54.52
C GLY A 256 0.40 -2.48 -54.52
N ILE A 257 1.17 -3.55 -54.28
CA ILE A 257 0.64 -4.90 -54.15
C ILE A 257 0.77 -5.32 -52.69
N VAL A 258 -0.29 -5.94 -52.16
CA VAL A 258 -0.33 -6.35 -50.77
C VAL A 258 0.62 -7.52 -50.53
N VAL A 259 1.36 -7.48 -49.43
CA VAL A 259 2.22 -8.60 -49.08
C VAL A 259 1.86 -9.16 -47.72
N TYR A 260 1.18 -8.37 -46.89
CA TYR A 260 0.79 -8.79 -45.56
C TYR A 260 -0.52 -8.15 -45.17
N THR A 261 -1.35 -8.91 -44.45
CA THR A 261 -2.62 -8.44 -43.93
C THR A 261 -2.77 -8.85 -42.47
N GLY A 262 -3.33 -7.95 -41.68
CA GLY A 262 -3.78 -8.30 -40.35
C GLY A 262 -2.65 -8.51 -39.36
N ASP A 263 -2.62 -9.71 -38.76
CA ASP A 263 -1.68 -10.03 -37.70
C ASP A 263 -0.28 -10.29 -38.21
N ARG A 264 -0.08 -10.33 -39.52
CA ARG A 264 1.19 -10.69 -40.11
C ARG A 264 2.01 -9.48 -40.55
N THR A 265 1.41 -8.29 -40.53
CA THR A 265 2.11 -7.06 -40.83
C THR A 265 3.09 -6.70 -39.72
N VAL A 266 3.95 -5.73 -40.01
CA VAL A 266 4.98 -5.32 -39.05
C VAL A 266 4.36 -4.68 -37.82
N MET A 267 3.49 -3.68 -37.99
CA MET A 267 2.82 -3.07 -36.85
C MET A 267 1.80 -4.00 -36.21
N GLY A 268 1.21 -4.91 -36.97
CA GLY A 268 0.37 -5.94 -36.37
C GLY A 268 1.16 -6.86 -35.47
N ARG A 269 2.39 -7.18 -35.85
CA ARG A 269 3.27 -7.96 -34.98
C ARG A 269 3.70 -7.17 -33.76
N ILE A 270 3.87 -5.85 -33.91
CA ILE A 270 4.17 -5.00 -32.75
C ILE A 270 2.99 -4.98 -31.79
N ALA A 271 1.77 -4.92 -32.33
CA ALA A 271 0.56 -4.93 -31.49
C ALA A 271 0.39 -6.27 -30.78
N THR A 272 0.65 -7.37 -31.50
CA THR A 272 0.63 -8.70 -30.90
C THR A 272 1.66 -8.84 -29.79
N LEU A 273 2.86 -8.31 -30.00
CA LEU A 273 3.92 -8.37 -28.99
C LEU A 273 3.55 -7.55 -27.76
N ALA A 274 3.09 -6.31 -27.96
CA ALA A 274 2.79 -5.43 -26.86
C ALA A 274 1.52 -5.83 -26.10
N SER A 275 0.57 -6.52 -26.74
CA SER A 275 -0.56 -7.04 -25.99
C SER A 275 -0.32 -8.45 -25.47
N GLY A 276 0.78 -9.09 -25.86
CA GLY A 276 1.11 -10.40 -25.35
C GLY A 276 2.19 -10.35 -24.28
N LEU A 277 2.80 -9.19 -24.11
CA LEU A 277 3.77 -9.00 -23.04
C LEU A 277 3.04 -8.95 -21.72
N GLU A 278 3.45 -9.81 -20.79
CA GLU A 278 2.86 -9.91 -19.47
C GLU A 278 3.10 -8.63 -18.66
N GLY A 279 2.40 -8.55 -17.54
CA GLY A 279 2.60 -7.43 -16.64
C GLY A 279 3.95 -7.48 -15.95
N GLY A 280 4.13 -8.45 -15.07
CA GLY A 280 5.30 -8.53 -14.23
C GLY A 280 5.01 -8.01 -12.84
N GLN A 281 5.74 -8.55 -11.87
CA GLN A 281 5.50 -8.24 -10.47
C GLN A 281 6.23 -6.95 -10.12
N THR A 282 5.51 -6.00 -9.54
CA THR A 282 6.02 -4.72 -9.09
C THR A 282 6.95 -4.96 -7.90
N PRO A 283 8.00 -4.13 -7.74
CA PRO A 283 8.87 -4.31 -6.56
C PRO A 283 8.19 -4.11 -5.22
N ILE A 284 7.16 -3.27 -5.14
CA ILE A 284 6.48 -3.11 -3.86
C ILE A 284 5.64 -4.34 -3.52
N ALA A 285 5.15 -5.07 -4.52
CA ALA A 285 4.36 -6.27 -4.26
C ALA A 285 5.24 -7.42 -3.76
N ALA A 286 6.50 -7.46 -4.21
CA ALA A 286 7.44 -8.45 -3.72
C ALA A 286 7.84 -8.20 -2.27
N GLU A 287 7.71 -6.96 -1.80
CA GLU A 287 7.98 -6.66 -0.40
C GLU A 287 6.81 -7.06 0.49
N ILE A 288 5.58 -6.90 0.00
CA ILE A 288 4.40 -7.34 0.75
C ILE A 288 4.38 -8.86 0.86
N GLU A 289 4.68 -9.54 -0.25
CA GLU A 289 4.72 -11.00 -0.27
C GLU A 289 6.08 -11.53 0.19
N HIS A 290 6.61 -10.95 1.24
CA HIS A 290 7.74 -11.42 2.01
C HIS A 290 7.44 -11.37 3.50
N PHE A 291 6.83 -10.29 3.97
CA PHE A 291 6.42 -10.30 5.36
C PHE A 291 5.08 -10.96 5.56
N ILE A 292 4.26 -11.12 4.51
CA ILE A 292 3.13 -12.04 4.62
C ILE A 292 3.63 -13.45 4.93
N HIS A 293 4.72 -13.86 4.28
CA HIS A 293 5.35 -15.15 4.56
C HIS A 293 5.89 -15.24 5.98
N ILE A 294 6.61 -14.20 6.43
CA ILE A 294 7.24 -14.23 7.75
C ILE A 294 6.18 -14.27 8.86
N ILE A 295 5.17 -13.40 8.75
CA ILE A 295 4.15 -13.31 9.78
C ILE A 295 3.25 -14.54 9.77
N THR A 296 3.00 -15.12 8.58
CA THR A 296 2.23 -16.36 8.52
C THR A 296 3.01 -17.53 9.11
N GLY A 297 4.33 -17.56 8.92
CA GLY A 297 5.13 -18.61 9.54
C GLY A 297 5.10 -18.56 11.05
N VAL A 298 5.27 -17.36 11.61
CA VAL A 298 5.24 -17.21 13.07
C VAL A 298 3.84 -17.50 13.62
N ALA A 299 2.80 -17.08 12.90
CA ALA A 299 1.43 -17.30 13.34
C ALA A 299 1.05 -18.78 13.29
N VAL A 300 1.47 -19.49 12.25
CA VAL A 300 1.17 -20.91 12.12
C VAL A 300 1.94 -21.72 13.16
N PHE A 301 3.19 -21.33 13.44
CA PHE A 301 3.97 -22.00 14.48
C PHE A 301 3.35 -21.82 15.86
N LEU A 302 2.95 -20.59 16.20
CA LEU A 302 2.31 -20.34 17.50
C LEU A 302 0.94 -21.00 17.58
N GLY A 303 0.24 -21.11 16.46
CA GLY A 303 -1.08 -21.70 16.48
C GLY A 303 -1.09 -23.21 16.57
N VAL A 304 -0.14 -23.89 15.93
CA VAL A 304 -0.14 -25.36 15.95
C VAL A 304 0.80 -25.93 16.99
N SER A 305 1.62 -25.10 17.65
CA SER A 305 2.41 -25.62 18.75
C SER A 305 1.73 -25.48 20.10
N PHE A 306 0.84 -24.51 20.25
CA PHE A 306 0.11 -24.32 21.49
C PHE A 306 -1.30 -24.91 21.44
N PHE A 307 -1.72 -25.44 20.29
CA PHE A 307 -2.97 -26.18 20.24
C PHE A 307 -2.79 -27.62 20.71
N ILE A 308 -1.62 -28.20 20.50
CA ILE A 308 -1.37 -29.56 20.99
C ILE A 308 -0.94 -29.56 22.44
N LEU A 309 -0.47 -28.42 22.97
CA LEU A 309 -0.31 -28.31 24.42
C LEU A 309 -1.66 -28.27 25.11
N SER A 310 -2.67 -27.66 24.49
CA SER A 310 -4.00 -27.69 25.05
C SER A 310 -4.67 -29.05 24.94
N LEU A 311 -4.09 -29.97 24.17
CA LEU A 311 -4.56 -31.35 24.11
C LEU A 311 -3.76 -32.28 25.00
N ILE A 312 -2.49 -31.97 25.27
CA ILE A 312 -1.70 -32.73 26.24
C ILE A 312 -2.27 -32.53 27.63
N LEU A 313 -2.57 -31.28 27.99
CA LEU A 313 -3.10 -30.93 29.29
C LEU A 313 -4.61 -31.15 29.42
N GLU A 314 -5.22 -31.78 28.41
CA GLU A 314 -6.60 -32.30 28.44
C GLU A 314 -7.63 -31.19 28.70
N TYR A 315 -7.73 -30.29 27.72
CA TYR A 315 -8.87 -29.37 27.65
C TYR A 315 -10.03 -30.11 26.99
N THR A 316 -11.17 -29.45 26.87
CA THR A 316 -12.22 -29.97 26.01
C THR A 316 -12.08 -29.35 24.62
N TRP A 317 -12.82 -29.91 23.66
CA TRP A 317 -12.70 -29.48 22.26
C TRP A 317 -13.19 -28.05 22.07
N LEU A 318 -14.23 -27.66 22.82
CA LEU A 318 -14.74 -26.30 22.72
C LEU A 318 -13.72 -25.29 23.23
N GLU A 319 -13.08 -25.58 24.35
CA GLU A 319 -12.06 -24.68 24.88
C GLU A 319 -10.80 -24.68 24.02
N ALA A 320 -10.48 -25.82 23.42
CA ALA A 320 -9.33 -25.88 22.52
C ALA A 320 -9.55 -25.05 21.26
N VAL A 321 -10.76 -25.09 20.69
CA VAL A 321 -10.96 -24.29 19.50
C VAL A 321 -11.16 -22.80 19.85
N ILE A 322 -11.67 -22.47 21.04
CA ILE A 322 -11.75 -21.07 21.43
C ILE A 322 -10.35 -20.48 21.65
N PHE A 323 -9.45 -21.28 22.25
CA PHE A 323 -8.06 -20.88 22.38
C PHE A 323 -7.38 -20.71 21.02
N LEU A 324 -7.69 -21.60 20.07
CA LEU A 324 -7.11 -21.50 18.73
C LEU A 324 -7.58 -20.24 18.01
N ILE A 325 -8.87 -19.91 18.15
CA ILE A 325 -9.41 -18.69 17.56
C ILE A 325 -8.73 -17.46 18.14
N GLY A 326 -8.61 -17.42 19.47
CA GLY A 326 -7.97 -16.30 20.14
C GLY A 326 -6.50 -16.15 19.84
N ILE A 327 -5.81 -17.24 19.54
CA ILE A 327 -4.41 -17.11 19.15
C ILE A 327 -4.24 -16.79 17.68
N ILE A 328 -5.25 -17.07 16.84
CA ILE A 328 -5.15 -16.68 15.43
C ILE A 328 -5.43 -15.20 15.25
N VAL A 329 -6.47 -14.69 15.92
CA VAL A 329 -6.82 -13.27 15.76
C VAL A 329 -5.75 -12.36 16.36
N ALA A 330 -5.08 -12.81 17.40
CA ALA A 330 -4.01 -12.03 18.01
C ALA A 330 -2.76 -11.95 17.16
N ASN A 331 -2.59 -12.86 16.20
CA ASN A 331 -1.36 -12.96 15.43
C ASN A 331 -1.44 -12.25 14.09
N VAL A 332 -2.60 -12.17 13.48
CA VAL A 332 -2.75 -11.52 12.19
C VAL A 332 -2.85 -10.02 12.41
N PRO A 333 -1.99 -9.21 11.78
CA PRO A 333 -2.20 -7.76 11.80
C PRO A 333 -3.33 -7.36 10.88
N GLU A 334 -4.56 -7.33 11.43
CA GLU A 334 -5.78 -7.37 10.63
C GLU A 334 -5.95 -6.16 9.71
N GLY A 335 -5.59 -4.98 10.18
CA GLY A 335 -5.76 -3.77 9.40
C GLY A 335 -4.54 -3.28 8.66
N LEU A 336 -3.55 -4.14 8.39
CA LEU A 336 -2.28 -3.66 7.89
C LEU A 336 -2.29 -3.42 6.39
N LEU A 337 -2.93 -4.30 5.61
CA LEU A 337 -2.88 -4.16 4.16
C LEU A 337 -3.75 -3.00 3.67
N ALA A 338 -4.84 -2.72 4.37
CA ALA A 338 -5.63 -1.52 4.14
C ALA A 338 -4.85 -0.25 4.46
N THR A 339 -3.98 -0.28 5.48
CA THR A 339 -3.11 0.84 5.80
C THR A 339 -2.13 1.13 4.66
N VAL A 340 -1.53 0.08 4.09
CA VAL A 340 -0.60 0.24 2.97
C VAL A 340 -1.32 0.79 1.74
N THR A 341 -2.53 0.31 1.48
CA THR A 341 -3.31 0.81 0.34
C THR A 341 -3.67 2.28 0.50
N VAL A 342 -4.06 2.69 1.71
CA VAL A 342 -4.43 4.09 1.95
C VAL A 342 -3.20 5.00 1.87
N CYS A 343 -2.04 4.54 2.38
CA CYS A 343 -0.83 5.34 2.30
C CYS A 343 -0.37 5.54 0.87
N LEU A 344 -0.46 4.49 0.05
CA LEU A 344 -0.12 4.63 -1.36
C LEU A 344 -1.09 5.53 -2.09
N THR A 345 -2.37 5.49 -1.73
CA THR A 345 -3.36 6.39 -2.35
C THR A 345 -3.10 7.84 -1.99
N LEU A 346 -2.66 8.11 -0.75
CA LEU A 346 -2.35 9.48 -0.36
C LEU A 346 -1.12 9.99 -1.07
N THR A 347 -0.11 9.13 -1.28
CA THR A 347 1.06 9.56 -2.04
C THR A 347 0.75 9.78 -3.51
N ALA A 348 -0.15 8.97 -4.08
CA ALA A 348 -0.53 9.15 -5.47
C ALA A 348 -1.35 10.41 -5.68
N LYS A 349 -2.22 10.74 -4.71
CA LYS A 349 -2.95 12.00 -4.79
C LYS A 349 -2.03 13.19 -4.56
N ARG A 350 -0.98 13.01 -3.78
CA ARG A 350 0.03 14.06 -3.64
C ARG A 350 0.77 14.30 -4.95
N MET A 351 1.13 13.23 -5.65
CA MET A 351 1.78 13.34 -6.96
C MET A 351 0.85 13.88 -8.03
N ALA A 352 -0.47 13.71 -7.91
CA ALA A 352 -1.38 14.18 -8.94
C ALA A 352 -1.55 15.70 -8.96
N ARG A 353 -1.24 16.39 -7.87
CA ARG A 353 -1.28 17.84 -7.88
C ARG A 353 -0.06 18.45 -8.56
N LYS A 354 0.99 17.66 -8.81
CA LYS A 354 2.15 18.07 -9.58
C LYS A 354 2.07 17.61 -11.03
N ASN A 355 0.84 17.47 -11.56
CA ASN A 355 0.56 17.11 -12.96
C ASN A 355 1.17 15.77 -13.36
N CYS A 356 1.20 14.82 -12.42
CA CYS A 356 1.80 13.52 -12.64
C CYS A 356 0.76 12.45 -12.33
N LEU A 357 -0.04 12.07 -13.32
CA LEU A 357 -1.13 11.13 -13.10
C LEU A 357 -0.58 9.72 -12.98
N VAL A 358 -1.03 8.99 -11.95
CA VAL A 358 -0.56 7.65 -11.67
C VAL A 358 -1.74 6.71 -11.87
N LYS A 359 -1.65 5.83 -12.86
CA LYS A 359 -2.74 4.92 -13.18
C LYS A 359 -2.73 3.68 -12.29
N ASN A 360 -1.64 2.92 -12.31
CA ASN A 360 -1.49 1.77 -11.42
C ASN A 360 -0.85 2.24 -10.12
N LEU A 361 -1.48 1.90 -9.00
CA LEU A 361 -1.08 2.45 -7.71
C LEU A 361 0.29 1.97 -7.26
N GLU A 362 0.62 0.72 -7.55
CA GLU A 362 1.89 0.15 -7.12
C GLU A 362 3.09 0.77 -7.82
N ALA A 363 2.87 1.54 -8.89
CA ALA A 363 3.92 2.30 -9.55
C ALA A 363 4.27 3.58 -8.84
N VAL A 364 3.64 3.88 -7.69
CA VAL A 364 4.09 5.01 -6.89
C VAL A 364 5.47 4.73 -6.31
N GLU A 365 5.71 3.50 -5.84
CA GLU A 365 6.98 3.18 -5.21
C GLU A 365 8.10 2.98 -6.23
N THR A 366 7.75 2.53 -7.45
CA THR A 366 8.74 1.96 -8.37
C THR A 366 9.73 3.00 -8.87
N LEU A 367 9.33 4.26 -8.95
CA LEU A 367 10.23 5.29 -9.42
C LEU A 367 11.29 5.66 -8.40
N GLY A 368 11.19 5.20 -7.16
CA GLY A 368 12.20 5.46 -6.17
C GLY A 368 13.30 4.43 -6.17
N SER A 369 12.94 3.17 -6.38
CA SER A 369 13.89 2.07 -6.39
C SER A 369 14.46 1.78 -7.77
N THR A 370 14.23 2.65 -8.75
CA THR A 370 14.75 2.41 -10.08
C THR A 370 16.25 2.68 -10.14
N SER A 371 16.93 1.96 -11.02
CA SER A 371 18.36 2.06 -11.17
C SER A 371 18.81 2.35 -12.59
N THR A 372 17.93 2.27 -13.57
CA THR A 372 18.28 2.49 -14.96
C THR A 372 17.10 3.13 -15.66
N ILE A 373 17.32 4.26 -16.32
CA ILE A 373 16.30 4.93 -17.10
C ILE A 373 16.67 4.79 -18.58
N CYS A 374 15.81 4.11 -19.34
CA CYS A 374 15.99 3.95 -20.78
C CYS A 374 15.04 4.91 -21.48
N SER A 375 15.55 6.09 -21.81
CA SER A 375 14.70 7.14 -22.34
C SER A 375 14.66 7.11 -23.86
N ASP A 376 13.63 7.75 -24.41
CA ASP A 376 13.45 7.97 -25.84
C ASP A 376 13.84 9.41 -26.14
N LYS A 377 14.27 9.68 -27.37
CA LYS A 377 14.80 11.00 -27.70
C LYS A 377 13.75 11.94 -28.27
N THR A 378 13.17 11.60 -29.42
CA THR A 378 12.26 12.49 -30.12
C THR A 378 10.90 12.49 -29.44
N GLY A 379 10.46 13.67 -29.02
CA GLY A 379 9.21 13.82 -28.31
C GLY A 379 9.32 13.79 -26.81
N THR A 380 10.33 13.09 -26.29
CA THR A 380 10.53 12.97 -24.85
C THR A 380 11.65 13.89 -24.36
N LEU A 381 12.85 13.75 -24.92
CA LEU A 381 13.93 14.65 -24.58
C LEU A 381 13.92 15.91 -25.42
N THR A 382 13.58 15.78 -26.70
CA THR A 382 13.48 16.94 -27.57
C THR A 382 12.06 17.47 -27.56
N GLN A 383 11.86 18.59 -28.26
CA GLN A 383 10.55 19.22 -28.32
C GLN A 383 9.74 18.77 -29.53
N ASN A 384 10.32 17.94 -30.40
CA ASN A 384 9.70 17.44 -31.63
C ASN A 384 9.27 18.56 -32.56
N ARG A 385 10.01 19.67 -32.54
CA ARG A 385 9.77 20.78 -33.44
C ARG A 385 11.11 21.35 -33.88
N MET A 386 11.34 21.37 -35.18
CA MET A 386 12.57 21.92 -35.72
C MET A 386 12.56 23.43 -35.57
N THR A 387 13.59 23.99 -34.95
CA THR A 387 13.67 25.43 -34.74
C THR A 387 15.11 25.90 -34.92
N VAL A 388 15.24 27.23 -35.04
CA VAL A 388 16.52 27.85 -35.36
C VAL A 388 17.39 27.87 -34.12
N ALA A 389 18.63 27.36 -34.26
CA ALA A 389 19.58 27.32 -33.15
C ALA A 389 20.60 28.44 -33.21
N HIS A 390 21.38 28.51 -34.28
CA HIS A 390 22.49 29.45 -34.36
C HIS A 390 22.46 30.20 -35.67
N MET A 391 23.15 31.34 -35.69
CA MET A 391 23.35 32.11 -36.90
C MET A 391 24.81 32.56 -36.97
N TRP A 392 25.20 33.09 -38.12
CA TRP A 392 26.59 33.49 -38.36
C TRP A 392 26.63 34.89 -39.02
N PHE A 393 26.03 35.85 -38.33
CA PHE A 393 26.14 37.25 -38.74
C PHE A 393 27.55 37.77 -38.58
N ASP A 394 28.11 38.31 -39.67
CA ASP A 394 29.20 39.28 -39.65
C ASP A 394 30.47 38.74 -39.00
N ASN A 395 30.85 37.52 -39.41
CA ASN A 395 32.04 36.80 -38.92
C ASN A 395 32.00 36.63 -37.40
N GLN A 396 30.85 36.19 -36.89
CA GLN A 396 30.67 35.88 -35.48
C GLN A 396 29.43 35.01 -35.33
N ILE A 397 29.50 34.08 -34.39
CA ILE A 397 28.43 33.11 -34.19
C ILE A 397 27.51 33.61 -33.09
N HIS A 398 26.24 33.83 -33.45
CA HIS A 398 25.20 34.16 -32.50
C HIS A 398 24.38 32.92 -32.19
N GLU A 399 24.11 32.70 -30.91
CA GLU A 399 23.23 31.62 -30.48
C GLU A 399 21.88 32.21 -30.11
N ALA A 400 20.82 31.49 -30.44
CA ALA A 400 19.47 31.92 -30.14
C ALA A 400 18.98 31.25 -28.85
N ASP A 401 17.73 31.52 -28.51
CA ASP A 401 17.07 30.91 -27.36
C ASP A 401 16.11 29.86 -27.89
N THR A 402 16.42 28.59 -27.65
CA THR A 402 15.66 27.47 -28.20
C THR A 402 14.59 26.96 -27.25
N THR A 403 14.13 27.80 -26.32
CA THR A 403 13.30 27.35 -25.22
C THR A 403 11.84 27.72 -25.49
N GLU A 404 10.92 26.85 -25.08
CA GLU A 404 9.50 27.02 -25.39
C GLU A 404 8.83 28.10 -24.55
N ASN A 405 9.42 28.49 -23.41
CA ASN A 405 8.85 29.54 -22.58
C ASN A 405 9.73 30.78 -22.53
N GLN A 406 10.75 30.84 -23.40
CA GLN A 406 11.70 31.95 -23.52
C GLN A 406 12.43 32.21 -22.19
N SER A 407 12.98 31.14 -21.63
CA SER A 407 13.76 31.21 -20.41
C SER A 407 15.14 31.83 -20.62
N GLY A 408 15.74 31.62 -21.79
CA GLY A 408 17.05 32.17 -22.09
C GLY A 408 16.99 33.60 -22.56
N VAL A 409 18.11 34.06 -23.13
CA VAL A 409 18.23 35.42 -23.61
C VAL A 409 18.49 35.40 -25.12
N SER A 410 18.21 36.53 -25.76
CA SER A 410 18.23 36.62 -27.21
C SER A 410 19.66 36.88 -27.69
N PHE A 411 19.78 37.23 -28.98
CA PHE A 411 21.08 37.25 -29.64
C PHE A 411 21.48 38.66 -30.07
N ASP A 412 20.66 39.33 -30.89
CA ASP A 412 21.04 40.53 -31.61
C ASP A 412 19.81 41.12 -32.26
N LYS A 413 19.60 42.43 -32.15
CA LYS A 413 18.51 43.05 -32.90
C LYS A 413 18.92 44.44 -33.39
N THR A 414 20.20 44.80 -33.30
CA THR A 414 20.65 46.17 -33.51
C THR A 414 21.31 46.41 -34.85
N SER A 415 22.09 45.46 -35.36
CA SER A 415 22.89 45.69 -36.56
C SER A 415 22.02 45.74 -37.82
N ALA A 416 22.63 46.23 -38.91
CA ALA A 416 21.91 46.38 -40.16
C ALA A 416 21.70 45.04 -40.86
N THR A 417 22.69 44.15 -40.77
CA THR A 417 22.58 42.85 -41.40
C THR A 417 21.54 41.96 -40.73
N TRP A 418 21.18 42.25 -39.47
CA TRP A 418 20.08 41.53 -38.85
C TRP A 418 18.75 41.88 -39.51
N LEU A 419 18.51 43.17 -39.74
CA LEU A 419 17.28 43.58 -40.43
C LEU A 419 17.28 43.13 -41.89
N ALA A 420 18.47 43.10 -42.51
CA ALA A 420 18.60 42.59 -43.87
C ALA A 420 18.25 41.11 -43.95
N LEU A 421 18.84 40.28 -43.07
CA LEU A 421 18.53 38.86 -43.09
C LEU A 421 17.14 38.57 -42.56
N SER A 422 16.57 39.44 -41.73
CA SER A 422 15.16 39.32 -41.37
C SER A 422 14.28 39.46 -42.60
N ARG A 423 14.56 40.48 -43.42
CA ARG A 423 13.89 40.67 -44.70
C ARG A 423 14.07 39.46 -45.61
N ILE A 424 15.29 38.93 -45.67
CA ILE A 424 15.63 37.87 -46.60
C ILE A 424 14.97 36.55 -46.21
N ALA A 425 15.05 36.17 -44.94
CA ALA A 425 14.46 34.92 -44.50
C ALA A 425 12.95 35.02 -44.40
N GLY A 426 12.40 36.23 -44.22
CA GLY A 426 10.96 36.36 -44.25
C GLY A 426 10.36 36.38 -45.64
N LEU A 427 11.13 36.77 -46.65
CA LEU A 427 10.56 36.88 -47.98
C LEU A 427 10.81 35.69 -48.88
N CYS A 428 11.87 34.91 -48.63
CA CYS A 428 12.14 33.71 -49.42
C CYS A 428 11.57 32.49 -48.68
N ASN A 429 10.25 32.53 -48.48
CA ASN A 429 9.61 31.55 -47.62
C ASN A 429 8.20 31.29 -48.11
N ARG A 430 7.91 30.03 -48.46
CA ARG A 430 6.62 29.64 -48.98
C ARG A 430 5.65 29.24 -47.88
N ALA A 431 6.08 29.20 -46.62
CA ALA A 431 5.21 28.84 -45.53
C ALA A 431 4.27 29.99 -45.17
N VAL A 432 3.20 29.65 -44.45
CA VAL A 432 2.19 30.62 -44.05
C VAL A 432 1.47 30.09 -42.81
N PHE A 433 0.85 30.99 -42.05
CA PHE A 433 0.06 30.64 -40.89
C PHE A 433 -1.26 29.98 -41.31
N GLN A 434 -1.93 29.40 -40.32
CA GLN A 434 -3.21 28.75 -40.50
C GLN A 434 -4.35 29.77 -40.39
N ALA A 435 -5.57 29.28 -40.24
CA ALA A 435 -6.77 30.12 -40.28
C ALA A 435 -7.04 30.71 -38.90
N ASN A 436 -6.20 31.69 -38.53
CA ASN A 436 -6.46 32.66 -37.46
C ASN A 436 -6.65 31.99 -36.09
N GLN A 437 -5.55 31.44 -35.59
CA GLN A 437 -5.47 30.97 -34.21
C GLN A 437 -4.50 31.85 -33.42
N GLU A 438 -4.63 33.17 -33.57
CA GLU A 438 -3.63 34.12 -33.08
C GLU A 438 -3.59 34.24 -31.57
N ASN A 439 -4.68 33.87 -30.89
CA ASN A 439 -4.71 33.98 -29.42
C ASN A 439 -3.75 32.99 -28.76
N LEU A 440 -3.63 31.81 -29.33
CA LEU A 440 -2.57 30.88 -28.94
C LEU A 440 -1.23 31.42 -29.44
N PRO A 441 -0.16 31.36 -28.63
CA PRO A 441 1.06 32.13 -28.94
C PRO A 441 1.90 31.60 -30.09
N ILE A 442 3.08 32.20 -30.29
CA ILE A 442 3.82 32.06 -31.54
C ILE A 442 4.38 30.66 -31.72
N LEU A 443 5.05 30.12 -30.68
CA LEU A 443 5.78 28.87 -30.83
C LEU A 443 4.90 27.62 -30.96
N LYS A 444 3.57 27.76 -30.89
CA LYS A 444 2.69 26.61 -31.00
C LYS A 444 1.64 26.76 -32.09
N ARG A 445 1.66 27.83 -32.86
CA ARG A 445 0.73 27.98 -33.98
C ARG A 445 1.11 27.02 -35.10
N ALA A 446 0.11 26.35 -35.64
CA ALA A 446 0.37 25.46 -36.77
C ALA A 446 0.62 26.28 -38.03
N VAL A 447 1.32 25.67 -38.97
CA VAL A 447 1.68 26.32 -40.23
C VAL A 447 1.06 25.53 -41.37
N ALA A 448 1.29 25.99 -42.60
CA ALA A 448 0.83 25.27 -43.78
C ALA A 448 1.96 24.71 -44.63
N GLY A 449 3.14 25.33 -44.60
CA GLY A 449 4.27 24.85 -45.37
C GLY A 449 5.02 23.73 -44.69
N ASP A 450 6.29 23.55 -45.05
CA ASP A 450 7.11 22.50 -44.47
C ASP A 450 7.63 22.99 -43.12
N ALA A 451 8.31 22.11 -42.38
CA ALA A 451 8.81 22.45 -41.05
C ALA A 451 10.15 23.17 -41.10
N SER A 452 10.99 22.83 -42.07
CA SER A 452 12.32 23.43 -42.18
C SER A 452 12.24 24.91 -42.53
N GLU A 453 11.17 25.33 -43.21
CA GLU A 453 11.00 26.74 -43.52
C GLU A 453 10.14 27.44 -42.48
N SER A 454 9.26 26.68 -41.81
CA SER A 454 8.50 27.27 -40.71
C SER A 454 9.40 27.53 -39.50
N ALA A 455 10.53 26.84 -39.40
CA ALA A 455 11.53 27.18 -38.38
C ALA A 455 12.09 28.57 -38.59
N LEU A 456 12.32 28.96 -39.84
CA LEU A 456 12.71 30.33 -40.15
C LEU A 456 11.55 31.29 -39.89
N LEU A 457 10.34 30.88 -40.29
CA LEU A 457 9.17 31.74 -40.20
C LEU A 457 8.82 32.10 -38.75
N LYS A 458 8.93 31.16 -37.83
CA LYS A 458 8.62 31.46 -36.44
C LYS A 458 9.68 32.34 -35.78
N CYS A 459 10.95 32.19 -36.16
CA CYS A 459 11.99 33.06 -35.63
C CYS A 459 11.82 34.49 -36.12
N ILE A 460 11.52 34.65 -37.41
CA ILE A 460 11.26 35.97 -37.99
C ILE A 460 10.01 36.58 -37.37
N GLU A 461 9.00 35.76 -37.08
CA GLU A 461 7.75 36.26 -36.53
C GLU A 461 7.88 36.65 -35.06
N LEU A 462 8.64 35.90 -34.27
CA LEU A 462 8.77 36.26 -32.88
C LEU A 462 9.81 37.36 -32.65
N CYS A 463 10.78 37.53 -33.55
CA CYS A 463 11.85 38.46 -33.30
C CYS A 463 11.77 39.75 -34.12
N CYS A 464 10.90 39.83 -35.13
CA CYS A 464 10.76 41.08 -35.87
C CYS A 464 9.31 41.42 -36.20
N GLY A 465 8.39 41.15 -35.28
CA GLY A 465 7.00 41.48 -35.53
C GLY A 465 6.37 40.56 -36.56
N SER A 466 5.26 41.02 -37.14
CA SER A 466 4.55 40.23 -38.15
C SER A 466 5.35 40.17 -39.45
N VAL A 467 5.07 39.13 -40.23
CA VAL A 467 5.73 38.94 -41.51
C VAL A 467 4.83 39.25 -42.69
N LYS A 468 3.51 39.30 -42.50
CA LYS A 468 2.59 39.59 -43.59
C LYS A 468 2.70 41.02 -44.06
N GLU A 469 3.01 41.95 -43.14
CA GLU A 469 3.22 43.35 -43.48
C GLU A 469 4.43 43.53 -44.38
N MET A 470 5.53 42.85 -44.05
CA MET A 470 6.71 42.89 -44.90
C MET A 470 6.46 42.17 -46.22
N ARG A 471 5.67 41.09 -46.19
CA ARG A 471 5.41 40.35 -47.42
C ARG A 471 4.48 41.09 -48.36
N GLU A 472 3.64 41.99 -47.84
CA GLU A 472 2.83 42.81 -48.74
C GLU A 472 3.57 44.06 -49.20
N ARG A 473 4.42 44.65 -48.34
CA ARG A 473 5.10 45.88 -48.79
C ARG A 473 6.22 45.58 -49.77
N TYR A 474 6.81 44.39 -49.73
CA TYR A 474 7.79 43.99 -50.74
C TYR A 474 7.07 43.08 -51.75
N ALA A 475 6.65 43.66 -52.86
CA ALA A 475 5.82 42.95 -53.83
C ALA A 475 6.68 42.01 -54.66
N LYS A 476 6.15 40.81 -54.92
CA LYS A 476 6.89 39.76 -55.60
C LYS A 476 6.60 39.78 -57.09
N ILE A 477 7.64 39.72 -57.92
CA ILE A 477 7.46 39.85 -59.36
C ILE A 477 7.71 38.54 -60.11
N VAL A 478 8.66 37.71 -59.67
CA VAL A 478 8.98 36.45 -60.35
C VAL A 478 9.76 35.58 -59.37
N GLU A 479 9.38 34.30 -59.31
CA GLU A 479 9.88 33.35 -58.32
C GLU A 479 10.17 32.03 -59.00
N ILE A 480 11.08 31.26 -58.41
CA ILE A 480 11.12 29.83 -58.67
C ILE A 480 11.65 29.11 -57.43
N PRO A 481 10.87 28.14 -56.90
CA PRO A 481 11.26 27.46 -55.66
C PRO A 481 12.39 26.46 -55.85
N PHE A 482 12.64 25.66 -54.81
CA PHE A 482 13.78 24.75 -54.76
C PHE A 482 13.69 23.70 -55.85
N ASN A 483 14.63 23.75 -56.79
CA ASN A 483 14.84 22.68 -57.75
C ASN A 483 15.89 21.72 -57.20
N SER A 484 15.59 20.43 -57.22
CA SER A 484 16.33 19.42 -56.48
C SER A 484 17.70 19.09 -57.09
N THR A 485 18.07 19.70 -58.23
CA THR A 485 19.39 19.50 -58.82
C THR A 485 20.17 20.80 -58.90
N ASN A 486 19.67 21.87 -58.28
CA ASN A 486 20.33 23.17 -58.34
C ASN A 486 20.70 23.73 -56.98
N LYS A 487 20.05 23.28 -55.90
CA LYS A 487 20.42 23.51 -54.50
C LYS A 487 20.23 24.98 -54.08
N TYR A 488 19.18 25.64 -54.58
CA TYR A 488 18.72 26.91 -54.04
C TYR A 488 17.28 27.17 -54.47
N GLN A 489 16.73 28.26 -53.94
CA GLN A 489 15.37 28.74 -54.19
C GLN A 489 15.40 30.25 -54.21
N LEU A 490 14.82 30.87 -55.24
CA LEU A 490 15.08 32.28 -55.50
C LEU A 490 13.80 33.04 -55.87
N SER A 491 13.85 34.34 -55.66
CA SER A 491 12.71 35.23 -55.91
C SER A 491 13.21 36.66 -56.11
N ILE A 492 12.35 37.46 -56.73
CA ILE A 492 12.61 38.88 -56.99
C ILE A 492 11.49 39.68 -56.31
N HIS A 493 11.89 40.69 -55.52
CA HIS A 493 10.96 41.47 -54.71
C HIS A 493 11.18 42.96 -54.94
N LYS A 494 10.09 43.72 -55.02
CA LYS A 494 10.19 45.17 -55.15
C LYS A 494 10.50 45.82 -53.81
N ASN A 495 11.51 46.70 -53.80
CA ASN A 495 11.79 47.49 -52.60
C ASN A 495 11.02 48.81 -52.68
N PRO A 496 10.17 49.10 -51.68
CA PRO A 496 9.31 50.29 -51.79
C PRO A 496 9.87 51.54 -51.13
N ASN A 497 11.09 51.50 -50.60
CA ASN A 497 11.59 52.59 -49.78
C ASN A 497 12.82 53.25 -50.41
N THR A 498 13.49 54.08 -49.60
CA THR A 498 14.38 55.13 -50.09
C THR A 498 15.64 54.56 -50.74
N SER A 499 16.01 53.31 -50.37
CA SER A 499 17.14 52.64 -51.00
C SER A 499 16.89 52.40 -52.48
N GLU A 500 15.74 51.83 -52.82
CA GLU A 500 15.19 51.60 -54.15
C GLU A 500 16.16 50.94 -55.15
N PRO A 501 16.42 49.64 -55.06
CA PRO A 501 17.06 48.96 -56.18
C PRO A 501 16.11 48.59 -57.29
N GLN A 502 14.80 48.86 -57.15
CA GLN A 502 13.74 48.60 -58.15
C GLN A 502 13.78 47.17 -58.70
N HIS A 503 13.18 46.23 -57.95
CA HIS A 503 13.24 44.76 -58.03
C HIS A 503 14.57 44.14 -57.55
N LEU A 504 14.74 44.12 -56.24
CA LEU A 504 15.91 43.50 -55.66
C LEU A 504 15.74 41.98 -55.79
N LEU A 505 16.83 41.27 -55.61
CA LEU A 505 16.92 39.80 -55.70
C LEU A 505 17.16 39.19 -54.33
N VAL A 506 16.59 38.01 -54.07
CA VAL A 506 16.82 37.31 -52.81
C VAL A 506 16.69 35.80 -53.03
N MET A 507 17.65 35.04 -52.49
CA MET A 507 17.60 33.58 -52.58
C MET A 507 18.18 32.93 -51.34
N LYS A 508 18.02 31.61 -51.25
CA LYS A 508 18.58 30.84 -50.16
C LYS A 508 18.86 29.41 -50.63
N GLY A 509 19.81 28.74 -49.97
CA GLY A 509 20.12 27.38 -50.37
C GLY A 509 21.24 26.76 -49.57
N ALA A 510 21.73 25.64 -50.08
CA ALA A 510 22.77 24.88 -49.38
C ALA A 510 24.09 25.63 -49.42
N PRO A 511 24.85 25.65 -48.31
CA PRO A 511 25.82 26.75 -48.08
C PRO A 511 26.98 26.80 -49.05
N GLU A 512 27.58 25.66 -49.39
CA GLU A 512 28.74 25.66 -50.28
C GLU A 512 28.37 26.05 -51.71
N ARG A 513 27.20 25.62 -52.20
CA ARG A 513 26.76 26.02 -53.52
C ARG A 513 26.24 27.44 -53.54
N ILE A 514 25.94 28.01 -52.38
CA ILE A 514 25.56 29.42 -52.31
C ILE A 514 26.80 30.31 -52.35
N LEU A 515 27.84 29.98 -51.58
CA LEU A 515 29.07 30.74 -51.69
C LEU A 515 29.98 30.25 -52.81
N ASP A 516 29.49 29.37 -53.67
CA ASP A 516 30.14 29.13 -54.96
C ASP A 516 30.18 30.40 -55.81
N ARG A 517 29.10 31.18 -55.80
CA ARG A 517 28.88 32.23 -56.78
C ARG A 517 28.58 33.56 -56.09
N CYS A 518 29.45 33.95 -55.17
CA CYS A 518 29.32 35.21 -54.44
C CYS A 518 30.71 35.79 -54.19
N SER A 519 30.80 37.13 -54.24
CA SER A 519 32.08 37.78 -54.02
C SER A 519 32.01 39.03 -53.15
N SER A 520 30.83 39.53 -52.82
CA SER A 520 30.70 40.71 -52.00
C SER A 520 30.12 40.32 -50.65
N ILE A 521 30.67 40.87 -49.57
CA ILE A 521 30.29 40.50 -48.22
C ILE A 521 29.61 41.69 -47.54
N LEU A 522 28.68 41.39 -46.65
CA LEU A 522 27.93 42.39 -45.92
C LEU A 522 28.40 42.41 -44.47
N LEU A 523 29.01 43.53 -44.07
CA LEU A 523 29.50 43.72 -42.70
C LEU A 523 28.87 44.99 -42.13
N HIS A 524 27.94 44.80 -41.19
CA HIS A 524 27.20 45.87 -40.49
C HIS A 524 26.48 46.81 -41.47
N GLY A 525 26.05 46.28 -42.61
CA GLY A 525 25.43 47.09 -43.63
C GLY A 525 26.37 47.71 -44.64
N LYS A 526 27.63 47.30 -44.66
CA LYS A 526 28.60 47.81 -45.62
C LYS A 526 29.07 46.68 -46.52
N GLU A 527 29.55 47.04 -47.70
CA GLU A 527 30.03 46.08 -48.69
C GLU A 527 31.55 46.00 -48.64
N GLN A 528 32.08 44.78 -48.55
CA GLN A 528 33.51 44.59 -48.64
C GLN A 528 33.82 43.46 -49.63
N PRO A 529 35.03 43.41 -50.21
CA PRO A 529 35.30 42.32 -51.17
C PRO A 529 35.56 40.98 -50.50
N LEU A 530 35.79 39.95 -51.32
CA LEU A 530 36.03 38.61 -50.79
C LEU A 530 37.49 38.16 -50.76
N ASP A 531 37.98 37.93 -49.55
CA ASP A 531 39.34 37.45 -49.31
C ASP A 531 39.14 36.15 -48.55
N GLU A 532 40.16 35.30 -48.48
CA GLU A 532 39.94 34.05 -47.76
C GLU A 532 40.01 34.27 -46.25
N GLU A 533 40.38 35.49 -45.83
CA GLU A 533 40.29 35.95 -44.44
C GLU A 533 38.92 35.68 -43.83
N LEU A 534 37.86 35.86 -44.63
CA LEU A 534 36.52 35.53 -44.21
C LEU A 534 36.09 34.13 -44.65
N LYS A 535 36.71 33.58 -45.69
CA LYS A 535 36.21 32.33 -46.26
C LYS A 535 36.65 31.11 -45.45
N ASP A 536 37.88 31.10 -44.95
CA ASP A 536 38.24 29.99 -44.06
C ASP A 536 37.54 30.12 -42.72
N ALA A 537 37.21 31.35 -42.31
CA ALA A 537 36.34 31.56 -41.17
C ALA A 537 34.93 31.04 -41.45
N PHE A 538 34.46 31.17 -42.70
CA PHE A 538 33.16 30.66 -43.09
C PHE A 538 33.12 29.14 -43.01
N GLN A 539 34.15 28.48 -43.54
CA GLN A 539 34.20 27.04 -43.42
C GLN A 539 34.52 26.59 -42.00
N ASN A 540 35.16 27.42 -41.19
CA ASN A 540 35.32 27.14 -39.77
C ASN A 540 33.97 27.12 -39.06
N ALA A 541 33.16 28.16 -39.30
CA ALA A 541 31.81 28.22 -38.72
C ALA A 541 30.94 27.09 -39.23
N TYR A 542 31.09 26.72 -40.51
CA TYR A 542 30.28 25.64 -41.07
C TYR A 542 30.66 24.28 -40.49
N LEU A 543 31.96 24.03 -40.32
CA LEU A 543 32.40 22.77 -39.69
C LEU A 543 31.99 22.71 -38.23
N GLU A 544 32.07 23.84 -37.52
CA GLU A 544 31.69 23.83 -36.11
C GLU A 544 30.19 23.67 -35.96
N LEU A 545 29.41 24.22 -36.89
CA LEU A 545 27.95 24.06 -36.83
C LEU A 545 27.54 22.66 -37.23
N GLY A 546 28.24 22.05 -38.19
CA GLY A 546 27.98 20.67 -38.55
C GLY A 546 28.44 19.68 -37.50
N GLY A 547 29.37 20.08 -36.64
CA GLY A 547 29.70 19.28 -35.48
C GLY A 547 28.69 19.32 -34.35
N LEU A 548 27.63 20.11 -34.48
CA LEU A 548 26.55 20.12 -33.51
C LEU A 548 25.35 19.31 -33.97
N GLY A 549 25.47 18.59 -35.08
CA GLY A 549 24.38 17.78 -35.60
C GLY A 549 23.23 18.58 -36.16
N GLU A 550 23.51 19.78 -36.67
CA GLU A 550 22.48 20.74 -37.02
C GLU A 550 22.48 21.04 -38.51
N ARG A 551 21.31 21.36 -39.05
CA ARG A 551 21.14 21.54 -40.48
C ARG A 551 21.32 23.02 -40.84
N VAL A 552 22.32 23.30 -41.66
CA VAL A 552 22.79 24.66 -41.92
C VAL A 552 22.50 25.02 -43.37
N LEU A 553 22.00 26.24 -43.60
CA LEU A 553 21.86 26.73 -44.97
C LEU A 553 22.12 28.22 -45.02
N GLY A 554 22.55 28.70 -46.20
CA GLY A 554 22.97 30.08 -46.37
C GLY A 554 22.07 30.93 -47.26
N PHE A 555 22.07 32.24 -46.99
CA PHE A 555 21.08 33.16 -47.55
C PHE A 555 21.77 34.29 -48.30
N CYS A 556 21.08 34.83 -49.31
CA CYS A 556 21.67 35.86 -50.16
C CYS A 556 20.63 36.83 -50.70
N HIS A 557 21.13 37.98 -51.14
CA HIS A 557 20.33 39.02 -51.76
C HIS A 557 21.23 39.90 -52.62
N LEU A 558 20.61 40.68 -53.49
CA LEU A 558 21.35 41.63 -54.31
C LEU A 558 20.50 42.86 -54.59
N PHE A 559 21.11 44.03 -54.45
CA PHE A 559 20.52 45.31 -54.84
C PHE A 559 20.70 45.43 -56.34
N LEU A 560 19.64 45.15 -57.10
CA LEU A 560 19.74 45.13 -58.55
C LEU A 560 19.84 46.57 -59.08
N PRO A 561 20.60 46.80 -60.14
CA PRO A 561 20.68 48.14 -60.73
C PRO A 561 19.61 48.33 -61.80
N ASP A 562 19.71 49.47 -62.48
CA ASP A 562 18.79 49.84 -63.55
C ASP A 562 19.54 50.19 -64.84
N GLU A 563 20.45 49.31 -65.26
CA GLU A 563 20.99 49.38 -66.61
C GLU A 563 20.36 48.35 -67.55
N GLN A 564 20.06 47.16 -67.05
CA GLN A 564 19.37 46.14 -67.82
C GLN A 564 17.94 45.89 -67.35
N PHE A 565 17.54 46.46 -66.21
CA PHE A 565 16.37 46.01 -65.47
C PHE A 565 15.50 47.20 -65.09
N PRO A 566 14.57 47.59 -65.98
CA PRO A 566 13.74 48.77 -65.69
C PRO A 566 12.53 48.49 -64.80
N GLU A 567 11.79 49.55 -64.50
CA GLU A 567 10.51 49.43 -63.80
C GLU A 567 9.48 48.79 -64.72
N GLY A 568 8.65 47.91 -64.15
CA GLY A 568 7.64 47.21 -64.92
C GLY A 568 8.16 46.05 -65.75
N PHE A 569 9.46 45.81 -65.75
CA PHE A 569 10.02 44.69 -66.47
C PHE A 569 9.70 43.40 -65.74
N GLN A 570 9.50 42.33 -66.50
CA GLN A 570 9.24 41.01 -65.96
C GLN A 570 10.33 40.05 -66.43
N PHE A 571 10.70 39.13 -65.55
CA PHE A 571 11.65 38.08 -65.87
C PHE A 571 10.90 36.77 -66.06
N ASP A 572 11.46 35.87 -66.86
CA ASP A 572 10.83 34.58 -67.08
C ASP A 572 11.68 33.48 -66.43
N THR A 573 11.02 32.38 -66.09
CA THR A 573 11.58 31.36 -65.22
C THR A 573 12.31 30.26 -65.95
N ASP A 574 12.36 30.29 -67.28
CA ASP A 574 13.02 29.23 -68.03
C ASP A 574 14.37 29.63 -68.59
N ASP A 575 14.70 30.92 -68.62
CA ASP A 575 15.96 31.39 -69.19
C ASP A 575 16.74 32.17 -68.12
N VAL A 576 17.91 32.65 -68.53
CA VAL A 576 18.73 33.51 -67.69
C VAL A 576 18.70 34.94 -68.27
N ASN A 577 18.04 35.84 -67.56
CA ASN A 577 18.08 37.26 -67.89
C ASN A 577 18.26 38.16 -66.69
N PHE A 578 18.13 37.64 -65.47
CA PHE A 578 18.63 38.26 -64.24
C PHE A 578 19.95 37.60 -63.87
N PRO A 579 20.82 38.28 -63.12
CA PRO A 579 22.10 37.66 -62.72
C PRO A 579 21.92 36.52 -61.74
N ILE A 580 22.49 35.36 -62.09
CA ILE A 580 22.69 34.25 -61.17
C ILE A 580 24.11 34.25 -60.61
N ASP A 581 24.78 35.39 -60.66
CA ASP A 581 26.08 35.62 -60.05
C ASP A 581 25.96 36.59 -58.87
N ASN A 582 24.93 36.41 -58.05
CA ASN A 582 24.65 37.33 -56.95
C ASN A 582 25.76 37.32 -55.91
N LEU A 583 26.49 38.44 -55.84
CA LEU A 583 27.62 38.61 -54.93
C LEU A 583 27.02 39.09 -53.62
N CYS A 584 26.64 38.14 -52.75
CA CYS A 584 25.61 38.42 -51.76
C CYS A 584 26.08 38.36 -50.31
N PHE A 585 26.48 37.18 -49.80
CA PHE A 585 26.95 36.92 -48.44
C PHE A 585 26.14 37.55 -47.31
N VAL A 586 24.99 37.02 -46.97
CA VAL A 586 24.27 37.55 -45.82
C VAL A 586 24.55 36.73 -44.56
N GLY A 587 24.37 35.41 -44.63
CA GLY A 587 24.73 34.61 -43.46
C GLY A 587 24.16 33.21 -43.54
N LEU A 588 24.59 32.40 -42.56
CA LEU A 588 24.14 31.03 -42.39
C LEU A 588 23.16 30.95 -41.24
N ILE A 589 22.09 30.19 -41.43
CA ILE A 589 21.12 29.92 -40.37
C ILE A 589 21.03 28.40 -40.20
N SER A 590 20.96 27.95 -38.94
CA SER A 590 21.05 26.55 -38.58
C SER A 590 19.82 26.12 -37.80
N MET A 591 19.45 24.85 -37.93
CA MET A 591 18.25 24.31 -37.29
C MET A 591 18.54 23.01 -36.57
N ILE A 592 17.70 22.75 -35.56
CA ILE A 592 17.84 21.57 -34.71
C ILE A 592 16.49 21.29 -34.05
N ASP A 593 16.28 20.05 -33.63
CA ASP A 593 15.27 19.68 -32.65
C ASP A 593 15.89 19.87 -31.27
N PRO A 594 15.48 20.88 -30.51
CA PRO A 594 16.23 21.25 -29.31
C PRO A 594 15.76 20.46 -28.10
N PRO A 595 16.60 20.36 -27.07
CA PRO A 595 16.13 19.78 -25.81
C PRO A 595 15.10 20.67 -25.14
N ARG A 596 14.29 20.05 -24.27
CA ARG A 596 13.31 20.80 -23.50
C ARG A 596 13.99 21.66 -22.44
N ALA A 597 13.19 22.45 -21.74
CA ALA A 597 13.75 23.38 -20.77
C ALA A 597 14.29 22.67 -19.54
N ALA A 598 13.63 21.60 -19.12
CA ALA A 598 13.94 20.97 -17.84
C ALA A 598 14.86 19.76 -17.95
N VAL A 599 15.07 19.20 -19.15
CA VAL A 599 15.87 17.98 -19.26
C VAL A 599 17.35 18.09 -18.89
N PRO A 600 18.09 19.18 -19.15
CA PRO A 600 19.51 19.16 -18.75
C PRO A 600 19.74 19.21 -17.26
N ASP A 601 18.84 19.82 -16.49
CA ASP A 601 18.98 19.77 -15.05
C ASP A 601 18.48 18.44 -14.50
N ALA A 602 17.44 17.88 -15.12
CA ALA A 602 16.85 16.65 -14.62
C ALA A 602 17.77 15.45 -14.84
N VAL A 603 18.50 15.42 -15.96
CA VAL A 603 19.43 14.31 -16.19
C VAL A 603 20.58 14.36 -15.20
N GLY A 604 21.04 15.56 -14.85
CA GLY A 604 22.08 15.67 -13.83
C GLY A 604 21.58 15.30 -12.44
N LYS A 605 20.33 15.64 -12.12
CA LYS A 605 19.75 15.24 -10.85
C LYS A 605 19.58 13.73 -10.77
N CYS A 606 19.24 13.09 -11.89
CA CYS A 606 19.08 11.64 -11.90
C CYS A 606 20.43 10.95 -11.80
N ARG A 607 21.46 11.51 -12.43
CA ARG A 607 22.78 10.91 -12.35
C ARG A 607 23.41 11.10 -10.98
N SER A 608 23.10 12.20 -10.30
CA SER A 608 23.65 12.43 -8.97
C SER A 608 23.01 11.54 -7.91
N ALA A 609 21.84 10.97 -8.18
CA ALA A 609 21.17 10.06 -7.27
C ALA A 609 21.53 8.61 -7.53
N GLY A 610 22.36 8.32 -8.52
CA GLY A 610 22.83 6.98 -8.78
C GLY A 610 22.15 6.25 -9.91
N ILE A 611 21.33 6.93 -10.70
CA ILE A 611 20.57 6.30 -11.77
C ILE A 611 21.34 6.41 -13.07
N LYS A 612 21.47 5.28 -13.77
CA LYS A 612 22.17 5.24 -15.05
C LYS A 612 21.20 5.52 -16.19
N VAL A 613 21.47 6.56 -16.97
CA VAL A 613 20.55 7.04 -18.00
C VAL A 613 21.06 6.59 -19.37
N ILE A 614 20.25 5.82 -20.09
CA ILE A 614 20.61 5.26 -21.38
C ILE A 614 19.66 5.83 -22.43
N MET A 615 20.22 6.32 -23.53
CA MET A 615 19.41 6.84 -24.63
C MET A 615 19.15 5.75 -25.66
N VAL A 616 17.89 5.62 -26.07
CA VAL A 616 17.45 4.64 -27.05
C VAL A 616 16.55 5.37 -28.05
N THR A 617 16.91 5.33 -29.33
CA THR A 617 16.16 6.14 -30.28
C THR A 617 16.14 5.48 -31.65
N GLY A 618 15.19 5.91 -32.47
CA GLY A 618 15.07 5.52 -33.86
C GLY A 618 15.72 6.47 -34.85
N ASP A 619 16.45 7.47 -34.37
CA ASP A 619 17.09 8.46 -35.20
C ASP A 619 18.50 8.03 -35.59
N HIS A 620 19.10 8.78 -36.50
CA HIS A 620 20.46 8.56 -36.96
C HIS A 620 21.46 8.96 -35.89
N PRO A 621 22.65 8.32 -35.87
CA PRO A 621 23.57 8.51 -34.74
C PRO A 621 24.20 9.89 -34.63
N ILE A 622 24.18 10.72 -35.68
CA ILE A 622 24.82 12.03 -35.60
C ILE A 622 23.98 12.96 -34.73
N THR A 623 22.69 13.09 -35.08
CA THR A 623 21.77 13.88 -34.27
C THR A 623 21.58 13.28 -32.88
N ALA A 624 21.63 11.95 -32.78
CA ALA A 624 21.50 11.26 -31.50
C ALA A 624 22.66 11.58 -30.57
N LYS A 625 23.90 11.51 -31.08
CA LYS A 625 25.06 11.79 -30.26
C LYS A 625 25.18 13.27 -29.92
N ALA A 626 24.77 14.15 -30.84
CA ALA A 626 24.77 15.58 -30.54
C ALA A 626 23.75 15.92 -29.45
N ILE A 627 22.56 15.34 -29.52
CA ILE A 627 21.55 15.56 -28.50
C ILE A 627 22.00 14.96 -27.16
N ALA A 628 22.64 13.79 -27.19
CA ALA A 628 23.10 13.15 -25.96
C ALA A 628 24.26 13.88 -25.31
N LYS A 629 25.05 14.61 -26.08
CA LYS A 629 26.01 15.50 -25.46
C LYS A 629 25.37 16.80 -24.98
N GLY A 630 24.28 17.22 -25.63
CA GLY A 630 23.63 18.45 -25.22
C GLY A 630 22.86 18.34 -23.92
N VAL A 631 22.13 17.24 -23.73
CA VAL A 631 21.33 17.03 -22.54
C VAL A 631 22.18 16.54 -21.36
N GLY A 632 23.35 15.99 -21.64
CA GLY A 632 24.26 15.62 -20.58
C GLY A 632 24.32 14.15 -20.28
N ILE A 633 23.83 13.30 -21.18
CA ILE A 633 23.97 11.86 -21.01
C ILE A 633 25.41 11.45 -21.24
N ILE A 634 26.07 12.04 -22.23
CA ILE A 634 27.51 11.89 -22.44
C ILE A 634 28.18 13.15 -21.93
N SER A 635 28.96 13.01 -20.86
CA SER A 635 29.53 14.17 -20.18
C SER A 635 30.83 14.61 -20.86
N GLU A 636 31.39 15.71 -20.37
CA GLU A 636 32.61 16.26 -20.94
C GLU A 636 33.83 15.45 -20.51
N GLY A 637 34.85 15.44 -21.35
CA GLY A 637 36.04 14.65 -21.14
C GLY A 637 35.89 13.19 -21.57
N ASN A 638 34.80 12.55 -21.14
CA ASN A 638 34.48 11.20 -21.57
C ASN A 638 34.11 11.21 -23.04
N GLU A 639 34.87 10.47 -23.84
CA GLU A 639 34.68 10.39 -25.28
C GLU A 639 34.85 8.96 -25.77
N THR A 640 34.29 8.68 -26.94
CA THR A 640 34.06 7.31 -27.40
C THR A 640 35.32 6.66 -27.98
N VAL A 641 35.15 5.55 -28.68
CA VAL A 641 36.28 4.89 -29.32
C VAL A 641 36.69 5.64 -30.58
N GLU A 642 35.71 6.09 -31.36
CA GLU A 642 36.00 6.81 -32.60
C GLU A 642 36.63 8.16 -32.34
N ASP A 643 36.29 8.82 -31.23
CA ASP A 643 36.96 10.07 -30.88
C ASP A 643 38.42 9.83 -30.48
N ILE A 644 38.72 8.66 -29.91
CA ILE A 644 40.11 8.31 -29.63
C ILE A 644 40.86 8.09 -30.94
N ALA A 645 40.30 7.25 -31.81
CA ALA A 645 40.95 6.91 -33.08
C ALA A 645 41.03 8.09 -34.03
N ALA A 646 40.21 9.12 -33.85
CA ALA A 646 40.36 10.34 -34.62
C ALA A 646 41.28 11.34 -33.95
N ARG A 647 41.35 11.32 -32.62
CA ARG A 647 42.25 12.21 -31.90
C ARG A 647 43.70 11.75 -32.02
N LEU A 648 43.90 10.46 -32.25
CA LEU A 648 45.24 9.89 -32.31
C LEU A 648 45.61 9.38 -33.70
N ASN A 649 44.68 9.46 -34.66
CA ASN A 649 44.88 9.07 -36.06
C ASN A 649 45.30 7.60 -36.17
N ILE A 650 44.44 6.74 -35.64
CA ILE A 650 44.68 5.31 -35.53
C ILE A 650 43.48 4.64 -36.19
N PRO A 651 43.63 3.49 -36.86
CA PRO A 651 42.45 2.68 -37.20
C PRO A 651 41.76 2.18 -35.95
N VAL A 652 40.43 2.08 -36.02
CA VAL A 652 39.62 1.76 -34.84
C VAL A 652 39.81 0.34 -34.36
N SER A 653 40.38 -0.54 -35.19
CA SER A 653 40.71 -1.90 -34.76
C SER A 653 42.12 -2.00 -34.19
N GLN A 654 42.74 -0.86 -33.88
CA GLN A 654 44.06 -0.80 -33.24
C GLN A 654 43.99 0.03 -31.97
N VAL A 655 42.83 0.02 -31.31
CA VAL A 655 42.64 0.70 -30.03
C VAL A 655 41.75 -0.16 -29.15
N ASN A 656 42.15 -0.29 -27.88
CA ASN A 656 41.48 -1.19 -26.95
C ASN A 656 40.07 -0.69 -26.63
N PRO A 657 39.03 -1.52 -26.79
CA PRO A 657 37.66 -1.06 -26.52
C PRO A 657 37.36 -0.82 -25.05
N ARG A 658 38.22 -1.24 -24.13
CA ARG A 658 38.07 -0.91 -22.72
C ARG A 658 38.70 0.43 -22.37
N ASP A 659 39.22 1.16 -23.34
CA ASP A 659 39.82 2.46 -23.05
C ASP A 659 38.73 3.52 -22.84
N ALA A 660 37.72 3.52 -23.70
CA ALA A 660 36.65 4.51 -23.63
C ALA A 660 35.56 4.06 -22.68
N LYS A 661 34.83 5.03 -22.13
CA LYS A 661 33.73 4.79 -21.21
C LYS A 661 32.39 5.23 -21.76
N ALA A 662 32.32 5.56 -23.05
CA ALA A 662 31.09 5.92 -23.73
C ALA A 662 31.00 5.19 -25.05
N CYS A 663 29.79 4.78 -25.44
CA CYS A 663 29.64 4.04 -26.68
C CYS A 663 28.36 4.46 -27.39
N VAL A 664 28.41 4.44 -28.72
CA VAL A 664 27.27 4.72 -29.57
C VAL A 664 27.09 3.50 -30.48
N VAL A 665 26.08 2.69 -30.17
CA VAL A 665 25.86 1.42 -30.86
C VAL A 665 24.77 1.61 -31.90
N HIS A 666 25.11 1.41 -33.17
CA HIS A 666 24.11 1.44 -34.23
C HIS A 666 23.22 0.22 -34.12
N GLY A 667 21.94 0.39 -34.49
CA GLY A 667 20.97 -0.66 -34.34
C GLY A 667 21.15 -1.83 -35.28
N SER A 668 21.82 -1.61 -36.42
CA SER A 668 22.12 -2.72 -37.32
C SER A 668 23.18 -3.65 -36.76
N ASP A 669 24.01 -3.17 -35.83
CA ASP A 669 24.97 -4.04 -35.15
C ASP A 669 24.37 -4.72 -33.93
N LEU A 670 23.15 -4.37 -33.53
CA LEU A 670 22.45 -5.15 -32.52
C LEU A 670 21.90 -6.44 -33.11
N LYS A 671 21.69 -6.46 -34.44
CA LYS A 671 21.04 -7.59 -35.09
C LYS A 671 21.90 -8.84 -35.07
N ASP A 672 23.20 -8.70 -35.32
CA ASP A 672 24.13 -9.82 -35.30
C ASP A 672 24.75 -10.06 -33.93
N MET A 673 24.24 -9.40 -32.90
CA MET A 673 24.81 -9.46 -31.56
C MET A 673 24.23 -10.66 -30.81
N THR A 674 25.07 -11.27 -29.98
CA THR A 674 24.64 -12.34 -29.10
C THR A 674 24.18 -11.71 -27.78
N SER A 675 23.40 -12.46 -27.00
CA SER A 675 22.83 -11.94 -25.76
C SER A 675 23.87 -11.60 -24.70
N GLU A 676 25.08 -12.17 -24.79
CA GLU A 676 26.12 -11.89 -23.81
C GLU A 676 27.13 -10.85 -24.28
N GLN A 677 27.10 -10.45 -25.55
CA GLN A 677 27.85 -9.27 -25.95
C GLN A 677 27.11 -7.99 -25.57
N LEU A 678 25.78 -8.06 -25.56
CA LEU A 678 24.97 -6.98 -25.04
C LEU A 678 25.21 -6.76 -23.56
N ASP A 679 25.43 -7.85 -22.81
CA ASP A 679 25.82 -7.73 -21.42
C ASP A 679 27.18 -7.08 -21.25
N ASP A 680 28.10 -7.31 -22.20
CA ASP A 680 29.39 -6.65 -22.16
C ASP A 680 29.25 -5.15 -22.40
N ILE A 681 28.39 -4.78 -23.36
CA ILE A 681 28.14 -3.36 -23.66
C ILE A 681 27.52 -2.67 -22.45
N LEU A 682 26.54 -3.30 -21.82
CA LEU A 682 25.90 -2.70 -20.66
C LEU A 682 26.80 -2.73 -19.43
N LYS A 683 27.75 -3.66 -19.39
CA LYS A 683 28.57 -3.87 -18.20
C LYS A 683 29.74 -2.91 -18.14
N TYR A 684 30.41 -2.67 -19.26
CA TYR A 684 31.69 -1.98 -19.21
C TYR A 684 31.62 -0.48 -19.45
N HIS A 685 30.54 0.02 -20.03
CA HIS A 685 30.39 1.45 -20.26
C HIS A 685 29.44 2.05 -19.25
N THR A 686 29.46 3.39 -19.17
CA THR A 686 28.57 4.12 -18.28
C THR A 686 27.66 5.09 -18.99
N GLU A 687 27.99 5.47 -20.23
CA GLU A 687 27.19 6.43 -21.01
C GLU A 687 26.89 5.80 -22.36
N ILE A 688 25.71 5.19 -22.50
CA ILE A 688 25.37 4.38 -23.66
C ILE A 688 24.33 5.11 -24.50
N VAL A 689 24.51 5.08 -25.81
CA VAL A 689 23.55 5.61 -26.78
C VAL A 689 23.29 4.52 -27.81
N PHE A 690 22.03 4.16 -28.00
CA PHE A 690 21.59 3.28 -29.07
C PHE A 690 20.87 4.11 -30.12
N ALA A 691 21.15 3.84 -31.40
CA ALA A 691 20.52 4.59 -32.47
C ALA A 691 20.09 3.65 -33.58
N ARG A 692 19.14 4.13 -34.40
CA ARG A 692 18.43 3.35 -35.41
C ARG A 692 17.84 2.06 -34.83
N THR A 693 17.09 2.22 -33.75
CA THR A 693 16.54 1.09 -33.05
C THR A 693 15.16 0.75 -33.59
N SER A 694 14.89 -0.55 -33.68
CA SER A 694 13.59 -1.06 -34.05
C SER A 694 12.65 -0.99 -32.85
N PRO A 695 11.34 -1.08 -33.06
CA PRO A 695 10.43 -1.24 -31.90
C PRO A 695 10.69 -2.51 -31.11
N GLN A 696 11.12 -3.59 -31.77
CA GLN A 696 11.41 -4.83 -31.07
C GLN A 696 12.73 -4.76 -30.33
N GLN A 697 13.67 -3.92 -30.78
CA GLN A 697 15.00 -3.95 -30.20
C GLN A 697 15.11 -3.15 -28.92
N LYS A 698 14.25 -2.16 -28.70
CA LYS A 698 14.15 -1.53 -27.40
C LYS A 698 13.71 -2.51 -26.34
N LEU A 699 12.88 -3.48 -26.71
CA LEU A 699 12.50 -4.56 -25.81
C LEU A 699 13.70 -5.44 -25.46
N ILE A 700 14.56 -5.70 -26.45
CA ILE A 700 15.79 -6.45 -26.23
C ILE A 700 16.72 -5.71 -25.27
N ILE A 701 16.79 -4.39 -25.42
CA ILE A 701 17.66 -3.57 -24.56
C ILE A 701 17.12 -3.51 -23.13
N VAL A 702 15.80 -3.38 -22.98
CA VAL A 702 15.19 -3.35 -21.65
C VAL A 702 15.36 -4.69 -20.96
N GLU A 703 15.19 -5.79 -21.69
CA GLU A 703 15.42 -7.11 -21.09
C GLU A 703 16.89 -7.36 -20.80
N GLY A 704 17.80 -6.77 -21.58
CA GLY A 704 19.22 -6.91 -21.30
C GLY A 704 19.66 -6.16 -20.06
N CYS A 705 19.07 -5.00 -19.81
CA CYS A 705 19.33 -4.32 -18.54
C CYS A 705 18.64 -5.03 -17.38
N GLN A 706 17.44 -5.57 -17.60
CA GLN A 706 16.71 -6.26 -16.54
C GLN A 706 17.36 -7.58 -16.16
N ARG A 707 18.10 -8.20 -17.09
CA ARG A 707 18.63 -9.53 -16.88
C ARG A 707 19.71 -9.56 -15.81
N GLN A 708 20.56 -8.54 -15.77
CA GLN A 708 21.56 -8.43 -14.72
C GLN A 708 21.04 -7.62 -13.53
N GLY A 709 19.84 -7.98 -13.05
CA GLY A 709 19.27 -7.49 -11.81
C GLY A 709 19.09 -6.00 -11.66
N ALA A 710 18.17 -5.39 -12.40
CA ALA A 710 17.96 -3.96 -12.32
C ALA A 710 16.46 -3.65 -12.34
N ILE A 711 16.12 -2.48 -11.84
CA ILE A 711 14.79 -1.91 -11.95
C ILE A 711 14.85 -0.83 -13.01
N VAL A 712 14.13 -1.02 -14.10
CA VAL A 712 14.28 -0.22 -15.31
C VAL A 712 13.02 0.60 -15.53
N ALA A 713 13.15 1.91 -15.45
CA ALA A 713 12.10 2.81 -15.90
C ALA A 713 12.28 3.08 -17.39
N VAL A 714 11.17 3.30 -18.08
CA VAL A 714 11.20 3.63 -19.51
C VAL A 714 10.26 4.79 -19.75
N THR A 715 10.78 5.86 -20.35
CA THR A 715 9.99 7.02 -20.70
C THR A 715 9.78 7.06 -22.21
N GLY A 716 8.58 7.44 -22.64
CA GLY A 716 8.28 7.37 -24.06
C GLY A 716 7.08 8.22 -24.42
N ASP A 717 6.91 8.40 -25.74
CA ASP A 717 5.82 9.23 -26.25
C ASP A 717 5.03 8.53 -27.35
N GLY A 718 5.68 7.71 -28.16
CA GLY A 718 5.11 7.20 -29.38
C GLY A 718 4.70 5.74 -29.31
N VAL A 719 4.20 5.25 -30.44
CA VAL A 719 3.76 3.87 -30.51
C VAL A 719 4.95 2.92 -30.63
N ASN A 720 6.05 3.36 -31.22
CA ASN A 720 7.26 2.54 -31.31
C ASN A 720 7.98 2.37 -29.97
N ASP A 721 7.50 2.97 -28.88
CA ASP A 721 7.99 2.66 -27.55
C ASP A 721 7.02 1.83 -26.74
N SER A 722 5.87 1.47 -27.31
CA SER A 722 4.83 0.75 -26.56
C SER A 722 5.16 -0.69 -26.15
N PRO A 723 5.98 -1.49 -26.88
CA PRO A 723 6.47 -2.73 -26.25
C PRO A 723 7.39 -2.49 -25.06
N ALA A 724 8.35 -1.57 -25.20
CA ALA A 724 9.31 -1.31 -24.13
C ALA A 724 8.66 -0.68 -22.92
N LEU A 725 7.56 0.04 -23.10
CA LEU A 725 6.79 0.55 -21.97
C LEU A 725 6.05 -0.55 -21.23
N LYS A 726 5.80 -1.68 -21.89
CA LYS A 726 5.07 -2.77 -21.26
C LYS A 726 5.97 -3.73 -20.50
N LYS A 727 7.21 -3.91 -20.96
CA LYS A 727 8.14 -4.81 -20.30
C LYS A 727 8.77 -4.20 -19.06
N ALA A 728 8.87 -2.88 -19.01
CA ALA A 728 9.62 -2.18 -17.97
C ALA A 728 8.91 -2.30 -16.62
N ASP A 729 9.66 -1.99 -15.56
CA ASP A 729 9.08 -1.98 -14.22
C ASP A 729 8.09 -0.83 -14.07
N ILE A 730 8.41 0.32 -14.65
CA ILE A 730 7.48 1.42 -14.74
C ILE A 730 7.64 2.10 -16.09
N GLY A 731 6.53 2.33 -16.76
CA GLY A 731 6.51 3.07 -17.99
C GLY A 731 5.89 4.44 -17.79
N VAL A 732 6.60 5.48 -18.21
CA VAL A 732 6.15 6.85 -18.10
C VAL A 732 5.88 7.36 -19.51
N ALA A 733 4.66 7.82 -19.75
CA ALA A 733 4.28 8.38 -21.04
C ALA A 733 4.22 9.89 -20.97
N MET A 734 4.45 10.52 -22.10
CA MET A 734 4.35 11.97 -22.21
C MET A 734 2.90 12.35 -22.53
N GLY A 735 2.37 13.33 -21.82
CA GLY A 735 0.95 13.61 -21.84
C GLY A 735 0.41 14.37 -23.03
N ILE A 736 0.96 15.55 -23.32
CA ILE A 736 0.46 16.37 -24.42
C ILE A 736 0.86 15.77 -25.75
N ALA A 737 2.15 15.55 -25.95
CA ALA A 737 2.69 15.13 -27.24
C ALA A 737 2.71 13.62 -27.42
N GLY A 738 1.99 12.88 -26.60
CA GLY A 738 2.06 11.44 -26.65
C GLY A 738 0.96 10.80 -27.46
N SER A 739 1.30 9.64 -28.03
CA SER A 739 0.36 8.85 -28.81
C SER A 739 -0.70 8.24 -27.88
N ASP A 740 -1.80 7.81 -28.49
CA ASP A 740 -2.87 7.20 -27.71
C ASP A 740 -2.52 5.76 -27.35
N VAL A 741 -1.61 5.14 -28.10
CA VAL A 741 -1.19 3.77 -27.80
C VAL A 741 -0.30 3.75 -26.56
N SER A 742 0.63 4.71 -26.46
CA SER A 742 1.57 4.71 -25.34
C SER A 742 0.91 5.11 -24.04
N LYS A 743 -0.18 5.88 -24.11
CA LYS A 743 -0.92 6.21 -22.90
C LYS A 743 -1.75 5.06 -22.36
N GLN A 744 -1.91 3.98 -23.11
CA GLN A 744 -2.56 2.78 -22.61
C GLN A 744 -1.56 1.77 -22.08
N ALA A 745 -0.33 1.80 -22.56
CA ALA A 745 0.71 0.86 -22.16
C ALA A 745 1.56 1.35 -21.00
N ALA A 746 1.22 2.49 -20.41
CA ALA A 746 2.05 3.12 -19.40
C ALA A 746 1.47 2.95 -18.01
N ASP A 747 2.33 3.13 -17.00
CA ASP A 747 1.93 3.18 -15.61
C ASP A 747 1.80 4.59 -15.08
N MET A 748 2.51 5.55 -15.67
CA MET A 748 2.40 6.96 -15.30
C MET A 748 2.20 7.79 -16.55
N ILE A 749 1.52 8.92 -16.40
CA ILE A 749 1.39 9.90 -17.48
C ILE A 749 1.82 11.26 -16.93
N LEU A 750 2.79 11.89 -17.59
CA LEU A 750 3.21 13.24 -17.23
C LEU A 750 2.27 14.23 -17.91
N LEU A 751 1.33 14.77 -17.15
CA LEU A 751 0.18 15.48 -17.71
C LEU A 751 0.49 16.89 -18.20
N ASP A 752 1.75 17.33 -18.17
CA ASP A 752 2.11 18.63 -18.71
C ASP A 752 3.42 18.61 -19.47
N ASP A 753 3.96 17.41 -19.75
CA ASP A 753 5.24 17.21 -20.44
C ASP A 753 6.39 17.91 -19.72
N ASN A 754 6.40 17.83 -18.39
CA ASN A 754 7.48 18.37 -17.57
C ASN A 754 8.34 17.20 -17.12
N PHE A 755 9.51 17.06 -17.73
CA PHE A 755 10.38 15.92 -17.48
C PHE A 755 11.01 15.97 -16.10
N ALA A 756 11.17 17.16 -15.53
CA ALA A 756 11.70 17.29 -14.18
C ALA A 756 10.72 16.84 -13.10
N SER A 757 9.49 16.49 -13.47
CA SER A 757 8.62 15.77 -12.55
C SER A 757 9.14 14.38 -12.27
N ILE A 758 9.87 13.79 -13.23
CA ILE A 758 10.47 12.45 -13.08
C ILE A 758 11.36 12.39 -11.84
N VAL A 759 12.23 13.40 -11.68
CA VAL A 759 13.10 13.51 -10.52
C VAL A 759 12.27 13.64 -9.24
N THR A 760 11.18 14.41 -9.32
CA THR A 760 10.28 14.53 -8.18
C THR A 760 9.62 13.19 -7.87
N GLY A 761 9.26 12.44 -8.91
CA GLY A 761 8.74 11.11 -8.73
C GLY A 761 9.74 10.13 -8.14
N VAL A 762 11.03 10.40 -8.33
CA VAL A 762 12.03 9.58 -7.66
C VAL A 762 12.04 9.89 -6.17
N GLU A 763 11.94 11.18 -5.83
CA GLU A 763 12.14 11.61 -4.45
C GLU A 763 11.03 11.11 -3.54
N GLU A 764 9.77 11.40 -3.91
CA GLU A 764 8.66 10.83 -3.18
C GLU A 764 8.50 9.32 -3.39
N GLY A 765 9.25 8.70 -4.29
CA GLY A 765 9.30 7.27 -4.33
C GLY A 765 10.18 6.73 -3.23
N ARG A 766 11.28 7.42 -2.94
CA ARG A 766 12.17 6.99 -1.87
C ARG A 766 11.65 7.34 -0.50
N LEU A 767 10.76 8.31 -0.40
CA LEU A 767 10.25 8.74 0.89
C LEU A 767 9.16 7.81 1.38
N ILE A 768 8.25 7.40 0.49
CA ILE A 768 7.14 6.56 0.92
C ILE A 768 7.63 5.18 1.34
N PHE A 769 8.70 4.69 0.70
CA PHE A 769 9.32 3.45 1.13
C PHE A 769 9.93 3.58 2.52
N ASP A 770 10.39 4.76 2.89
CA ASP A 770 10.86 4.93 4.26
C ASP A 770 9.73 5.21 5.21
N ASN A 771 8.59 5.70 4.72
CA ASN A 771 7.48 5.97 5.62
C ASN A 771 6.66 4.74 5.89
N LEU A 772 6.79 3.71 5.06
CA LEU A 772 6.02 2.49 5.22
C LEU A 772 6.53 1.66 6.38
N LYS A 773 7.87 1.51 6.46
CA LYS A 773 8.56 0.76 7.51
C LYS A 773 8.08 1.16 8.89
N LYS A 774 8.13 2.48 9.16
CA LYS A 774 7.67 3.05 10.42
C LYS A 774 6.25 2.63 10.74
N SER A 775 5.34 2.74 9.76
CA SER A 775 3.96 2.37 9.99
C SER A 775 3.82 0.87 10.22
N ILE A 776 4.62 0.07 9.49
CA ILE A 776 4.63 -1.36 9.69
C ILE A 776 5.13 -1.70 11.09
N ALA A 777 6.16 -0.97 11.55
CA ALA A 777 6.67 -1.19 12.89
C ALA A 777 5.64 -0.82 13.94
N TYR A 778 4.87 0.24 13.65
CA TYR A 778 3.82 0.64 14.58
C TYR A 778 2.72 -0.40 14.64
N THR A 779 2.46 -1.06 13.53
CA THR A 779 1.43 -2.06 13.52
C THR A 779 1.92 -3.44 13.99
N LEU A 780 3.22 -3.63 14.18
CA LEU A 780 3.63 -4.96 14.60
C LEU A 780 3.85 -5.06 16.09
N THR A 781 4.29 -3.95 16.71
CA THR A 781 4.58 -3.90 18.14
C THR A 781 3.36 -4.28 18.97
N SER A 782 2.20 -3.72 18.63
CA SER A 782 0.97 -4.01 19.36
C SER A 782 0.47 -5.43 19.19
N ASN A 783 1.10 -6.24 18.32
CA ASN A 783 0.79 -7.66 18.27
C ASN A 783 1.19 -8.36 19.56
N ILE A 784 2.27 -7.89 20.19
CA ILE A 784 2.84 -8.62 21.33
C ILE A 784 2.01 -8.46 22.61
N PRO A 785 1.42 -7.28 22.97
CA PRO A 785 0.45 -7.34 24.09
C PRO A 785 -0.94 -7.80 23.67
N GLU A 786 -0.95 -8.79 22.78
CA GLU A 786 -2.16 -9.44 22.28
C GLU A 786 -1.98 -10.97 22.25
N ILE A 787 -0.73 -11.42 22.09
CA ILE A 787 -0.37 -12.83 22.04
C ILE A 787 -0.06 -13.35 23.43
N THR A 788 0.78 -12.64 24.16
CA THR A 788 1.18 -13.04 25.51
C THR A 788 0.06 -13.12 26.55
N PRO A 789 -1.10 -12.44 26.44
CA PRO A 789 -2.21 -12.82 27.32
C PRO A 789 -2.69 -14.25 27.15
N PHE A 790 -2.66 -14.78 25.93
CA PHE A 790 -3.13 -16.14 25.73
C PHE A 790 -2.07 -17.16 26.11
N LEU A 791 -0.80 -16.79 26.13
CA LEU A 791 0.22 -17.77 26.48
C LEU A 791 0.29 -17.97 27.99
N ILE A 792 0.31 -16.89 28.75
CA ILE A 792 0.30 -16.94 30.21
C ILE A 792 -1.00 -17.52 30.74
N PHE A 793 -2.07 -17.46 29.95
CA PHE A 793 -3.32 -18.14 30.26
C PHE A 793 -3.15 -19.65 30.32
N ILE A 794 -2.25 -20.21 29.51
CA ILE A 794 -2.15 -21.66 29.43
C ILE A 794 -0.89 -22.16 30.15
N ILE A 795 0.10 -21.28 30.32
CA ILE A 795 1.27 -21.66 31.10
C ILE A 795 0.95 -21.61 32.58
N ALA A 796 0.39 -20.48 33.04
CA ALA A 796 0.28 -20.19 34.45
C ALA A 796 -1.07 -20.53 35.06
N ASN A 797 -2.08 -20.82 34.24
CA ASN A 797 -3.45 -21.12 34.65
C ASN A 797 -4.05 -19.96 35.44
N ILE A 798 -4.14 -18.82 34.78
CA ILE A 798 -4.53 -17.58 35.40
C ILE A 798 -5.83 -17.17 34.70
N PRO A 799 -6.72 -16.38 35.31
CA PRO A 799 -7.89 -15.89 34.57
C PRO A 799 -7.47 -15.03 33.39
N LEU A 800 -8.23 -15.13 32.30
CA LEU A 800 -7.80 -14.63 31.00
C LEU A 800 -7.79 -13.11 30.94
N PRO A 801 -6.65 -12.47 30.65
CA PRO A 801 -6.56 -11.02 30.73
C PRO A 801 -7.13 -10.25 29.54
N LEU A 802 -7.48 -10.89 28.43
CA LEU A 802 -7.84 -10.15 27.24
C LEU A 802 -8.70 -11.03 26.33
N GLY A 803 -9.74 -10.44 25.75
CA GLY A 803 -10.64 -11.16 24.88
C GLY A 803 -10.35 -10.95 23.40
N THR A 804 -11.16 -11.60 22.57
CA THR A 804 -10.99 -11.53 21.11
C THR A 804 -11.62 -10.29 20.50
N VAL A 805 -12.78 -9.88 21.01
CA VAL A 805 -13.45 -8.66 20.56
C VAL A 805 -12.61 -7.43 20.86
N THR A 806 -12.02 -7.38 22.04
CA THR A 806 -11.19 -6.24 22.40
C THR A 806 -9.83 -6.28 21.73
N ILE A 807 -9.46 -7.41 21.12
CA ILE A 807 -8.30 -7.43 20.24
C ILE A 807 -8.66 -6.83 18.90
N LEU A 808 -9.85 -7.16 18.37
CA LEU A 808 -10.31 -6.57 17.11
C LEU A 808 -10.52 -5.07 17.21
N CYS A 809 -10.93 -4.59 18.39
CA CYS A 809 -11.11 -3.16 18.59
C CYS A 809 -9.80 -2.40 18.68
N ILE A 810 -8.68 -3.09 18.94
CA ILE A 810 -7.39 -2.41 19.00
C ILE A 810 -6.95 -1.98 17.62
N ASP A 811 -6.83 -2.96 16.74
CA ASP A 811 -6.33 -2.77 15.39
C ASP A 811 -7.35 -2.19 14.43
N LEU A 812 -8.55 -2.76 14.40
CA LEU A 812 -9.51 -2.21 13.46
C LEU A 812 -10.00 -0.84 13.88
N GLY A 813 -9.65 -0.41 15.08
CA GLY A 813 -10.09 0.83 15.66
C GLY A 813 -8.97 1.83 15.80
N THR A 814 -8.35 1.84 16.99
CA THR A 814 -7.38 2.83 17.42
C THR A 814 -6.05 2.77 16.68
N ASP A 815 -5.78 1.77 15.86
CA ASP A 815 -4.47 1.71 15.23
C ASP A 815 -4.45 2.21 13.79
N MET A 816 -5.60 2.45 13.18
CA MET A 816 -5.63 2.77 11.75
C MET A 816 -5.12 4.17 11.49
N VAL A 817 -5.67 5.17 12.18
CA VAL A 817 -5.31 6.57 11.99
C VAL A 817 -3.87 6.87 12.41
N PRO A 818 -3.33 6.41 13.57
CA PRO A 818 -1.92 6.69 13.86
C PRO A 818 -0.94 6.00 12.94
N ALA A 819 -1.32 4.90 12.29
CA ALA A 819 -0.40 4.29 11.33
C ALA A 819 -0.47 4.99 9.98
N ILE A 820 -1.67 5.42 9.58
CA ILE A 820 -1.83 6.16 8.33
C ILE A 820 -1.18 7.54 8.43
N SER A 821 -1.13 8.11 9.63
CA SER A 821 -0.54 9.44 9.82
C SER A 821 0.97 9.46 9.62
N LEU A 822 1.64 8.32 9.76
CA LEU A 822 3.08 8.26 9.57
C LEU A 822 3.52 8.42 8.12
N ALA A 823 2.60 8.32 7.16
CA ALA A 823 2.90 8.54 5.75
C ALA A 823 3.08 10.01 5.40
N TYR A 824 2.92 10.93 6.34
CA TYR A 824 3.12 12.34 6.08
C TYR A 824 4.44 12.84 6.65
N GLU A 825 5.27 11.97 7.17
CA GLU A 825 6.55 12.36 7.72
C GLU A 825 7.48 12.82 6.61
N GLN A 826 8.36 13.76 6.94
CA GLN A 826 9.32 14.24 5.97
C GLN A 826 10.59 13.41 6.01
N ALA A 827 11.52 13.70 5.10
CA ALA A 827 12.79 13.01 5.12
C ALA A 827 13.67 13.54 6.24
N GLU A 828 14.47 12.65 6.82
CA GLU A 828 15.39 13.06 7.87
C GLU A 828 16.68 13.64 7.30
N SER A 829 17.24 12.98 6.30
CA SER A 829 18.42 13.44 5.57
C SER A 829 17.97 13.87 4.17
N ASP A 830 18.93 14.17 3.30
CA ASP A 830 18.61 14.47 1.92
C ASP A 830 18.68 13.15 1.15
N ILE A 831 17.53 12.61 0.79
CA ILE A 831 17.42 11.24 0.29
C ILE A 831 17.90 11.07 -1.13
N MET A 832 18.15 12.16 -1.86
CA MET A 832 18.67 12.08 -3.21
C MET A 832 20.19 12.04 -3.25
N LYS A 833 20.85 11.88 -2.11
CA LYS A 833 22.28 11.59 -2.10
C LYS A 833 22.55 10.10 -1.96
N ARG A 834 21.53 9.30 -1.66
CA ARG A 834 21.70 7.88 -1.48
C ARG A 834 21.66 7.16 -2.83
N GLN A 835 22.29 6.00 -2.87
CA GLN A 835 22.22 5.12 -4.02
C GLN A 835 20.88 4.39 -4.03
N PRO A 836 20.47 3.81 -5.16
CA PRO A 836 19.25 3.00 -5.17
C PRO A 836 19.38 1.75 -4.30
N ARG A 837 18.24 1.30 -3.80
CA ARG A 837 18.23 0.14 -2.92
C ARG A 837 18.43 -1.14 -3.70
N ASN A 838 19.14 -2.08 -3.10
CA ASN A 838 19.27 -3.40 -3.68
C ASN A 838 17.94 -4.14 -3.56
N PRO A 839 17.53 -4.85 -4.58
CA PRO A 839 16.30 -5.66 -4.44
C PRO A 839 16.52 -6.95 -3.68
N LYS A 840 17.70 -7.57 -3.82
CA LYS A 840 17.93 -8.89 -3.23
C LYS A 840 18.25 -8.78 -1.74
N THR A 841 19.20 -7.92 -1.37
CA THR A 841 19.32 -7.49 0.02
C THR A 841 18.35 -6.33 0.24
N ASP A 842 18.45 -5.66 1.38
CA ASP A 842 17.79 -4.36 1.65
C ASP A 842 16.26 -4.48 1.56
N LYS A 843 15.70 -5.38 2.36
CA LYS A 843 14.27 -5.67 2.32
C LYS A 843 13.49 -4.56 3.01
N LEU A 844 12.18 -4.58 2.79
CA LEU A 844 11.27 -3.69 3.53
C LEU A 844 11.19 -4.10 4.99
N VAL A 845 10.84 -5.35 5.24
CA VAL A 845 10.84 -5.93 6.59
C VAL A 845 11.97 -6.92 6.67
N ASN A 846 12.90 -6.69 7.58
CA ASN A 846 14.05 -7.57 7.76
C ASN A 846 14.05 -8.10 9.19
N GLU A 847 15.17 -8.72 9.58
CA GLU A 847 15.28 -9.30 10.91
C GLU A 847 15.41 -8.24 12.00
N ARG A 848 15.83 -7.03 11.65
CA ARG A 848 16.05 -5.98 12.64
C ARG A 848 14.77 -5.24 12.99
N LEU A 849 13.88 -5.04 12.02
CA LEU A 849 12.55 -4.52 12.32
C LEU A 849 11.75 -5.51 13.14
N ILE A 850 11.88 -6.81 12.84
CA ILE A 850 11.22 -7.86 13.60
C ILE A 850 11.76 -7.90 15.02
N SER A 851 13.08 -7.83 15.16
CA SER A 851 13.71 -7.86 16.48
C SER A 851 13.31 -6.66 17.33
N MET A 852 13.27 -5.48 16.72
CA MET A 852 12.90 -4.27 17.43
C MET A 852 11.41 -4.24 17.79
N ALA A 853 10.54 -4.67 16.89
CA ALA A 853 9.11 -4.60 17.16
C ALA A 853 8.64 -5.70 18.10
N TYR A 854 9.03 -6.95 17.85
CA TYR A 854 8.57 -8.08 18.65
C TYR A 854 9.40 -8.26 19.91
N GLY A 855 10.72 -8.17 19.82
CA GLY A 855 11.54 -8.54 20.94
C GLY A 855 11.81 -7.46 21.96
N GLN A 856 11.66 -6.18 21.60
CA GLN A 856 12.05 -5.11 22.51
C GLN A 856 10.88 -4.22 22.94
N ILE A 857 10.17 -3.58 22.02
CA ILE A 857 9.12 -2.64 22.42
C ILE A 857 7.84 -3.38 22.78
N GLY A 858 7.59 -4.52 22.12
CA GLY A 858 6.41 -5.30 22.40
C GLY A 858 6.39 -5.92 23.78
N MET A 859 7.56 -6.25 24.32
CA MET A 859 7.62 -6.83 25.66
C MET A 859 7.33 -5.81 26.73
N ILE A 860 7.80 -4.57 26.54
CA ILE A 860 7.45 -3.50 27.46
C ILE A 860 5.98 -3.16 27.37
N GLN A 861 5.42 -3.22 26.15
CA GLN A 861 3.99 -3.01 25.96
C GLN A 861 3.16 -4.12 26.59
N ALA A 862 3.71 -5.33 26.70
CA ALA A 862 2.97 -6.43 27.33
C ALA A 862 3.07 -6.38 28.85
N LEU A 863 4.22 -5.97 29.38
CA LEU A 863 4.35 -5.80 30.83
C LEU A 863 3.50 -4.64 31.34
N GLY A 864 3.34 -3.60 30.53
CA GLY A 864 2.47 -2.50 30.89
C GLY A 864 1.01 -2.92 31.04
N GLY A 865 0.58 -3.90 30.25
CA GLY A 865 -0.79 -4.37 30.38
C GLY A 865 -0.98 -5.39 31.48
N PHE A 866 0.04 -6.22 31.73
CA PHE A 866 -0.07 -7.18 32.81
C PHE A 866 -0.06 -6.51 34.18
N PHE A 867 0.64 -5.38 34.31
CA PHE A 867 0.62 -4.63 35.57
C PHE A 867 -0.77 -4.08 35.87
N THR A 868 -1.41 -3.51 34.85
CA THR A 868 -2.78 -3.00 34.98
C THR A 868 -3.76 -4.12 35.29
N TYR A 869 -3.53 -5.30 34.72
CA TYR A 869 -4.35 -6.46 35.03
C TYR A 869 -4.25 -6.85 36.50
N PHE A 870 -3.04 -6.87 37.05
CA PHE A 870 -2.87 -7.28 38.44
C PHE A 870 -3.41 -6.23 39.41
N VAL A 871 -3.40 -4.95 39.02
CA VAL A 871 -3.86 -3.87 39.91
C VAL A 871 -5.34 -4.01 40.24
N ILE A 872 -6.17 -4.30 39.23
CA ILE A 872 -7.62 -4.31 39.41
C ILE A 872 -8.07 -5.51 40.24
N LEU A 873 -7.44 -6.66 40.00
CA LEU A 873 -7.75 -7.84 40.80
C LEU A 873 -7.27 -7.70 42.23
N ALA A 874 -6.12 -7.05 42.44
CA ALA A 874 -5.70 -6.82 43.82
C ALA A 874 -6.60 -5.81 44.52
N GLU A 875 -7.15 -4.86 43.79
CA GLU A 875 -8.01 -3.87 44.40
C GLU A 875 -9.43 -4.36 44.61
N ASN A 876 -9.83 -5.45 43.97
CA ASN A 876 -11.10 -6.08 44.28
C ASN A 876 -10.98 -7.29 45.18
N GLY A 877 -9.78 -7.70 45.55
CA GLY A 877 -9.58 -8.73 46.53
C GLY A 877 -8.93 -10.03 46.07
N PHE A 878 -8.26 -10.05 44.94
CA PHE A 878 -7.57 -11.23 44.44
C PHE A 878 -6.09 -10.88 44.31
N LEU A 879 -5.29 -11.31 45.27
CA LEU A 879 -3.87 -10.98 45.31
C LEU A 879 -3.11 -11.83 44.29
N PRO A 880 -1.95 -11.34 43.79
CA PRO A 880 -1.35 -11.97 42.59
C PRO A 880 -0.83 -13.37 42.78
N ILE A 881 -0.52 -13.78 44.01
CA ILE A 881 -0.05 -15.13 44.26
C ILE A 881 -1.24 -16.10 44.28
N HIS A 882 -2.41 -15.57 44.63
CA HIS A 882 -3.66 -16.32 44.70
C HIS A 882 -4.25 -16.63 43.32
N LEU A 883 -3.87 -15.90 42.28
CA LEU A 883 -4.43 -16.09 40.96
C LEU A 883 -3.80 -17.24 40.19
N LEU A 884 -2.79 -17.91 40.74
CA LEU A 884 -2.07 -18.94 40.00
C LEU A 884 -2.76 -20.28 40.21
N GLY A 885 -3.27 -20.85 39.13
CA GLY A 885 -4.05 -22.06 39.23
C GLY A 885 -5.51 -21.85 39.52
N LEU A 886 -6.02 -20.63 39.38
CA LEU A 886 -7.41 -20.33 39.62
C LEU A 886 -8.26 -20.42 38.36
N ARG A 887 -7.70 -20.93 37.27
CA ARG A 887 -8.37 -20.83 35.97
C ARG A 887 -9.57 -21.75 35.86
N VAL A 888 -9.50 -22.95 36.43
CA VAL A 888 -10.58 -23.91 36.25
C VAL A 888 -11.79 -23.51 37.07
N ASP A 889 -11.59 -23.09 38.32
CA ASP A 889 -12.72 -22.72 39.17
C ASP A 889 -13.36 -21.41 38.73
N TRP A 890 -12.56 -20.47 38.23
CA TRP A 890 -13.08 -19.19 37.77
C TRP A 890 -13.95 -19.37 36.53
N ASP A 891 -13.56 -20.25 35.64
CA ASP A 891 -14.28 -20.48 34.40
C ASP A 891 -15.50 -21.36 34.57
N ASP A 892 -15.70 -21.94 35.74
CA ASP A 892 -16.78 -22.89 35.98
C ASP A 892 -18.09 -22.15 36.20
N ARG A 893 -19.07 -22.43 35.33
CA ARG A 893 -20.35 -21.77 35.39
C ARG A 893 -21.15 -22.14 36.63
N TRP A 894 -20.86 -23.29 37.24
CA TRP A 894 -21.71 -23.83 38.29
C TRP A 894 -21.06 -23.78 39.67
N ILE A 895 -19.86 -23.24 39.80
CA ILE A 895 -19.30 -22.95 41.11
C ILE A 895 -19.62 -21.49 41.42
N ASN A 896 -20.49 -21.28 42.39
CA ASN A 896 -20.95 -19.93 42.70
C ASN A 896 -20.50 -19.50 44.10
N ASP A 897 -19.37 -20.04 44.56
CA ASP A 897 -18.71 -19.57 45.77
C ASP A 897 -17.20 -19.79 45.57
N VAL A 898 -16.53 -18.77 45.06
CA VAL A 898 -15.10 -18.84 44.80
C VAL A 898 -14.41 -17.91 45.80
N GLU A 899 -13.57 -18.49 46.66
CA GLU A 899 -12.98 -17.75 47.76
C GLU A 899 -11.84 -16.86 47.26
N ASP A 900 -11.81 -15.62 47.71
CA ASP A 900 -10.76 -14.69 47.35
C ASP A 900 -9.70 -14.64 48.44
N SER A 901 -8.81 -13.65 48.37
CA SER A 901 -7.72 -13.53 49.34
C SER A 901 -8.20 -13.05 50.70
N TYR A 902 -9.37 -12.42 50.77
CA TYR A 902 -9.91 -11.95 52.03
C TYR A 902 -10.97 -12.88 52.59
N GLY A 903 -11.26 -13.97 51.90
CA GLY A 903 -12.23 -14.94 52.34
C GLY A 903 -13.63 -14.75 51.81
N GLN A 904 -13.86 -13.73 50.99
CA GLN A 904 -15.17 -13.51 50.41
C GLN A 904 -15.43 -14.52 49.30
N GLN A 905 -16.69 -14.85 49.12
CA GLN A 905 -17.11 -15.83 48.13
C GLN A 905 -17.89 -15.15 47.02
N TRP A 906 -17.64 -15.56 45.78
CA TRP A 906 -18.07 -14.85 44.58
C TRP A 906 -18.94 -15.76 43.74
N THR A 907 -20.04 -15.23 43.21
CA THR A 907 -20.77 -16.00 42.22
C THR A 907 -20.12 -15.87 40.86
N TYR A 908 -20.64 -16.60 39.88
CA TYR A 908 -20.00 -16.70 38.58
C TYR A 908 -20.13 -15.42 37.79
N GLU A 909 -21.31 -14.83 37.78
CA GLU A 909 -21.50 -13.58 37.05
C GLU A 909 -20.94 -12.38 37.78
N GLN A 910 -20.55 -12.53 39.03
CA GLN A 910 -19.96 -11.42 39.77
C GLN A 910 -18.49 -11.25 39.42
N ARG A 911 -17.78 -12.35 39.19
CA ARG A 911 -16.37 -12.27 38.88
C ARG A 911 -16.09 -12.12 37.40
N LYS A 912 -17.05 -12.49 36.55
CA LYS A 912 -16.90 -12.24 35.12
C LYS A 912 -16.98 -10.76 34.80
N ILE A 913 -17.71 -9.99 35.59
CA ILE A 913 -17.73 -8.53 35.44
C ILE A 913 -16.36 -7.94 35.75
N VAL A 914 -15.69 -8.47 36.78
CA VAL A 914 -14.33 -8.04 37.11
C VAL A 914 -13.36 -8.42 36.00
N GLU A 915 -13.56 -9.59 35.40
CA GLU A 915 -12.75 -10.02 34.26
C GLU A 915 -12.93 -9.11 33.05
N PHE A 916 -14.16 -8.68 32.76
CA PHE A 916 -14.39 -7.81 31.61
C PHE A 916 -13.93 -6.39 31.88
N THR A 917 -13.92 -5.97 33.14
CA THR A 917 -13.25 -4.74 33.54
C THR A 917 -11.74 -4.82 33.29
N CYS A 918 -11.14 -5.98 33.59
CA CYS A 918 -9.73 -6.18 33.28
C CYS A 918 -9.46 -6.18 31.77
N HIS A 919 -10.41 -6.68 30.98
CA HIS A 919 -10.29 -6.62 29.53
C HIS A 919 -10.30 -5.18 29.01
N THR A 920 -11.26 -4.38 29.52
CA THR A 920 -11.33 -2.95 29.16
C THR A 920 -10.08 -2.20 29.57
N ALA A 921 -9.52 -2.51 30.73
CA ALA A 921 -8.34 -1.80 31.18
C ALA A 921 -7.08 -2.24 30.44
N PHE A 922 -7.01 -3.49 30.00
CA PHE A 922 -5.91 -3.94 29.16
C PHE A 922 -5.94 -3.19 27.82
N PHE A 923 -7.14 -3.02 27.27
CA PHE A 923 -7.36 -2.22 26.05
C PHE A 923 -6.89 -0.78 26.23
N VAL A 924 -7.24 -0.16 27.36
CA VAL A 924 -6.83 1.21 27.65
C VAL A 924 -5.31 1.33 27.82
N SER A 925 -4.69 0.31 28.42
CA SER A 925 -3.25 0.32 28.62
C SER A 925 -2.50 0.22 27.29
N ILE A 926 -3.00 -0.60 26.37
CA ILE A 926 -2.39 -0.69 25.05
C ILE A 926 -2.51 0.64 24.31
N VAL A 927 -3.66 1.31 24.46
CA VAL A 927 -3.82 2.64 23.88
C VAL A 927 -2.80 3.64 24.46
N VAL A 928 -2.54 3.54 25.76
CA VAL A 928 -1.63 4.48 26.41
C VAL A 928 -0.18 4.24 26.00
N VAL A 929 0.24 2.98 25.87
CA VAL A 929 1.62 2.76 25.42
C VAL A 929 1.82 3.04 23.93
N GLN A 930 0.75 3.01 23.13
CA GLN A 930 0.93 3.37 21.73
C GLN A 930 1.12 4.87 21.50
N TRP A 931 0.93 5.73 22.51
CA TRP A 931 1.31 7.14 22.38
C TRP A 931 2.82 7.27 22.24
N ALA A 932 3.55 6.68 23.18
CA ALA A 932 5.01 6.70 23.11
C ALA A 932 5.52 5.88 21.93
N ASP A 933 4.79 4.84 21.53
CA ASP A 933 5.19 4.10 20.35
C ASP A 933 5.03 4.92 19.07
N LEU A 934 3.99 5.76 19.00
CA LEU A 934 3.86 6.65 17.86
C LEU A 934 4.94 7.72 17.85
N VAL A 935 5.33 8.21 19.03
CA VAL A 935 6.33 9.27 19.08
C VAL A 935 7.73 8.72 18.76
N ILE A 936 8.07 7.50 19.18
CA ILE A 936 9.39 6.98 18.87
C ILE A 936 9.51 6.40 17.47
N CYS A 937 8.41 6.17 16.76
CA CYS A 937 8.47 5.58 15.44
C CYS A 937 8.50 6.60 14.31
N LYS A 938 8.50 7.89 14.63
CA LYS A 938 8.52 8.90 13.58
C LYS A 938 9.89 8.97 12.91
N THR A 939 10.95 8.89 13.70
CA THR A 939 12.29 8.97 13.18
C THR A 939 12.99 7.64 13.41
N ARG A 940 14.01 7.38 12.61
CA ARG A 940 14.80 6.17 12.76
C ARG A 940 16.23 6.44 13.19
N ARG A 941 16.74 7.65 12.95
CA ARG A 941 18.07 8.02 13.41
C ARG A 941 18.02 9.31 14.21
N ASN A 942 17.15 10.23 13.83
CA ASN A 942 17.12 11.55 14.45
C ASN A 942 16.27 11.53 15.71
N SER A 943 16.29 12.65 16.42
CA SER A 943 15.56 12.76 17.66
C SER A 943 14.21 13.44 17.43
N VAL A 944 13.36 13.41 18.44
CA VAL A 944 12.12 14.16 18.40
C VAL A 944 12.35 15.64 18.69
N PHE A 945 13.48 15.99 19.30
CA PHE A 945 13.81 17.37 19.58
C PHE A 945 14.53 18.04 18.42
N GLN A 946 14.96 17.27 17.42
CA GLN A 946 15.57 17.82 16.21
C GLN A 946 14.59 17.87 15.05
N GLN A 947 13.71 16.88 14.94
CA GLN A 947 12.74 16.87 13.86
C GLN A 947 11.52 17.72 14.18
N GLY A 948 11.04 17.65 15.41
CA GLY A 948 9.90 18.43 15.83
C GLY A 948 8.62 17.63 15.83
N MET A 949 7.53 18.35 16.04
CA MET A 949 6.18 17.80 16.00
C MET A 949 5.32 18.62 15.06
N LYS A 950 5.83 18.83 13.85
CA LYS A 950 5.17 19.62 12.82
C LYS A 950 4.26 18.80 11.92
N ASN A 951 3.72 17.69 12.42
CA ASN A 951 2.82 16.82 11.69
C ASN A 951 1.46 16.87 12.39
N LYS A 952 0.48 17.50 11.75
CA LYS A 952 -0.80 17.75 12.39
C LYS A 952 -1.72 16.53 12.40
N ILE A 953 -1.65 15.68 11.38
CA ILE A 953 -2.46 14.47 11.35
C ILE A 953 -1.98 13.45 12.36
N LEU A 954 -0.71 13.49 12.73
CA LEU A 954 -0.21 12.70 13.85
C LEU A 954 -0.88 13.08 15.16
N ILE A 955 -0.96 14.39 15.43
CA ILE A 955 -1.59 14.88 16.66
C ILE A 955 -3.09 14.64 16.63
N PHE A 956 -3.70 14.70 15.45
CA PHE A 956 -5.11 14.35 15.34
C PHE A 956 -5.34 12.88 15.66
N GLY A 957 -4.46 11.99 15.19
CA GLY A 957 -4.56 10.59 15.52
C GLY A 957 -4.36 10.33 17.01
N LEU A 958 -3.41 11.07 17.61
CA LEU A 958 -3.16 10.96 19.04
C LEU A 958 -4.38 11.33 19.85
N PHE A 959 -5.08 12.38 19.45
CA PHE A 959 -6.28 12.79 20.18
C PHE A 959 -7.44 11.84 19.96
N GLU A 960 -7.65 11.42 18.69
CA GLU A 960 -8.86 10.67 18.39
C GLU A 960 -8.79 9.23 18.88
N GLU A 961 -7.57 8.68 19.01
CA GLU A 961 -7.43 7.34 19.57
C GLU A 961 -7.90 7.28 21.03
N THR A 962 -7.47 8.26 21.84
CA THR A 962 -7.90 8.34 23.22
C THR A 962 -9.38 8.71 23.33
N ALA A 963 -9.88 9.54 22.41
CA ALA A 963 -11.31 9.86 22.41
C ALA A 963 -12.16 8.62 22.13
N LEU A 964 -11.72 7.78 21.19
CA LEU A 964 -12.44 6.55 20.88
C LEU A 964 -12.38 5.55 22.03
N ALA A 965 -11.23 5.46 22.71
CA ALA A 965 -11.11 4.55 23.85
C ALA A 965 -12.01 4.96 25.01
N ALA A 966 -12.03 6.26 25.33
CA ALA A 966 -12.90 6.74 26.42
C ALA A 966 -14.37 6.64 26.06
N PHE A 967 -14.71 6.84 24.78
CA PHE A 967 -16.09 6.64 24.34
C PHE A 967 -16.51 5.18 24.47
N LEU A 968 -15.64 4.25 24.07
CA LEU A 968 -15.99 2.84 24.16
C LEU A 968 -16.11 2.38 25.60
N SER A 969 -15.30 2.95 26.51
CA SER A 969 -15.37 2.53 27.89
C SER A 969 -16.60 3.09 28.60
N TYR A 970 -16.96 4.34 28.35
CA TYR A 970 -17.97 4.99 29.18
C TYR A 970 -19.33 5.13 28.50
N CYS A 971 -19.54 4.52 27.35
CA CYS A 971 -20.85 4.67 26.70
C CYS A 971 -21.87 3.74 27.35
N PRO A 972 -23.12 4.19 27.52
CA PRO A 972 -24.15 3.30 28.05
C PRO A 972 -24.54 2.24 27.04
N GLY A 973 -24.68 1.01 27.53
CA GLY A 973 -25.05 -0.11 26.70
C GLY A 973 -23.89 -0.92 26.16
N MET A 974 -22.65 -0.50 26.43
CA MET A 974 -21.50 -1.18 25.86
C MET A 974 -21.14 -2.46 26.59
N GLY A 975 -21.70 -2.69 27.77
CA GLY A 975 -21.45 -3.93 28.47
C GLY A 975 -22.13 -5.13 27.82
N VAL A 976 -23.14 -4.89 26.99
CA VAL A 976 -23.83 -5.96 26.30
C VAL A 976 -23.26 -6.18 24.92
N ALA A 977 -23.03 -5.10 24.18
CA ALA A 977 -22.63 -5.20 22.78
C ALA A 977 -21.19 -5.69 22.64
N LEU A 978 -20.28 -5.15 23.46
CA LEU A 978 -18.87 -5.47 23.36
C LEU A 978 -18.31 -6.13 24.61
N ARG A 979 -19.09 -6.23 25.69
CA ARG A 979 -18.64 -6.59 27.04
C ARG A 979 -17.48 -5.70 27.48
N MET A 980 -17.72 -4.39 27.47
CA MET A 980 -16.81 -3.38 27.99
C MET A 980 -17.48 -2.65 29.13
N TYR A 981 -16.72 -2.37 30.18
CA TYR A 981 -17.24 -1.85 31.44
C TYR A 981 -16.53 -0.55 31.80
N PRO A 982 -17.16 0.31 32.61
CA PRO A 982 -16.50 1.56 32.99
C PRO A 982 -15.29 1.36 33.87
N LEU A 983 -14.32 2.24 33.69
CA LEU A 983 -13.12 2.23 34.50
C LEU A 983 -13.20 3.33 35.56
N LYS A 984 -12.74 3.00 36.73
CA LYS A 984 -12.58 3.99 37.77
C LYS A 984 -11.42 4.92 37.39
N PRO A 985 -11.45 6.19 37.81
CA PRO A 985 -10.57 7.20 37.19
C PRO A 985 -9.08 7.01 37.45
N THR A 986 -8.71 6.36 38.54
CA THR A 986 -7.30 6.18 38.83
C THR A 986 -6.68 5.01 38.08
N TRP A 987 -7.48 4.25 37.33
CA TRP A 987 -6.96 3.14 36.55
C TRP A 987 -6.47 3.56 35.18
N TRP A 988 -6.62 4.84 34.83
CA TRP A 988 -6.10 5.34 33.56
C TRP A 988 -4.62 5.64 33.61
N PHE A 989 -4.00 5.61 34.79
CA PHE A 989 -2.62 6.03 34.96
C PHE A 989 -1.68 4.88 35.26
N CYS A 990 -2.13 3.63 35.11
CA CYS A 990 -1.30 2.49 35.47
C CYS A 990 -0.22 2.18 34.45
N ALA A 991 -0.33 2.70 33.23
CA ALA A 991 0.65 2.40 32.19
C ALA A 991 1.52 3.60 31.84
N PHE A 992 1.48 4.67 32.63
CA PHE A 992 2.34 5.82 32.35
C PHE A 992 3.85 5.55 32.54
N PRO A 993 4.32 4.86 33.61
CA PRO A 993 5.77 4.58 33.66
C PRO A 993 6.30 3.68 32.56
N TYR A 994 5.46 2.84 31.97
CA TYR A 994 5.94 1.98 30.90
C TYR A 994 6.07 2.74 29.57
N SER A 995 5.18 3.72 29.33
CA SER A 995 5.36 4.61 28.20
C SER A 995 6.58 5.50 28.38
N LEU A 996 6.84 5.94 29.60
CA LEU A 996 8.02 6.76 29.86
C LEU A 996 9.30 5.95 29.64
N LEU A 997 9.27 4.67 30.01
CA LEU A 997 10.41 3.80 29.77
C LEU A 997 10.65 3.57 28.28
N ILE A 998 9.57 3.35 27.51
CA ILE A 998 9.68 3.17 26.06
C ILE A 998 10.31 4.40 25.41
N PHE A 999 9.87 5.58 25.83
CA PHE A 999 10.38 6.83 25.27
C PHE A 999 11.86 7.02 25.55
N VAL A 1000 12.27 6.86 26.81
CA VAL A 1000 13.67 7.13 27.14
C VAL A 1000 14.59 6.04 26.57
N TYR A 1001 14.07 4.82 26.42
CA TYR A 1001 14.86 3.74 25.88
C TYR A 1001 15.16 3.97 24.40
N ASP A 1002 14.14 4.38 23.63
CA ASP A 1002 14.38 4.61 22.22
C ASP A 1002 15.19 5.87 21.96
N GLU A 1003 15.08 6.89 22.83
CA GLU A 1003 15.94 8.06 22.70
C GLU A 1003 17.41 7.72 22.95
N VAL A 1004 17.68 6.89 23.96
CA VAL A 1004 19.06 6.49 24.23
C VAL A 1004 19.61 5.62 23.10
N ARG A 1005 18.75 4.77 22.53
CA ARG A 1005 19.17 3.92 21.42
C ARG A 1005 19.54 4.74 20.18
N LYS A 1006 18.75 5.76 19.88
CA LYS A 1006 19.07 6.62 18.75
C LYS A 1006 20.32 7.47 19.01
N LEU A 1007 20.58 7.82 20.27
CA LEU A 1007 21.82 8.53 20.59
C LEU A 1007 23.05 7.67 20.33
N ILE A 1008 23.01 6.39 20.74
CA ILE A 1008 24.12 5.49 20.45
C ILE A 1008 24.25 5.24 18.95
N ILE A 1009 23.14 5.24 18.21
CA ILE A 1009 23.23 5.09 16.75
C ILE A 1009 23.88 6.32 16.12
N ARG A 1010 23.57 7.51 16.62
CA ARG A 1010 24.09 8.74 16.02
C ARG A 1010 25.56 8.95 16.35
N ARG A 1011 26.00 8.61 17.57
CA ARG A 1011 27.38 8.89 17.95
C ARG A 1011 28.36 7.81 17.53
N ARG A 1012 27.91 6.59 17.31
CA ARG A 1012 28.76 5.51 16.81
C ARG A 1012 28.20 5.03 15.47
N PRO A 1013 28.60 5.63 14.35
CA PRO A 1013 27.88 5.43 13.09
C PRO A 1013 28.10 4.08 12.40
N GLY A 1014 28.86 3.16 12.96
CA GLY A 1014 28.98 1.86 12.33
C GLY A 1014 29.04 0.72 13.31
N GLY A 1015 28.71 1.01 14.56
CA GLY A 1015 28.94 0.07 15.65
C GLY A 1015 27.90 -1.03 15.72
N TRP A 1016 27.80 -1.60 16.91
CA TRP A 1016 26.96 -2.77 17.14
C TRP A 1016 25.49 -2.41 17.19
N VAL A 1017 25.14 -1.26 17.77
CA VAL A 1017 23.74 -0.87 17.91
C VAL A 1017 23.15 -0.51 16.55
N GLU A 1018 23.94 0.12 15.68
CA GLU A 1018 23.47 0.37 14.32
C GLU A 1018 23.37 -0.92 13.52
N LYS A 1019 24.25 -1.89 13.78
CA LYS A 1019 24.16 -3.16 13.09
C LYS A 1019 23.01 -4.03 13.55
N GLU A 1020 22.49 -3.79 14.76
CA GLU A 1020 21.42 -4.64 15.26
C GLU A 1020 20.04 -4.00 15.24
N THR A 1021 19.92 -2.70 15.49
CA THR A 1021 18.62 -2.09 15.74
C THR A 1021 18.18 -1.10 14.67
N TYR A 1022 18.93 -0.93 13.60
CA TYR A 1022 18.60 0.03 12.55
C TYR A 1022 17.97 -0.73 11.38
N TYR A 1023 16.79 -0.31 10.95
CA TYR A 1023 15.96 -1.12 10.05
C TYR A 1023 16.56 -1.23 8.65
N GLY B 10 22.10 -23.52 -1.83
CA GLY B 10 20.67 -23.66 -1.67
C GLY B 10 20.21 -23.62 -0.23
N SER B 11 19.08 -24.25 0.05
CA SER B 11 18.61 -24.38 1.42
C SER B 11 19.24 -25.57 2.13
N TRP B 12 20.13 -26.29 1.44
CA TRP B 12 20.85 -27.39 2.05
C TRP B 12 22.10 -26.90 2.78
N LYS B 13 23.01 -26.25 2.06
CA LYS B 13 24.32 -25.96 2.58
C LYS B 13 24.68 -24.48 2.60
N LYS B 14 23.89 -23.62 1.95
CA LYS B 14 24.27 -22.22 1.83
C LYS B 14 23.73 -21.37 2.98
N PHE B 15 22.48 -21.57 3.37
CA PHE B 15 21.87 -20.71 4.38
C PHE B 15 22.04 -21.24 5.80
N ILE B 16 22.09 -22.56 6.00
CA ILE B 16 22.16 -23.11 7.35
C ILE B 16 23.58 -23.06 7.88
N TRP B 17 24.51 -23.74 7.21
CA TRP B 17 25.86 -23.96 7.74
C TRP B 17 26.89 -23.70 6.63
N ASN B 18 26.82 -22.51 6.03
CA ASN B 18 27.91 -22.03 5.19
C ASN B 18 29.19 -21.96 6.02
N SER B 19 30.14 -22.84 5.74
CA SER B 19 31.27 -23.02 6.64
C SER B 19 32.58 -22.42 6.11
N GLU B 20 32.53 -21.60 5.05
CA GLU B 20 33.74 -20.91 4.64
C GLU B 20 33.97 -19.66 5.48
N LYS B 21 32.93 -19.17 6.16
CA LYS B 21 33.09 -18.13 7.16
C LYS B 21 32.55 -18.56 8.51
N LYS B 22 32.23 -19.85 8.67
CA LYS B 22 31.87 -20.49 9.94
C LYS B 22 30.64 -19.85 10.58
N GLU B 23 29.51 -19.97 9.89
CA GLU B 23 28.30 -19.29 10.28
C GLU B 23 27.12 -20.24 10.33
N PHE B 24 26.35 -20.17 11.41
CA PHE B 24 25.13 -20.95 11.58
C PHE B 24 23.96 -19.96 11.52
N LEU B 25 23.19 -20.05 10.44
CA LEU B 25 22.04 -19.17 10.14
C LEU B 25 22.46 -17.70 10.03
N GLY B 26 23.61 -17.47 9.41
CA GLY B 26 24.05 -16.12 9.12
C GLY B 26 24.80 -15.42 10.22
N ARG B 27 25.18 -16.12 11.29
CA ARG B 27 25.86 -15.51 12.41
C ARG B 27 27.05 -16.36 12.82
N THR B 28 28.12 -15.72 13.26
CA THR B 28 29.26 -16.43 13.82
C THR B 28 28.97 -16.80 15.27
N GLY B 29 30.00 -17.28 15.98
CA GLY B 29 29.81 -17.65 17.37
C GLY B 29 29.69 -16.44 18.28
N GLY B 30 30.61 -15.47 18.11
CA GLY B 30 30.55 -14.27 18.93
C GLY B 30 29.34 -13.41 18.60
N SER B 31 28.92 -13.41 17.35
CA SER B 31 27.68 -12.72 16.98
C SER B 31 26.44 -13.39 17.51
N TRP B 32 26.52 -14.66 17.92
CA TRP B 32 25.43 -15.26 18.66
C TRP B 32 25.51 -14.92 20.14
N PHE B 33 26.72 -14.99 20.70
CA PHE B 33 26.91 -14.74 22.13
C PHE B 33 26.53 -13.32 22.53
N LYS B 34 26.86 -12.35 21.69
CA LYS B 34 26.63 -10.96 22.06
C LYS B 34 25.13 -10.63 22.05
N ILE B 35 24.40 -11.14 21.06
CA ILE B 35 22.96 -10.88 21.03
C ILE B 35 22.23 -11.67 22.11
N LEU B 36 22.73 -12.85 22.49
CA LEU B 36 22.09 -13.59 23.58
C LEU B 36 22.33 -12.94 24.93
N LEU B 37 23.54 -12.39 25.14
CA LEU B 37 23.82 -11.66 26.37
C LEU B 37 22.96 -10.40 26.46
N PHE B 38 22.78 -9.71 25.33
CA PHE B 38 21.89 -8.55 25.30
C PHE B 38 20.46 -8.93 25.67
N TYR B 39 19.98 -10.06 25.17
CA TYR B 39 18.59 -10.39 25.43
C TYR B 39 18.36 -10.89 26.85
N VAL B 40 19.32 -11.60 27.44
CA VAL B 40 19.13 -12.02 28.83
C VAL B 40 19.27 -10.83 29.77
N ILE B 41 20.12 -9.85 29.45
CA ILE B 41 20.24 -8.67 30.30
C ILE B 41 19.00 -7.79 30.20
N PHE B 42 18.47 -7.63 28.97
CA PHE B 42 17.26 -6.83 28.73
C PHE B 42 16.05 -7.43 29.43
N TYR B 43 15.87 -8.76 29.33
CA TYR B 43 14.72 -9.37 29.98
C TYR B 43 14.89 -9.45 31.50
N GLY B 44 16.14 -9.51 32.00
CA GLY B 44 16.34 -9.39 33.44
C GLY B 44 15.97 -8.02 33.98
N CYS B 45 16.34 -6.96 33.26
CA CYS B 45 15.99 -5.62 33.72
C CYS B 45 14.49 -5.38 33.65
N LEU B 46 13.81 -5.93 32.64
CA LEU B 46 12.36 -5.81 32.58
C LEU B 46 11.68 -6.56 33.71
N ALA B 47 12.18 -7.75 34.06
CA ALA B 47 11.62 -8.50 35.19
C ALA B 47 11.83 -7.76 36.50
N GLY B 48 12.98 -7.11 36.66
CA GLY B 48 13.22 -6.30 37.85
C GLY B 48 12.27 -5.13 37.97
N ILE B 49 12.03 -4.42 36.87
CA ILE B 49 11.10 -3.29 36.87
C ILE B 49 9.68 -3.75 37.15
N PHE B 50 9.29 -4.90 36.62
CA PHE B 50 7.94 -5.42 36.85
C PHE B 50 7.73 -5.79 38.32
N ILE B 51 8.69 -6.48 38.92
CA ILE B 51 8.58 -6.88 40.33
C ILE B 51 8.57 -5.65 41.24
N GLY B 52 9.38 -4.65 40.92
CA GLY B 52 9.40 -3.44 41.73
C GLY B 52 8.10 -2.65 41.68
N THR B 53 7.50 -2.53 40.49
CA THR B 53 6.23 -1.83 40.39
C THR B 53 5.10 -2.60 41.06
N ILE B 54 5.15 -3.94 41.01
CA ILE B 54 4.16 -4.75 41.71
C ILE B 54 4.25 -4.55 43.22
N GLN B 55 5.47 -4.46 43.75
CA GLN B 55 5.63 -4.27 45.19
C GLN B 55 5.19 -2.88 45.65
N VAL B 56 5.47 -1.85 44.84
CA VAL B 56 5.00 -0.51 45.19
C VAL B 56 3.48 -0.43 45.10
N MET B 57 2.86 -1.19 44.19
CA MET B 57 1.40 -1.23 44.17
C MET B 57 0.84 -1.96 45.38
N LEU B 58 1.49 -3.05 45.79
CA LEU B 58 1.00 -3.82 46.94
C LEU B 58 1.16 -3.08 48.25
N LEU B 59 2.05 -2.09 48.30
CA LEU B 59 2.16 -1.26 49.51
C LEU B 59 0.94 -0.37 49.74
N THR B 60 0.09 -0.16 48.75
CA THR B 60 -1.15 0.60 48.93
C THR B 60 -2.32 -0.26 49.36
N ILE B 61 -2.17 -1.58 49.38
CA ILE B 61 -3.25 -2.49 49.69
C ILE B 61 -3.30 -2.72 51.19
N SER B 62 -4.47 -2.54 51.78
CA SER B 62 -4.69 -2.85 53.18
C SER B 62 -5.04 -4.32 53.32
N GLU B 63 -4.44 -4.96 54.33
CA GLU B 63 -4.59 -6.41 54.50
C GLU B 63 -5.74 -6.79 55.42
N PHE B 64 -6.65 -5.87 55.71
CA PHE B 64 -7.77 -6.14 56.57
C PHE B 64 -9.11 -5.95 55.92
N LYS B 65 -9.15 -5.32 54.76
CA LYS B 65 -10.37 -4.91 54.07
C LYS B 65 -9.97 -4.59 52.65
N PRO B 66 -10.71 -5.07 51.64
CA PRO B 66 -10.34 -4.77 50.25
C PRO B 66 -10.61 -3.31 49.93
N THR B 67 -10.06 -2.87 48.79
CA THR B 67 -10.21 -1.47 48.42
C THR B 67 -11.63 -1.17 47.94
N TYR B 68 -12.18 -2.03 47.09
CA TYR B 68 -13.52 -1.87 46.56
C TYR B 68 -14.34 -3.11 46.86
N GLN B 69 -15.60 -2.92 47.24
CA GLN B 69 -16.50 -4.04 47.50
C GLN B 69 -17.82 -3.88 46.77
N ASP B 70 -17.83 -3.18 45.65
CA ASP B 70 -19.08 -2.92 44.95
C ASP B 70 -19.48 -4.02 43.99
N ARG B 71 -18.59 -4.98 43.72
CA ARG B 71 -18.92 -6.05 42.79
C ARG B 71 -19.38 -7.32 43.48
N VAL B 72 -19.37 -7.35 44.82
CA VAL B 72 -20.02 -8.39 45.61
C VAL B 72 -21.08 -7.81 46.51
N ALA B 73 -21.75 -6.76 46.05
CA ALA B 73 -22.39 -5.87 47.02
C ALA B 73 -23.68 -6.45 47.59
N PRO B 74 -24.58 -7.07 46.82
CA PRO B 74 -25.44 -8.07 47.43
C PRO B 74 -24.83 -9.45 47.27
N PRO B 75 -24.81 -10.26 48.31
CA PRO B 75 -24.17 -11.58 48.23
C PRO B 75 -25.04 -12.56 47.45
N GLY B 76 -24.51 -13.76 47.26
CA GLY B 76 -25.24 -14.80 46.56
C GLY B 76 -25.73 -15.89 47.47
N LEU B 77 -26.71 -16.67 47.02
CA LEU B 77 -27.31 -17.75 47.79
C LEU B 77 -26.96 -19.07 47.13
N THR B 78 -26.38 -20.01 47.89
CA THR B 78 -25.94 -21.28 47.32
C THR B 78 -26.44 -22.44 48.17
N GLN B 79 -26.42 -23.64 47.59
CA GLN B 79 -26.88 -24.85 48.24
C GLN B 79 -25.80 -25.92 48.16
N ILE B 80 -25.74 -26.78 49.17
CA ILE B 80 -24.49 -27.51 49.40
C ILE B 80 -24.23 -28.77 48.57
N PRO B 81 -25.22 -29.65 48.16
CA PRO B 81 -24.78 -30.69 47.22
C PRO B 81 -24.47 -30.03 45.90
N GLN B 82 -23.18 -29.88 45.64
CA GLN B 82 -22.64 -29.14 44.51
C GLN B 82 -22.97 -29.95 43.26
N ILE B 83 -24.02 -29.52 42.56
CA ILE B 83 -24.56 -30.25 41.43
C ILE B 83 -24.15 -29.52 40.16
N GLN B 84 -24.46 -30.11 39.02
CA GLN B 84 -23.79 -29.72 37.78
C GLN B 84 -24.61 -28.85 36.85
N LYS B 85 -25.93 -29.00 36.78
CA LYS B 85 -26.71 -28.06 35.98
C LYS B 85 -27.97 -27.69 36.73
N THR B 86 -27.82 -27.49 38.05
CA THR B 86 -28.91 -27.36 39.03
C THR B 86 -29.86 -28.55 38.97
N GLU B 87 -29.35 -29.74 38.67
CA GLU B 87 -30.14 -30.95 38.59
C GLU B 87 -29.81 -31.89 39.74
N ILE B 88 -30.84 -32.53 40.29
CA ILE B 88 -30.68 -33.61 41.27
C ILE B 88 -31.54 -34.77 40.80
N SER B 89 -30.91 -35.88 40.46
CA SER B 89 -31.62 -37.01 39.86
C SER B 89 -31.07 -38.30 40.44
N PHE B 90 -31.94 -39.11 41.02
CA PHE B 90 -31.51 -40.35 41.67
C PHE B 90 -32.70 -41.28 41.82
N ARG B 91 -32.39 -42.56 42.02
CA ARG B 91 -33.37 -43.58 42.36
C ARG B 91 -33.16 -43.98 43.80
N PRO B 92 -34.17 -43.87 44.67
CA PRO B 92 -33.95 -44.16 46.10
C PRO B 92 -33.68 -45.61 46.43
N ASN B 93 -34.09 -46.58 45.60
CA ASN B 93 -33.67 -47.97 45.84
C ASN B 93 -32.45 -48.33 45.00
N ASP B 94 -31.42 -47.48 45.05
CA ASP B 94 -30.20 -47.66 44.29
C ASP B 94 -29.09 -46.86 44.95
N PRO B 95 -28.30 -47.45 45.84
CA PRO B 95 -27.33 -46.66 46.62
C PRO B 95 -26.10 -46.19 45.85
N LYS B 96 -26.09 -46.32 44.53
CA LYS B 96 -25.01 -45.77 43.73
C LYS B 96 -25.38 -44.45 43.06
N SER B 97 -26.68 -44.16 42.92
CA SER B 97 -27.06 -42.95 42.22
C SER B 97 -26.92 -41.71 43.08
N TYR B 98 -27.13 -41.82 44.39
CA TYR B 98 -27.01 -40.68 45.28
C TYR B 98 -25.69 -40.68 46.04
N GLU B 99 -24.65 -41.34 45.54
CA GLU B 99 -23.42 -41.46 46.28
C GLU B 99 -22.63 -40.16 46.32
N ALA B 100 -22.54 -39.47 45.19
CA ALA B 100 -21.80 -38.22 45.13
C ALA B 100 -22.46 -37.12 45.96
N TYR B 101 -23.80 -37.13 46.01
CA TYR B 101 -24.52 -36.14 46.80
C TYR B 101 -24.24 -36.29 48.28
N VAL B 102 -24.36 -37.52 48.79
CA VAL B 102 -24.15 -37.76 50.21
C VAL B 102 -22.68 -37.59 50.59
N LEU B 103 -21.77 -37.92 49.67
CA LEU B 103 -20.35 -37.72 49.96
C LEU B 103 -19.99 -36.25 50.01
N ASN B 104 -20.59 -35.43 49.14
CA ASN B 104 -20.33 -33.99 49.19
C ASN B 104 -20.91 -33.36 50.44
N ILE B 105 -22.11 -33.79 50.86
CA ILE B 105 -22.69 -33.29 52.10
C ILE B 105 -21.85 -33.70 53.30
N VAL B 106 -21.28 -34.91 53.28
CA VAL B 106 -20.46 -35.37 54.39
C VAL B 106 -19.14 -34.59 54.45
N ARG B 107 -18.54 -34.29 53.29
CA ARG B 107 -17.31 -33.51 53.30
C ARG B 107 -17.53 -32.06 53.67
N PHE B 108 -18.74 -31.52 53.48
CA PHE B 108 -18.94 -30.13 53.87
C PHE B 108 -19.11 -29.97 55.37
N LEU B 109 -19.90 -30.82 56.01
CA LEU B 109 -20.24 -30.66 57.41
C LEU B 109 -19.20 -31.25 58.36
N GLU B 110 -17.95 -31.39 57.89
CA GLU B 110 -16.88 -31.92 58.73
C GLU B 110 -16.53 -30.98 59.86
N LYS B 111 -16.37 -29.70 59.56
CA LYS B 111 -15.95 -28.73 60.56
C LYS B 111 -17.08 -28.24 61.44
N TYR B 112 -18.29 -28.76 61.26
CA TYR B 112 -19.42 -28.39 62.10
C TYR B 112 -19.65 -29.35 63.24
N LYS B 113 -18.96 -30.49 63.26
CA LYS B 113 -19.07 -31.44 64.36
C LYS B 113 -18.50 -30.83 65.64
N ASP B 114 -19.04 -31.25 66.78
CA ASP B 114 -18.65 -30.67 68.06
C ASP B 114 -17.23 -31.05 68.47
N SER B 115 -16.64 -32.07 67.87
CA SER B 115 -15.25 -32.40 68.10
C SER B 115 -14.29 -31.44 67.40
N ALA B 116 -14.78 -30.47 66.62
CA ALA B 116 -13.94 -29.50 65.96
C ALA B 116 -14.07 -28.10 66.52
N GLN B 117 -14.97 -27.86 67.47
CA GLN B 117 -15.21 -26.53 68.02
C GLN B 117 -15.00 -26.49 69.52
N ARG B 118 -14.00 -27.21 70.03
CA ARG B 118 -13.83 -27.31 71.48
C ARG B 118 -12.69 -26.46 72.01
N ASP B 119 -12.05 -25.64 71.19
CA ASP B 119 -11.17 -24.62 71.73
C ASP B 119 -11.99 -23.52 72.38
N ASP B 120 -11.42 -22.88 73.38
CA ASP B 120 -12.13 -21.83 74.10
C ASP B 120 -11.48 -20.47 73.97
N MET B 121 -10.26 -20.40 73.47
CA MET B 121 -9.64 -19.15 73.08
C MET B 121 -10.05 -18.71 71.68
N ILE B 122 -10.76 -19.57 70.94
CA ILE B 122 -11.20 -19.28 69.59
C ILE B 122 -12.72 -19.28 69.49
N PHE B 123 -13.34 -20.40 69.80
CA PHE B 123 -14.79 -20.51 69.75
C PHE B 123 -15.41 -20.01 71.05
N GLU B 124 -16.69 -19.71 70.99
CA GLU B 124 -17.42 -19.30 72.18
C GLU B 124 -18.88 -19.67 72.02
N ASP B 125 -19.50 -20.04 73.14
CA ASP B 125 -20.90 -20.42 73.14
C ASP B 125 -21.75 -19.18 73.00
N CYS B 126 -22.39 -19.04 71.85
CA CYS B 126 -23.20 -17.89 71.52
C CYS B 126 -24.62 -18.21 72.02
N GLY B 127 -25.60 -17.40 71.64
CA GLY B 127 -26.94 -17.62 72.16
C GLY B 127 -27.64 -18.85 71.60
N ASP B 128 -28.90 -19.01 71.99
CA ASP B 128 -29.76 -20.06 71.45
C ASP B 128 -31.01 -19.50 70.77
N VAL B 129 -31.21 -18.19 70.82
CA VAL B 129 -32.27 -17.52 70.09
C VAL B 129 -31.54 -16.61 69.13
N PRO B 130 -32.07 -16.35 67.93
CA PRO B 130 -31.46 -15.36 67.04
C PRO B 130 -31.46 -13.96 67.66
N SER B 131 -30.36 -13.24 67.46
CA SER B 131 -30.06 -12.06 68.25
C SER B 131 -29.51 -10.96 67.34
N GLU B 132 -29.05 -9.89 67.98
CA GLU B 132 -28.47 -8.74 67.32
C GLU B 132 -27.08 -9.12 66.79
N PRO B 133 -26.60 -8.43 65.74
CA PRO B 133 -25.23 -8.65 65.28
C PRO B 133 -24.19 -8.28 66.33
N LYS B 134 -23.04 -8.93 66.26
CA LYS B 134 -21.95 -8.76 67.21
C LYS B 134 -20.87 -7.93 66.56
N GLU B 135 -20.69 -6.70 67.04
CA GLU B 135 -19.59 -5.86 66.60
C GLU B 135 -18.39 -6.11 67.50
N ARG B 136 -17.29 -6.56 66.92
CA ARG B 136 -16.09 -6.87 67.69
C ARG B 136 -14.98 -5.83 67.61
N GLY B 137 -15.34 -4.62 67.18
CA GLY B 137 -14.36 -3.55 67.08
C GLY B 137 -14.20 -3.02 65.67
N ASP B 138 -12.95 -2.78 65.27
CA ASP B 138 -12.67 -2.26 63.94
C ASP B 138 -11.71 -3.16 63.18
N PHE B 139 -11.59 -2.91 61.87
CA PHE B 139 -10.70 -3.69 61.02
C PHE B 139 -9.31 -3.07 61.01
N ASN B 140 -8.49 -3.43 61.99
CA ASN B 140 -7.14 -2.88 62.07
C ASN B 140 -6.20 -3.61 63.02
N HIS B 141 -6.47 -4.89 63.26
CA HIS B 141 -5.64 -5.70 64.15
C HIS B 141 -5.45 -5.06 65.51
N GLU B 142 -6.10 -3.92 65.72
CA GLU B 142 -6.00 -3.21 67.00
C GLU B 142 -6.42 -4.06 68.18
N ARG B 143 -6.70 -5.33 67.93
CA ARG B 143 -7.12 -6.25 68.98
C ARG B 143 -6.86 -7.70 68.59
N GLY B 144 -5.99 -7.89 67.61
CA GLY B 144 -5.63 -9.22 67.14
C GLY B 144 -6.81 -10.10 66.79
N GLU B 145 -6.54 -11.41 66.67
CA GLU B 145 -7.55 -12.40 66.33
C GLU B 145 -8.84 -12.28 67.14
N ARG B 146 -9.97 -12.41 66.45
CA ARG B 146 -11.28 -12.32 67.09
C ARG B 146 -11.88 -13.71 67.28
N LYS B 147 -12.93 -13.80 68.10
CA LYS B 147 -13.58 -15.07 68.36
C LYS B 147 -14.77 -15.27 67.45
N VAL B 148 -15.24 -16.52 67.37
CA VAL B 148 -16.30 -16.91 66.46
C VAL B 148 -17.43 -17.58 67.24
N CYS B 149 -18.67 -17.18 66.96
CA CYS B 149 -19.80 -17.90 67.52
C CYS B 149 -19.88 -19.27 66.86
N ARG B 150 -20.27 -20.28 67.64
CA ARG B 150 -20.23 -21.63 67.15
C ARG B 150 -21.64 -22.11 66.78
N PHE B 151 -21.70 -22.98 65.78
CA PHE B 151 -22.95 -23.43 65.19
C PHE B 151 -23.13 -24.91 65.48
N LYS B 152 -24.19 -25.25 66.18
CA LYS B 152 -24.45 -26.65 66.54
C LYS B 152 -25.06 -27.38 65.36
N LEU B 153 -24.58 -28.60 65.13
CA LEU B 153 -25.10 -29.40 64.03
C LEU B 153 -26.49 -29.92 64.32
N GLU B 154 -26.83 -30.05 65.61
CA GLU B 154 -28.11 -30.59 66.05
C GLU B 154 -29.29 -29.74 65.62
N TRP B 155 -29.05 -28.46 65.35
CA TRP B 155 -30.08 -27.55 64.85
C TRP B 155 -30.52 -27.85 63.43
N LEU B 156 -29.77 -28.68 62.69
CA LEU B 156 -30.18 -29.06 61.36
C LEU B 156 -31.02 -30.34 61.35
N GLY B 157 -31.74 -30.61 62.43
CA GLY B 157 -32.37 -31.90 62.73
C GLY B 157 -33.20 -32.53 61.63
N ASN B 158 -33.05 -33.86 61.47
CA ASN B 158 -33.46 -34.69 60.33
C ASN B 158 -32.69 -34.37 59.05
N CYS B 159 -31.67 -33.50 59.11
CA CYS B 159 -30.75 -33.33 58.00
C CYS B 159 -29.31 -33.19 58.50
N SER B 160 -29.06 -33.51 59.76
CA SER B 160 -27.71 -33.65 60.26
C SER B 160 -27.28 -35.10 60.03
N GLY B 161 -26.17 -35.50 60.63
CA GLY B 161 -25.71 -36.85 60.44
C GLY B 161 -25.92 -37.74 61.64
N LEU B 162 -26.57 -37.22 62.68
CA LEU B 162 -26.67 -37.93 63.97
C LEU B 162 -27.94 -38.76 64.00
N ASN B 163 -28.15 -39.49 62.91
CA ASN B 163 -29.40 -40.16 62.55
C ASN B 163 -29.02 -41.10 61.42
N ASP B 164 -29.94 -41.36 60.51
CA ASP B 164 -29.60 -41.92 59.21
C ASP B 164 -28.46 -41.13 58.55
N GLU B 165 -27.56 -41.85 57.90
CA GLU B 165 -26.33 -41.29 57.37
C GLU B 165 -26.40 -41.00 55.88
N THR B 166 -27.58 -40.97 55.29
CA THR B 166 -27.75 -40.64 53.89
C THR B 166 -28.47 -39.31 53.68
N TYR B 167 -28.84 -38.62 54.76
CA TYR B 167 -29.50 -37.31 54.74
C TYR B 167 -30.82 -37.34 53.98
N GLY B 168 -31.53 -38.46 54.04
CA GLY B 168 -32.84 -38.59 53.45
C GLY B 168 -32.88 -39.16 52.05
N TYR B 169 -31.74 -39.22 51.34
CA TYR B 169 -31.74 -39.66 49.96
C TYR B 169 -32.07 -41.14 49.81
N LYS B 170 -31.85 -41.94 50.85
CA LYS B 170 -32.19 -43.35 50.79
C LYS B 170 -33.68 -43.61 50.90
N GLU B 171 -34.41 -42.72 51.57
CA GLU B 171 -35.83 -42.90 51.83
C GLU B 171 -36.65 -41.87 51.05
N GLY B 172 -36.28 -41.61 49.80
CA GLY B 172 -37.11 -40.71 49.03
C GLY B 172 -36.71 -39.26 49.16
N LYS B 173 -37.33 -38.59 50.12
CA LYS B 173 -37.18 -37.18 50.50
C LYS B 173 -35.75 -36.68 50.64
N PRO B 174 -35.26 -35.88 49.70
CA PRO B 174 -33.91 -35.35 49.77
C PRO B 174 -33.89 -34.05 50.56
N CYS B 175 -32.69 -33.60 50.90
CA CYS B 175 -32.53 -32.37 51.66
C CYS B 175 -31.29 -31.59 51.21
N ILE B 176 -31.39 -30.28 51.21
CA ILE B 176 -30.30 -29.40 50.81
C ILE B 176 -29.97 -28.45 51.95
N ILE B 177 -28.73 -27.97 51.95
CA ILE B 177 -28.25 -27.03 52.95
C ILE B 177 -27.95 -25.71 52.27
N ILE B 178 -28.67 -24.66 52.65
CA ILE B 178 -28.62 -23.35 52.04
C ILE B 178 -27.72 -22.45 52.87
N LYS B 179 -26.82 -21.73 52.19
CA LYS B 179 -25.94 -20.77 52.82
C LYS B 179 -25.85 -19.49 51.98
N LEU B 180 -25.43 -18.42 52.64
CA LEU B 180 -25.26 -17.11 52.02
C LEU B 180 -23.77 -16.86 51.82
N ASN B 181 -23.42 -16.17 50.73
CA ASN B 181 -22.02 -15.94 50.41
C ASN B 181 -21.39 -14.95 51.39
N ARG B 182 -20.17 -15.27 51.81
CA ARG B 182 -19.49 -14.43 52.79
C ARG B 182 -19.02 -13.13 52.16
N VAL B 183 -19.42 -12.02 52.75
CA VAL B 183 -18.99 -10.70 52.37
C VAL B 183 -18.48 -10.02 53.63
N LEU B 184 -17.29 -9.43 53.55
CA LEU B 184 -16.63 -8.89 54.72
C LEU B 184 -17.29 -7.60 55.17
N GLY B 185 -17.69 -7.54 56.44
CA GLY B 185 -18.30 -6.37 57.01
C GLY B 185 -19.77 -6.19 56.71
N PHE B 186 -20.39 -7.14 56.01
CA PHE B 186 -21.77 -7.03 55.59
C PHE B 186 -22.70 -7.45 56.72
N LYS B 187 -23.70 -6.64 57.00
CA LYS B 187 -24.76 -7.00 57.95
C LYS B 187 -26.09 -7.03 57.22
N PRO B 188 -26.76 -8.18 57.13
CA PRO B 188 -28.05 -8.22 56.43
C PRO B 188 -29.14 -7.55 57.24
N LYS B 189 -30.00 -6.81 56.56
CA LYS B 189 -31.09 -6.15 57.24
C LYS B 189 -32.40 -6.86 56.89
N PRO B 190 -33.08 -7.47 57.84
CA PRO B 190 -34.35 -8.12 57.55
C PRO B 190 -35.43 -7.08 57.23
N PRO B 191 -36.50 -7.47 56.54
CA PRO B 191 -37.48 -6.47 56.09
C PRO B 191 -38.27 -5.87 57.23
N LYS B 192 -38.52 -4.57 57.15
CA LYS B 192 -39.13 -3.85 58.25
C LYS B 192 -40.61 -4.15 58.36
N ASN B 193 -41.14 -4.02 59.57
CA ASN B 193 -42.54 -4.35 59.79
C ASN B 193 -43.44 -3.22 59.31
N GLU B 194 -44.28 -3.55 58.33
CA GLU B 194 -45.50 -2.80 58.06
C GLU B 194 -46.61 -3.83 58.05
N SER B 195 -46.24 -5.06 58.45
CA SER B 195 -47.00 -6.32 58.42
C SER B 195 -47.39 -6.74 57.00
N LEU B 196 -46.84 -6.06 55.99
CA LEU B 196 -47.22 -6.25 54.59
C LEU B 196 -46.03 -6.57 53.70
N GLU B 197 -44.90 -5.89 53.96
CA GLU B 197 -43.85 -5.56 52.99
C GLU B 197 -43.41 -6.66 52.04
N THR B 198 -42.77 -7.70 52.59
CA THR B 198 -42.28 -8.83 51.79
C THR B 198 -43.45 -9.66 51.24
N TYR B 199 -43.17 -10.92 50.92
CA TYR B 199 -44.20 -11.81 50.38
C TYR B 199 -43.87 -13.30 50.56
N PRO B 200 -44.90 -14.09 50.88
CA PRO B 200 -46.24 -13.51 51.05
C PRO B 200 -46.58 -13.22 52.50
N VAL B 201 -46.36 -14.22 53.38
CA VAL B 201 -46.57 -14.20 54.83
C VAL B 201 -45.67 -15.31 55.39
N MET B 202 -44.87 -15.01 56.40
CA MET B 202 -44.25 -16.02 57.24
C MET B 202 -44.06 -15.42 58.63
N LYS B 203 -43.45 -16.18 59.54
CA LYS B 203 -43.30 -15.76 60.93
C LYS B 203 -42.16 -14.74 61.01
N TYR B 204 -42.52 -13.51 61.35
CA TYR B 204 -41.56 -12.40 61.39
C TYR B 204 -40.72 -12.46 62.65
N ASN B 205 -39.41 -12.34 62.48
CA ASN B 205 -38.48 -12.18 63.58
C ASN B 205 -37.60 -10.99 63.20
N PRO B 206 -37.34 -10.05 64.12
CA PRO B 206 -36.46 -8.93 63.79
C PRO B 206 -34.98 -9.29 63.75
N ASN B 207 -34.61 -10.52 64.07
CA ASN B 207 -33.21 -10.93 64.09
C ASN B 207 -32.95 -12.12 63.16
N VAL B 208 -33.86 -12.38 62.23
CA VAL B 208 -33.73 -13.46 61.27
C VAL B 208 -33.85 -12.86 59.87
N LEU B 209 -32.90 -13.17 59.00
CA LEU B 209 -33.09 -12.89 57.59
C LEU B 209 -33.92 -14.01 56.97
N PRO B 210 -35.13 -13.73 56.48
CA PRO B 210 -36.04 -14.79 56.05
C PRO B 210 -35.74 -15.36 54.69
N VAL B 211 -36.03 -16.66 54.54
CA VAL B 211 -35.73 -17.42 53.33
C VAL B 211 -36.93 -18.31 53.03
N GLN B 212 -37.40 -18.30 51.79
CA GLN B 212 -38.52 -19.16 51.38
C GLN B 212 -38.17 -19.94 50.12
N CYS B 213 -38.69 -21.16 50.01
CA CYS B 213 -38.48 -22.03 48.87
C CYS B 213 -39.83 -22.46 48.31
N THR B 214 -40.18 -21.96 47.12
CA THR B 214 -41.45 -22.28 46.50
C THR B 214 -41.22 -22.90 45.12
N GLY B 215 -42.34 -23.29 44.49
CA GLY B 215 -42.27 -23.78 43.13
C GLY B 215 -42.12 -22.65 42.14
N LYS B 216 -41.45 -22.94 41.02
CA LYS B 216 -41.14 -21.89 40.05
C LYS B 216 -42.36 -21.55 39.20
N ARG B 217 -42.86 -22.52 38.45
CA ARG B 217 -44.03 -22.31 37.60
C ARG B 217 -45.30 -22.53 38.41
N ASP B 218 -46.45 -22.50 37.74
CA ASP B 218 -47.70 -22.83 38.42
C ASP B 218 -47.92 -24.33 38.47
N GLU B 219 -47.36 -25.07 37.51
CA GLU B 219 -47.50 -26.52 37.49
C GLU B 219 -46.55 -27.21 38.45
N ASP B 220 -45.57 -26.51 38.98
CA ASP B 220 -44.68 -27.06 39.99
C ASP B 220 -45.15 -26.74 41.41
N LYS B 221 -46.04 -25.76 41.57
CA LYS B 221 -46.54 -25.43 42.89
C LYS B 221 -47.44 -26.52 43.45
N ASP B 222 -48.11 -27.27 42.58
CA ASP B 222 -48.98 -28.36 43.02
C ASP B 222 -48.27 -29.70 43.06
N LYS B 223 -46.96 -29.73 42.77
CA LYS B 223 -46.22 -30.97 42.73
C LYS B 223 -45.05 -31.03 43.68
N VAL B 224 -44.64 -29.91 44.27
CA VAL B 224 -43.49 -29.93 45.17
C VAL B 224 -43.85 -30.51 46.53
N GLY B 225 -45.13 -30.53 46.89
CA GLY B 225 -45.51 -31.15 48.14
C GLY B 225 -45.15 -30.28 49.34
N ASN B 226 -44.92 -30.94 50.46
CA ASN B 226 -44.59 -30.24 51.69
C ASN B 226 -43.11 -29.94 51.76
N VAL B 227 -42.78 -28.80 52.37
CA VAL B 227 -41.41 -28.35 52.57
C VAL B 227 -41.17 -28.18 54.06
N GLU B 228 -40.06 -28.68 54.56
CA GLU B 228 -39.66 -28.51 55.96
C GLU B 228 -38.38 -27.71 56.04
N TYR B 229 -38.34 -26.78 56.98
CA TYR B 229 -37.16 -25.97 57.26
C TYR B 229 -36.57 -26.37 58.60
N PHE B 230 -35.25 -26.37 58.70
CA PHE B 230 -34.54 -26.64 59.94
C PHE B 230 -33.44 -25.62 60.11
N GLY B 231 -33.37 -25.02 61.29
CA GLY B 231 -32.29 -24.10 61.58
C GLY B 231 -32.34 -23.69 63.03
N LEU B 232 -31.62 -22.62 63.33
CA LEU B 232 -31.68 -22.03 64.66
C LEU B 232 -32.98 -21.26 64.81
N GLY B 233 -33.75 -21.60 65.84
CA GLY B 233 -34.97 -20.89 66.10
C GLY B 233 -36.18 -21.54 65.48
N ASN B 234 -37.21 -20.72 65.28
CA ASN B 234 -38.51 -21.17 64.80
C ASN B 234 -38.87 -20.66 63.41
N SER B 235 -38.41 -19.47 63.06
CA SER B 235 -38.70 -18.86 61.77
C SER B 235 -37.56 -19.13 60.79
N PRO B 236 -37.85 -19.47 59.55
CA PRO B 236 -36.83 -20.03 58.65
C PRO B 236 -35.97 -18.95 58.03
N GLY B 237 -34.71 -18.90 58.42
CA GLY B 237 -33.77 -17.97 57.82
C GLY B 237 -32.44 -18.02 58.54
N PHE B 238 -31.64 -16.99 58.29
CA PHE B 238 -30.31 -16.91 58.85
C PHE B 238 -30.32 -16.05 60.10
N PRO B 239 -29.84 -16.54 61.24
CA PRO B 239 -29.79 -15.70 62.43
C PRO B 239 -28.63 -14.72 62.35
N LEU B 240 -28.87 -13.51 62.85
CA LEU B 240 -27.97 -12.38 62.60
C LEU B 240 -26.82 -12.30 63.58
N GLN B 241 -26.62 -13.31 64.41
CA GLN B 241 -25.55 -13.28 65.41
C GLN B 241 -24.18 -13.39 64.78
N TYR B 242 -24.09 -14.02 63.61
CA TYR B 242 -22.84 -14.48 63.04
C TYR B 242 -22.28 -13.48 62.06
N TYR B 243 -23.06 -12.47 61.75
CA TYR B 243 -22.94 -11.84 60.45
C TYR B 243 -21.88 -10.78 60.16
N PRO B 244 -21.45 -9.92 61.10
CA PRO B 244 -20.28 -9.10 60.77
C PRO B 244 -19.03 -9.96 60.67
N TYR B 245 -18.80 -10.51 59.49
CA TYR B 245 -17.61 -11.30 59.21
C TYR B 245 -16.41 -10.37 59.04
N TYR B 246 -15.26 -10.77 59.59
CA TYR B 246 -14.09 -9.91 59.64
C TYR B 246 -12.94 -10.35 58.77
N GLY B 247 -13.09 -11.41 57.99
CA GLY B 247 -12.04 -11.86 57.10
C GLY B 247 -11.30 -13.05 57.67
N LYS B 248 -10.55 -13.72 56.80
CA LYS B 248 -9.83 -14.92 57.19
C LYS B 248 -8.48 -14.60 57.81
N LEU B 249 -8.13 -13.33 57.93
CA LEU B 249 -6.99 -12.91 58.73
C LEU B 249 -7.38 -12.68 60.18
N LEU B 250 -8.53 -12.06 60.43
CA LEU B 250 -8.98 -11.85 61.79
C LEU B 250 -9.86 -12.97 62.31
N GLN B 251 -10.44 -13.77 61.43
CA GLN B 251 -11.31 -14.88 61.83
C GLN B 251 -11.15 -16.10 60.93
N PRO B 252 -10.05 -16.83 61.05
CA PRO B 252 -10.08 -18.21 60.54
C PRO B 252 -10.92 -19.06 61.48
N LYS B 253 -11.36 -20.21 60.96
CA LYS B 253 -12.34 -21.09 61.61
C LYS B 253 -13.65 -20.37 61.89
N TYR B 254 -14.06 -19.48 60.99
CA TYR B 254 -15.39 -18.88 61.09
C TYR B 254 -16.40 -19.82 60.47
N LEU B 255 -17.51 -20.04 61.17
CA LEU B 255 -18.57 -20.92 60.72
C LEU B 255 -19.80 -20.12 60.38
N GLN B 256 -20.16 -20.08 59.11
CA GLN B 256 -21.34 -19.36 58.69
C GLN B 256 -22.59 -20.16 59.01
N PRO B 257 -23.70 -19.49 59.30
CA PRO B 257 -24.93 -20.23 59.62
C PRO B 257 -25.55 -20.84 58.37
N LEU B 258 -26.17 -22.00 58.58
CA LEU B 258 -26.77 -22.80 57.51
C LEU B 258 -28.26 -22.93 57.77
N LEU B 259 -28.97 -23.36 56.73
CA LEU B 259 -30.40 -23.62 56.85
C LEU B 259 -30.73 -24.86 56.04
N ALA B 260 -31.30 -25.88 56.67
CA ALA B 260 -31.59 -27.12 55.97
C ALA B 260 -33.03 -27.13 55.48
N VAL B 261 -33.24 -27.63 54.27
CA VAL B 261 -34.57 -27.68 53.66
C VAL B 261 -34.79 -29.10 53.15
N GLN B 262 -35.86 -29.74 53.61
CA GLN B 262 -36.20 -31.10 53.22
C GLN B 262 -37.53 -31.10 52.48
N PHE B 263 -37.60 -31.88 51.40
CA PHE B 263 -38.80 -32.00 50.58
C PHE B 263 -39.41 -33.38 50.80
N THR B 264 -40.44 -33.44 51.63
CA THR B 264 -40.90 -34.71 52.17
C THR B 264 -41.96 -35.41 51.32
N ASN B 265 -42.66 -34.70 50.45
CA ASN B 265 -43.76 -35.28 49.69
C ASN B 265 -43.69 -34.88 48.22
N LEU B 266 -42.53 -35.08 47.60
CA LEU B 266 -42.41 -34.86 46.17
C LEU B 266 -43.23 -35.90 45.41
N THR B 267 -43.58 -35.56 44.17
CA THR B 267 -44.17 -36.53 43.26
C THR B 267 -43.09 -37.17 42.41
N MET B 268 -43.31 -38.43 42.04
CA MET B 268 -42.30 -39.23 41.37
C MET B 268 -42.34 -39.00 39.86
N ASP B 269 -41.18 -39.23 39.23
CA ASP B 269 -41.00 -39.30 37.77
C ASP B 269 -41.39 -37.98 37.09
N THR B 270 -40.90 -36.88 37.65
CA THR B 270 -41.22 -35.55 37.16
C THR B 270 -40.10 -34.63 37.59
N GLU B 271 -39.57 -33.86 36.66
CA GLU B 271 -38.54 -32.87 36.98
C GLU B 271 -39.23 -31.61 37.52
N ILE B 272 -39.02 -31.33 38.80
CA ILE B 272 -39.70 -30.26 39.50
C ILE B 272 -38.71 -29.11 39.69
N ARG B 273 -39.15 -27.89 39.40
CA ARG B 273 -38.30 -26.71 39.45
C ARG B 273 -38.67 -25.86 40.66
N ILE B 274 -37.67 -25.54 41.48
CA ILE B 274 -37.86 -24.95 42.80
C ILE B 274 -36.95 -23.73 42.92
N GLU B 275 -37.53 -22.60 43.34
CA GLU B 275 -36.76 -21.39 43.57
C GLU B 275 -36.71 -21.08 45.06
N CYS B 276 -35.51 -20.85 45.58
CA CYS B 276 -35.31 -20.43 46.95
C CYS B 276 -34.79 -18.99 46.95
N LYS B 277 -35.21 -18.20 47.93
CA LYS B 277 -35.02 -16.75 47.87
C LYS B 277 -34.95 -16.16 49.27
N ALA B 278 -34.02 -15.23 49.47
CA ALA B 278 -33.91 -14.45 50.70
C ALA B 278 -34.53 -13.08 50.51
N TYR B 279 -35.01 -12.50 51.60
CA TYR B 279 -35.69 -11.22 51.58
C TYR B 279 -35.02 -10.26 52.56
N GLY B 280 -34.70 -9.06 52.09
CA GLY B 280 -34.13 -8.08 52.99
C GLY B 280 -34.10 -6.71 52.35
N GLU B 281 -33.76 -5.72 53.16
CA GLU B 281 -33.50 -4.38 52.63
C GLU B 281 -32.20 -4.31 51.86
N ASN B 282 -31.26 -5.20 52.20
CA ASN B 282 -29.94 -5.24 51.59
C ASN B 282 -29.85 -6.21 50.44
N ILE B 283 -30.75 -7.18 50.37
CA ILE B 283 -30.65 -8.26 49.40
C ILE B 283 -31.23 -7.80 48.08
N GLY B 284 -30.43 -7.82 47.03
CA GLY B 284 -30.89 -7.43 45.72
C GLY B 284 -30.91 -8.60 44.76
N TYR B 285 -31.64 -8.45 43.66
CA TYR B 285 -31.78 -9.51 42.68
C TYR B 285 -31.29 -8.99 41.33
N SER B 286 -31.27 -9.88 40.35
CA SER B 286 -30.70 -9.55 39.05
C SER B 286 -31.27 -10.52 38.03
N GLU B 287 -31.47 -10.03 36.81
CA GLU B 287 -31.92 -10.88 35.72
C GLU B 287 -30.77 -11.53 34.97
N LYS B 288 -29.56 -10.98 35.10
CA LYS B 288 -28.36 -11.56 34.50
C LYS B 288 -27.68 -12.55 35.42
N ASP B 289 -27.68 -12.30 36.73
CA ASP B 289 -27.08 -13.19 37.72
C ASP B 289 -28.19 -14.00 38.38
N ARG B 290 -28.29 -15.28 38.01
CA ARG B 290 -29.34 -16.14 38.53
C ARG B 290 -28.97 -16.79 39.86
N PHE B 291 -27.98 -16.26 40.56
CA PHE B 291 -27.60 -16.75 41.86
C PHE B 291 -27.48 -15.66 42.92
N GLN B 292 -27.88 -14.42 42.61
CA GLN B 292 -27.75 -13.29 43.52
C GLN B 292 -29.01 -13.19 44.38
N GLY B 293 -28.88 -13.51 45.66
CA GLY B 293 -29.99 -13.44 46.59
C GLY B 293 -31.09 -14.44 46.39
N ARG B 294 -30.85 -15.48 45.61
CA ARG B 294 -31.87 -16.34 45.03
C ARG B 294 -31.15 -17.49 44.33
N PHE B 295 -31.75 -18.69 44.26
CA PHE B 295 -31.23 -19.72 43.37
C PHE B 295 -32.36 -20.64 42.93
N ASP B 296 -32.09 -21.40 41.87
CA ASP B 296 -33.03 -22.35 41.28
C ASP B 296 -32.43 -23.75 41.29
N VAL B 297 -33.29 -24.75 41.42
CA VAL B 297 -32.85 -26.15 41.44
C VAL B 297 -33.91 -27.00 40.77
N LYS B 298 -33.48 -28.10 40.16
CA LYS B 298 -34.37 -29.05 39.52
C LYS B 298 -34.20 -30.43 40.14
N ILE B 299 -35.26 -30.96 40.72
CA ILE B 299 -35.20 -32.20 41.47
C ILE B 299 -36.11 -33.21 40.79
N GLU B 300 -35.57 -34.39 40.49
CA GLU B 300 -36.33 -35.50 39.94
C GLU B 300 -36.00 -36.77 40.71
N VAL B 301 -37.02 -37.43 41.25
CA VAL B 301 -36.85 -38.66 42.00
C VAL B 301 -37.47 -39.77 41.16
N LYS B 302 -36.63 -40.63 40.58
CA LYS B 302 -37.09 -41.68 39.69
C LYS B 302 -37.47 -42.90 40.51
N SER B 303 -38.67 -43.42 40.25
CA SER B 303 -39.14 -44.63 40.91
C SER B 303 -40.18 -45.32 40.05
N ASP C 17 -21.42 4.10 52.94
CA ASP C 17 -21.85 2.88 52.26
C ASP C 17 -20.71 2.33 51.43
N PRO C 18 -20.01 1.32 51.98
CA PRO C 18 -18.87 0.73 51.25
C PRO C 18 -19.30 -0.18 50.11
N PHE C 19 -20.54 -0.62 50.08
CA PHE C 19 -21.03 -1.51 49.04
C PHE C 19 -21.75 -0.75 47.93
N TYR C 20 -21.39 0.50 47.70
CA TYR C 20 -21.97 1.30 46.63
C TYR C 20 -20.88 2.14 45.99
N TYR C 21 -20.90 2.20 44.66
CA TYR C 21 -20.00 3.08 43.94
C TYR C 21 -20.80 3.86 42.91
N ASP C 22 -20.55 5.16 42.83
CA ASP C 22 -21.25 6.04 41.92
C ASP C 22 -20.61 5.97 40.55
N TYR C 23 -21.24 5.26 39.62
CA TYR C 23 -20.70 5.10 38.28
C TYR C 23 -21.18 6.18 37.32
N GLU C 24 -22.27 6.87 37.63
CA GLU C 24 -22.81 7.89 36.73
C GLU C 24 -21.91 9.12 36.66
N THR C 25 -21.25 9.45 37.77
CA THR C 25 -20.32 10.58 37.78
C THR C 25 -19.11 10.32 36.89
N VAL C 26 -18.53 9.13 37.01
CA VAL C 26 -17.38 8.76 36.21
C VAL C 26 -17.78 8.61 34.74
N ARG C 27 -19.00 8.13 34.50
CA ARG C 27 -19.52 7.98 33.14
C ARG C 27 -19.69 9.33 32.46
N ASN C 28 -20.27 10.29 33.19
CA ASN C 28 -20.45 11.64 32.65
C ASN C 28 -19.13 12.34 32.43
N GLY C 29 -18.18 12.19 33.35
CA GLY C 29 -16.87 12.80 33.14
C GLY C 29 -16.11 12.21 31.97
N GLY C 30 -16.22 10.90 31.78
CA GLY C 30 -15.59 10.28 30.62
C GLY C 30 -16.20 10.72 29.31
N LEU C 31 -17.53 10.88 29.29
CA LEU C 31 -18.17 11.31 28.05
C LEU C 31 -17.88 12.78 27.73
N ILE C 32 -17.76 13.63 28.77
CA ILE C 32 -17.37 15.02 28.56
C ILE C 32 -15.95 15.09 27.99
N PHE C 33 -15.04 14.27 28.54
CA PHE C 33 -13.68 14.20 28.03
C PHE C 33 -13.65 13.70 26.59
N ALA C 34 -14.49 12.71 26.25
CA ALA C 34 -14.48 12.14 24.91
C ALA C 34 -14.99 13.13 23.88
N GLY C 35 -15.92 14.01 24.27
CA GLY C 35 -16.36 15.04 23.35
C GLY C 35 -15.32 16.14 23.18
N LEU C 36 -14.73 16.60 24.29
CA LEU C 36 -13.78 17.71 24.23
C LEU C 36 -12.51 17.34 23.48
N ALA C 37 -11.99 16.12 23.70
CA ALA C 37 -10.75 15.71 23.05
C ALA C 37 -10.92 15.58 21.55
N PHE C 38 -12.10 15.13 21.12
CA PHE C 38 -12.35 14.98 19.69
C PHE C 38 -12.50 16.33 19.02
N ILE C 39 -13.20 17.28 19.66
CA ILE C 39 -13.34 18.60 19.07
C ILE C 39 -11.99 19.32 19.02
N VAL C 40 -11.16 19.14 20.06
CA VAL C 40 -9.84 19.76 20.08
C VAL C 40 -8.92 19.16 19.02
N GLY C 41 -8.96 17.84 18.84
CA GLY C 41 -8.14 17.20 17.82
C GLY C 41 -8.55 17.55 16.41
N LEU C 42 -9.86 17.73 16.18
CA LEU C 42 -10.31 18.15 14.87
C LEU C 42 -9.99 19.63 14.60
N LEU C 43 -10.01 20.47 15.63
CA LEU C 43 -9.56 21.85 15.47
C LEU C 43 -8.07 21.92 15.16
N ILE C 44 -7.29 21.01 15.75
CA ILE C 44 -5.86 20.93 15.44
C ILE C 44 -5.65 20.48 14.00
N LEU C 45 -6.43 19.51 13.54
CA LEU C 45 -6.29 19.01 12.17
C LEU C 45 -6.67 20.06 11.14
N LEU C 46 -7.88 20.63 11.25
CA LEU C 46 -8.34 21.64 10.31
C LEU C 46 -7.86 23.03 10.71
N SER C 47 -6.56 23.29 10.64
CA SER C 47 -6.02 24.57 11.06
C SER C 47 -6.44 25.70 10.12
N ARG C 48 -5.98 25.67 8.87
CA ARG C 48 -6.38 26.64 7.87
C ARG C 48 -6.80 25.86 6.62
N ARG C 49 -8.07 26.02 6.23
CA ARG C 49 -8.75 25.25 5.19
C ARG C 49 -8.63 23.75 5.43
C1 NAG D . -37.96 -36.21 61.72
C2 NAG D . -39.43 -35.81 61.65
C3 NAG D . -40.24 -36.64 62.66
C4 NAG D . -39.98 -38.13 62.52
C5 NAG D . -38.48 -38.42 62.47
C6 NAG D . -38.16 -39.86 62.13
C7 NAG D . -40.31 -33.58 61.08
C8 NAG D . -40.91 -34.20 59.84
N2 NAG D . -39.62 -34.40 61.88
O3 NAG D . -41.63 -36.36 62.50
O4 NAG D . -40.51 -38.78 63.66
O5 NAG D . -37.83 -37.61 61.48
O6 NAG D . -37.41 -40.47 63.17
O7 NAG D . -40.46 -32.39 61.34
C1 NAG D . -41.66 -39.59 63.40
C2 NAG D . -41.99 -40.33 64.68
C3 NAG D . -43.23 -41.19 64.49
C4 NAG D . -44.39 -40.36 63.98
C5 NAG D . -43.98 -39.59 62.72
C6 NAG D . -45.04 -38.61 62.27
C7 NAG D . -40.07 -40.72 66.14
C8 NAG D . -38.95 -41.66 66.50
N2 NAG D . -40.87 -41.12 65.15
O3 NAG D . -43.58 -41.80 65.73
O4 NAG D . -45.50 -41.20 63.69
O5 NAG D . -42.80 -38.82 62.97
O6 NAG D . -45.21 -37.56 63.21
O7 NAG D . -40.23 -39.65 66.72
K K E . -1.71 -5.01 15.54
K K F . -3.46 -8.50 15.92
K K G . 4.38 -1.40 -17.19
MG MG H . 9.38 9.60 -29.87
CAA Y01 I . 4.49 10.18 30.11
CBA Y01 I . 3.62 10.10 28.86
CAB Y01 I . 2.57 8.99 29.06
CAN Y01 I . 4.52 9.76 27.64
CAJ Y01 I . 4.22 10.73 26.48
CAO Y01 I . 5.52 10.97 25.67
CBB Y01 I . 5.42 12.28 24.84
CAC Y01 I . 5.22 11.90 23.38
CBE Y01 I . 6.68 13.08 25.05
CAP Y01 I . 7.84 12.53 24.33
CAQ Y01 I . 8.82 13.73 24.29
CBG Y01 I . 7.93 15.02 24.73
CBI Y01 I . 6.62 14.58 24.53
CAE Y01 I . 5.59 15.43 25.29
CAU Y01 I . 6.30 14.50 22.95
CAS Y01 I . 6.64 15.80 22.18
CBF Y01 I . 7.98 16.36 22.51
CBD Y01 I . 8.20 16.46 23.98
CAK Y01 I . 9.61 17.01 24.36
CAI Y01 I . 9.98 18.39 23.55
CAZ Y01 I . 9.64 18.35 22.02
CAV Y01 I . 9.93 19.72 21.28
CBH Y01 I . 8.23 17.79 21.76
CAD Y01 I . 7.28 18.79 22.45
CAT Y01 I . 7.81 17.81 20.22
CAR Y01 I . 8.82 18.45 19.31
CBC Y01 I . 9.34 19.82 19.89
OAW Y01 I . 10.32 20.32 19.02
CAY Y01 I . 9.87 21.39 18.19
OAG Y01 I . 8.84 21.33 17.62
CAM Y01 I . 10.74 22.67 18.04
CAL Y01 I . 10.87 23.01 16.55
CAX Y01 I . 12.02 22.20 15.95
OAH Y01 I . 12.94 21.77 16.69
OAF Y01 I . 12.04 21.96 14.71
CAA Y01 J . 9.52 2.44 35.91
CBA Y01 J . 9.84 3.17 37.23
CAB Y01 J . 10.92 2.40 38.01
CAN Y01 J . 8.55 3.27 38.08
CAJ Y01 J . 8.92 3.84 39.46
CAO Y01 J . 8.33 5.27 39.62
CBB Y01 J . 6.80 5.22 39.36
CAC Y01 J . 6.29 6.63 39.15
CBE Y01 J . 6.13 4.50 40.52
CAP Y01 J . 5.77 5.38 41.64
CAQ Y01 J . 4.58 4.67 42.32
CBG Y01 J . 4.14 3.49 41.29
CBI Y01 J . 4.76 3.80 40.09
CAE Y01 J . 4.99 2.58 39.22
CAU Y01 J . 3.96 4.99 39.33
CAS Y01 J . 2.52 4.58 39.05
CBF Y01 J . 1.78 4.17 40.27
CBD Y01 J . 2.53 3.18 41.13
CAK Y01 J . 1.87 3.06 42.54
CAI Y01 J . 0.26 2.90 42.42
CAZ Y01 J . -0.18 2.56 40.97
CAV Y01 J . -1.69 2.11 40.82
CBH Y01 J . 0.25 3.63 39.95
CAD Y01 J . 0.25 2.90 38.61
CAT Y01 J . -0.83 4.80 39.78
CAR Y01 J . -2.23 4.29 39.63
CBC Y01 J . -2.63 3.30 40.81
OAW Y01 J . -2.55 3.98 42.02
CAY Y01 J . -2.88 3.21 43.17
OAG Y01 J . -2.15 2.34 43.51
CAM Y01 J . -4.16 3.50 43.96
CAL Y01 J . -4.76 2.16 44.48
CAX Y01 J . -5.28 2.32 45.91
OAH Y01 J . -5.38 1.32 46.66
OAF Y01 J . -5.62 3.45 46.33
CAA Y01 K . 6.56 -10.28 27.06
CBA Y01 K . 5.81 -11.30 27.93
CAB Y01 K . 6.44 -12.69 27.75
CAN Y01 K . 5.88 -10.88 29.43
CAJ Y01 K . 4.53 -11.18 30.10
CAO Y01 K . 4.68 -12.36 31.10
CBB Y01 K . 4.39 -11.84 32.53
CAC Y01 K . 5.63 -11.10 33.03
CBE Y01 K . 3.96 -12.99 33.45
CAP Y01 K . 5.08 -13.69 34.08
CAQ Y01 K . 4.43 -14.40 35.29
CBG Y01 K . 3.04 -13.61 35.56
CBI Y01 K . 3.05 -12.51 34.67
CAE Y01 K . 1.64 -12.18 34.19
CAU Y01 K . 3.84 -11.22 35.25
CAS Y01 K . 3.58 -10.92 36.74
CBF Y01 K . 3.70 -12.13 37.58
CBD Y01 K . 2.71 -13.15 37.11
CAK Y01 K . 2.60 -14.39 38.06
CAI Y01 K . 2.47 -13.96 39.63
CAZ Y01 K . 3.58 -12.97 40.09
CAV Y01 K . 3.56 -12.61 41.62
CBH Y01 K . 3.64 -11.74 39.18
CAD Y01 K . 2.31 -11.02 39.38
CAT Y01 K . 4.76 -10.68 39.59
CAR Y01 K . 5.42 -10.96 40.90
CBC Y01 K . 4.38 -11.40 42.01
OAW Y01 K . 5.10 -11.68 43.17
CAY Y01 K . 4.30 -11.71 44.34
OAG Y01 K . 3.50 -12.56 44.49
CAM Y01 K . 4.47 -10.62 45.43
CAL Y01 K . 3.96 -11.18 46.77
CAX Y01 K . 4.87 -10.67 47.90
OAH Y01 K . 4.99 -9.44 48.09
OAF Y01 K . 5.49 -11.49 48.63
O12 PC1 L . 30.49 0.11 19.31
P PC1 L . 31.45 -0.91 18.91
O14 PC1 L . 32.70 -0.15 18.96
O13 PC1 L . 31.14 -1.46 17.39
C11 PC1 L . 32.11 -2.22 16.74
C12 PC1 L . 32.43 -1.61 15.38
N PC1 L . 33.27 -0.44 15.54
C13 PC1 L . 33.55 0.13 14.22
C14 PC1 L . 32.60 0.56 16.34
C15 PC1 L . 34.53 -0.80 16.17
O11 PC1 L . 31.49 -2.16 19.96
C1 PC1 L . 31.62 -1.88 21.33
C2 PC1 L . 30.26 -2.05 21.99
O21 PC1 L . 29.61 -3.18 21.48
C21 PC1 L . 30.20 -4.41 21.79
O22 PC1 L . 31.37 -4.54 21.68
C22 PC1 L . 29.34 -5.57 22.26
C23 PC1 L . 27.95 -5.04 22.64
C24 PC1 L . 27.10 -6.20 23.15
C25 PC1 L . 27.09 -6.18 24.68
C26 PC1 L . 26.27 -7.35 25.19
C27 PC1 L . 24.95 -6.85 25.76
C28 PC1 L . 25.21 -5.76 26.79
C29 PC1 L . 24.02 -5.65 27.73
C2A PC1 L . 23.45 -4.23 27.68
C2B PC1 L . 21.93 -4.28 27.75
C2C PC1 L . 21.37 -2.93 28.17
C2D PC1 L . 19.85 -2.93 28.04
C2E PC1 L . 19.24 -2.82 29.44
C2F PC1 L . 17.71 -2.82 29.35
C2G PC1 L . 17.16 -1.47 29.79
C2H PC1 L . 15.71 -1.63 30.21
C2I PC1 L . 14.83 -0.63 29.46
C3 PC1 L . 29.42 -0.81 21.67
O31 PC1 L . 28.08 -1.07 21.95
C31 PC1 L . 27.65 -0.61 23.20
O32 PC1 L . 27.97 0.47 23.56
C32 PC1 L . 26.77 -1.48 24.08
C33 PC1 L . 25.34 -0.98 24.03
C34 PC1 L . 24.44 -1.92 24.82
C35 PC1 L . 23.32 -1.12 25.45
C36 PC1 L . 22.58 -0.33 24.38
C37 PC1 L . 21.20 -0.91 24.16
C38 PC1 L . 20.29 0.14 23.51
C39 PC1 L . 19.67 1.03 24.58
C3A PC1 L . 20.77 1.59 25.46
C3B PC1 L . 20.90 0.74 26.71
C3C PC1 L . 20.35 1.51 27.91
C3D PC1 L . 18.94 1.99 27.61
C3E PC1 L . 18.26 2.39 28.92
C3F PC1 L . 18.24 3.91 29.02
C3G PC1 L . 16.90 4.36 29.62
C3H PC1 L . 16.66 3.63 30.93
C3I PC1 L . 15.50 4.28 31.67
CAA Y01 M . 7.41 -13.39 22.81
CBA Y01 M . 6.63 -13.95 21.62
CAB Y01 M . 5.32 -13.16 21.43
CAN Y01 M . 7.46 -13.93 20.31
CAJ Y01 M . 8.38 -12.70 20.23
CAO Y01 M . 9.80 -13.09 20.68
CBB Y01 M . 10.86 -12.78 19.59
CAC Y01 M . 10.34 -13.20 18.21
CBE Y01 M . 12.16 -13.48 19.99
CAP Y01 M . 12.24 -14.87 19.53
CAQ Y01 M . 13.76 -15.17 19.52
CBG Y01 M . 14.48 -13.72 19.57
CBI Y01 M . 13.45 -12.78 19.39
CAE Y01 M . 13.75 -11.46 20.09
CAU Y01 M . 13.09 -12.56 17.82
CAS Y01 M . 14.33 -12.24 16.97
CBF Y01 M . 15.36 -13.29 17.14
CBD Y01 M . 15.76 -13.47 18.56
CAK Y01 M . 16.79 -14.63 18.71
CAI Y01 M . 18.12 -14.39 17.80
CAZ Y01 M . 17.88 -13.96 16.32
CAV Y01 M . 19.20 -13.46 15.60
CBH Y01 M . 16.68 -12.99 16.20
CAD Y01 M . 16.10 -14.10 15.32
CAT Y01 M . 16.54 -12.12 14.86
CAR Y01 M . 17.86 -11.50 14.51
CBC Y01 M . 19.00 -12.58 14.37
OAW Y01 M . 18.75 -13.39 13.26
CAY Y01 M . 19.71 -13.21 12.21
OAG Y01 M . 19.87 -12.13 11.75
CAM Y01 M . 20.53 -14.40 11.68
CAL Y01 M . 20.18 -14.65 10.20
CAX Y01 M . 20.87 -13.60 9.32
OAH Y01 M . 20.80 -13.68 8.07
OAF Y01 M . 21.50 -12.66 9.85
CAA Y01 N . 11.83 -11.11 30.44
CBA Y01 N . 10.45 -11.13 31.11
CAB Y01 N . 9.38 -10.81 30.06
CAN Y01 N . 10.19 -12.55 31.67
CAJ Y01 N . 10.47 -12.56 33.19
CAO Y01 N . 9.21 -12.11 33.95
CBB Y01 N . 8.68 -13.26 34.85
CAC Y01 N . 7.26 -13.61 34.43
CBE Y01 N . 8.80 -12.86 36.31
CAP Y01 N . 7.65 -12.10 36.82
CAQ Y01 N . 7.60 -12.45 38.33
CBG Y01 N . 8.74 -13.58 38.54
CBI Y01 N . 8.91 -14.12 37.26
CAE Y01 N . 10.24 -14.86 37.10
CAU Y01 N . 7.64 -15.05 36.86
CAS Y01 N . 7.31 -16.09 37.95
CBF Y01 N . 7.22 -15.50 39.31
CBD Y01 N . 8.46 -14.75 39.66
CAK Y01 N . 8.41 -14.15 41.10
CAI Y01 N . 8.14 -15.29 42.23
CAZ Y01 N . 6.92 -16.21 41.95
CAV Y01 N . 6.76 -17.41 42.97
CBH Y01 N . 6.83 -16.63 40.45
CAD Y01 N . 5.49 -15.89 40.51
CAT Y01 N . 5.91 -17.88 40.03
CAR Y01 N . 5.47 -18.70 41.20
CBC Y01 N . 6.58 -18.77 42.32
OAW Y01 N . 6.21 -19.71 43.29
CAY Y01 N . 5.02 -19.43 44.00
OAG Y01 N . 3.97 -19.60 43.49
CAM Y01 N . 5.09 -18.89 45.44
CAL Y01 N . 5.24 -20.08 46.42
CAX Y01 N . 3.87 -20.73 46.68
OAH Y01 N . 2.98 -20.09 47.28
OAF Y01 N . 3.64 -21.90 46.28
C1 NAG O . -47.94 -34.48 50.92
C2 NAG O . -49.21 -34.00 50.20
C3 NAG O . -49.94 -32.93 51.04
C4 NAG O . -50.15 -33.41 52.47
C5 NAG O . -48.82 -33.85 53.08
C6 NAG O . -48.97 -34.43 54.46
C7 NAG O . -49.15 -34.12 47.75
C8 NAG O . -48.76 -33.42 46.48
N2 NAG O . -48.90 -33.47 48.89
O3 NAG O . -51.19 -32.65 50.44
O4 NAG O . -50.68 -32.35 53.26
O5 NAG O . -48.25 -34.88 52.26
O6 NAG O . -49.88 -33.67 55.25
O7 NAG O . -49.68 -35.23 47.74
CAA Y01 P . -0.03 12.98 30.68
CBA Y01 P . -0.07 13.28 29.18
CAB Y01 P . 0.37 12.04 28.39
CAN Y01 P . -1.51 13.68 28.76
CAJ Y01 P . -2.53 12.67 29.32
CAO Y01 P . -3.66 12.46 28.28
CBB Y01 P . -4.82 11.63 28.89
CAC Y01 P . -5.90 11.48 27.81
CBE Y01 P . -5.31 12.35 30.12
CAP Y01 P . -6.12 13.53 29.80
CAQ Y01 P . -6.92 13.78 31.10
CBG Y01 P . -6.70 12.43 31.98
CBI Y01 P . -6.27 11.48 31.05
CAE Y01 P . -5.56 10.30 31.72
CAU Y01 P . -7.52 11.02 30.13
CAS Y01 P . -8.67 10.44 30.97
CBF Y01 P . -9.09 11.36 32.05
CBD Y01 P . -7.97 11.89 32.87
CAK Y01 P . -8.45 13.00 33.87
CAI Y01 P . -9.75 12.53 34.74
CAZ Y01 P . -10.82 11.68 34.00
CAV Y01 P . -11.79 10.92 34.97
CBH Y01 P . -10.20 10.66 33.04
CAD Y01 P . -9.43 9.70 33.94
CAT Y01 P . -11.27 9.75 32.29
CAR Y01 P . -12.70 9.97 32.72
CBC Y01 P . -12.93 10.20 34.27
OAW Y01 P . -14.09 10.96 34.42
CAY Y01 P . -14.52 11.18 35.76
OAG Y01 P . -14.32 10.34 36.59
CAM Y01 P . -15.24 12.48 36.16
CAL Y01 P . -15.99 12.27 37.49
CAX Y01 P . -15.17 12.84 38.65
OAH Y01 P . -15.72 13.12 39.74
OAF Y01 P . -13.94 13.02 38.49
#